data_8BAL
#
_entry.id   8BAL
#
_cell.length_a   146.987
_cell.length_b   254.589
_cell.length_c   139.580
_cell.angle_alpha   90.000
_cell.angle_beta   90.000
_cell.angle_gamma   90.000
#
_symmetry.space_group_name_H-M   'C 2 2 21'
#
loop_
_entity.id
_entity.type
_entity.pdbx_description
1 polymer Beta-N-acetylhexosaminidase
2 non-polymer 'ZINC ION'
3 water water
#
_entity_poly.entity_id   1
_entity_poly.type   'polypeptide(L)'
_entity_poly.pdbx_seq_one_letter_code
;MKYPRTCFFSALLLFYSMIAAINFASAQTSEQFEWNKLPVKAMLLTVPHPEDVPEFCRFIKEVLPKEGVNTLVLRIRYNY
KFKSHPELAGERAISEQQLKQIVQTCKEAKIRFIPKMNLLGHQSDRDHIDPLLAKYPQFDESPDYNPPVPWKDAGPFDFY
CKSLCPSHPDLLKTIFPLMDELIDVCGADAFHVGLDEVWILGYEKCPRCGGRDKAALFAEYATKLHDHLKEKKCQMWMWS
DRLIDGKTTNLLGWQASMNATFRAIDLIPTDIMICDWKYESAPPTPGYFAIKGFNVLPSSCSNSEVALAQLAQVRLARKD
GTRAPWAVTLAERMQGVFVTMWEDSKEFIDAYYGRNGKKLPSAETFKAVFAQIRKEEVMN
;
_entity_poly.pdbx_strand_id   A,C,D,E,F
#
loop_
_chem_comp.id
_chem_comp.type
_chem_comp.name
_chem_comp.formula
ZN non-polymer 'ZINC ION' 'Zn 2'
#
# COMPACT_ATOMS: atom_id res chain seq x y z
N GLN A 32 -14.49 31.32 -33.30
CA GLN A 32 -14.09 31.82 -31.96
C GLN A 32 -14.03 30.69 -30.95
N PHE A 33 -14.23 29.44 -31.39
CA PHE A 33 -14.21 28.33 -30.46
C PHE A 33 -12.75 27.97 -30.17
N GLU A 34 -12.24 28.60 -29.11
CA GLU A 34 -10.87 28.40 -28.67
C GLU A 34 -10.73 26.97 -28.13
N TRP A 35 -10.58 26.02 -29.06
CA TRP A 35 -10.38 24.63 -28.70
C TRP A 35 -9.03 24.49 -28.01
N ASN A 36 -8.03 25.16 -28.58
CA ASN A 36 -6.66 25.12 -28.09
C ASN A 36 -6.53 25.67 -26.68
N LYS A 37 -7.46 26.54 -26.24
CA LYS A 37 -7.40 27.10 -24.89
C LYS A 37 -8.23 26.22 -23.93
N LEU A 38 -7.54 25.39 -23.14
CA LEU A 38 -8.19 24.54 -22.15
C LEU A 38 -8.79 25.39 -21.05
N PRO A 39 -10.14 25.42 -20.91
CA PRO A 39 -10.81 26.40 -20.06
C PRO A 39 -10.62 26.05 -18.60
N VAL A 40 -10.74 24.75 -18.28
CA VAL A 40 -10.36 24.24 -16.97
C VAL A 40 -9.01 23.57 -17.09
N LYS A 41 -8.24 23.65 -16.01
CA LYS A 41 -7.05 22.83 -15.80
C LYS A 41 -6.93 22.65 -14.29
N ALA A 42 -7.59 21.60 -13.76
CA ALA A 42 -7.73 21.47 -12.33
C ALA A 42 -6.63 20.58 -11.77
N MET A 43 -6.35 20.82 -10.48
CA MET A 43 -5.46 20.05 -9.64
C MET A 43 -6.25 19.73 -8.39
N LEU A 44 -6.12 18.51 -7.89
CA LEU A 44 -6.67 18.15 -6.59
C LEU A 44 -5.51 18.10 -5.61
N LEU A 45 -5.76 18.69 -4.44
CA LEU A 45 -4.90 18.55 -3.28
C LEU A 45 -5.78 18.33 -2.06
N THR A 46 -5.31 17.45 -1.18
CA THR A 46 -5.93 17.29 0.10
C THR A 46 -5.75 18.57 0.92
N VAL A 47 -6.66 18.76 1.89
CA VAL A 47 -6.53 19.85 2.84
C VAL A 47 -5.28 19.57 3.66
N PRO A 48 -4.40 20.58 3.89
CA PRO A 48 -3.17 20.34 4.65
C PRO A 48 -3.59 20.02 6.07
N HIS A 49 -2.64 19.52 6.86
CA HIS A 49 -2.79 19.52 8.31
C HIS A 49 -2.70 20.98 8.77
N PRO A 50 -3.17 21.29 9.99
CA PRO A 50 -3.04 22.65 10.55
C PRO A 50 -1.63 23.22 10.51
N GLU A 51 -0.59 22.36 10.62
CA GLU A 51 0.79 22.82 10.67
C GLU A 51 1.47 22.74 9.32
N ASP A 52 0.74 22.96 8.22
CA ASP A 52 1.37 23.01 6.90
C ASP A 52 0.77 24.11 6.02
N VAL A 53 -0.20 24.87 6.53
CA VAL A 53 -1.12 25.73 5.79
C VAL A 53 -0.44 26.93 5.13
N PRO A 54 0.53 27.60 5.81
CA PRO A 54 1.24 28.74 5.22
C PRO A 54 2.19 28.41 4.07
N GLU A 55 3.01 27.37 4.26
CA GLU A 55 3.87 26.81 3.22
C GLU A 55 3.01 26.30 2.08
N PHE A 56 1.85 25.76 2.49
CA PHE A 56 0.90 25.12 1.61
C PHE A 56 0.21 26.21 0.80
N CYS A 57 -0.01 27.36 1.46
CA CYS A 57 -0.59 28.54 0.82
C CYS A 57 0.42 29.18 -0.12
N ARG A 58 1.70 28.82 0.02
CA ARG A 58 2.81 29.43 -0.72
C ARG A 58 2.97 28.79 -2.10
N PHE A 59 2.44 27.58 -2.27
CA PHE A 59 2.62 26.80 -3.48
C PHE A 59 1.44 27.10 -4.38
N ILE A 60 0.24 27.06 -3.79
CA ILE A 60 -0.96 27.62 -4.40
C ILE A 60 -0.57 28.93 -5.07
N LYS A 61 0.23 29.73 -4.34
CA LYS A 61 0.69 31.03 -4.79
C LYS A 61 1.87 30.90 -5.76
N GLU A 62 2.77 29.94 -5.51
CA GLU A 62 4.05 29.85 -6.21
C GLU A 62 4.02 28.85 -7.35
N VAL A 63 4.16 27.55 -7.08
CA VAL A 63 4.25 26.62 -8.19
C VAL A 63 3.03 26.83 -9.12
N LEU A 64 1.84 26.94 -8.52
CA LEU A 64 0.60 26.61 -9.20
C LEU A 64 0.30 27.49 -10.41
N PRO A 65 0.22 28.83 -10.28
CA PRO A 65 -0.26 29.66 -11.38
C PRO A 65 0.73 29.69 -12.54
N LYS A 66 1.99 29.33 -12.24
CA LYS A 66 3.07 29.37 -13.21
C LYS A 66 3.12 28.02 -13.92
N GLU A 67 2.73 26.96 -13.19
CA GLU A 67 2.42 25.67 -13.80
C GLU A 67 1.23 25.83 -14.70
N GLY A 68 0.24 26.60 -14.24
CA GLY A 68 -0.97 26.79 -15.03
C GLY A 68 -2.21 26.23 -14.35
N VAL A 69 -2.09 25.88 -13.06
CA VAL A 69 -3.25 25.53 -12.26
C VAL A 69 -4.14 26.77 -12.10
N ASN A 70 -5.42 26.63 -12.49
CA ASN A 70 -6.40 27.70 -12.37
C ASN A 70 -7.69 27.15 -11.78
N THR A 71 -7.59 26.05 -11.04
CA THR A 71 -8.77 25.39 -10.53
C THR A 71 -8.29 24.37 -9.52
N LEU A 72 -8.44 24.71 -8.24
CA LEU A 72 -7.99 23.87 -7.14
C LEU A 72 -9.15 23.25 -6.36
N VAL A 73 -9.17 21.91 -6.31
CA VAL A 73 -10.11 21.10 -5.56
C VAL A 73 -9.47 20.64 -4.26
N LEU A 74 -9.96 21.15 -3.12
CA LEU A 74 -9.36 20.76 -1.85
C LEU A 74 -10.17 19.63 -1.25
N ARG A 75 -9.52 18.48 -1.04
CA ARG A 75 -10.17 17.29 -0.54
C ARG A 75 -10.27 17.42 0.97
N ILE A 76 -11.37 18.02 1.43
CA ILE A 76 -11.48 18.53 2.80
C ILE A 76 -12.03 17.42 3.70
N ARG A 77 -13.18 16.86 3.32
CA ARG A 77 -13.83 15.78 4.03
C ARG A 77 -14.32 16.35 5.36
N TYR A 78 -14.08 15.67 6.49
CA TYR A 78 -14.55 16.17 7.76
C TYR A 78 -13.43 16.94 8.46
N ASN A 79 -12.29 17.19 7.81
CA ASN A 79 -11.16 17.73 8.55
C ASN A 79 -11.33 19.25 8.57
N TYR A 80 -12.43 19.68 9.16
CA TYR A 80 -12.70 21.09 9.33
C TYR A 80 -13.37 21.30 10.68
N LYS A 81 -12.97 22.36 11.38
CA LYS A 81 -13.70 22.80 12.57
C LYS A 81 -15.02 23.44 12.16
N PHE A 82 -16.07 22.62 11.98
CA PHE A 82 -17.38 23.16 11.63
C PHE A 82 -18.04 23.79 12.86
N LYS A 83 -18.73 24.92 12.67
CA LYS A 83 -19.55 25.53 13.70
C LYS A 83 -20.89 24.77 13.80
N SER A 84 -21.52 24.52 12.64
CA SER A 84 -22.73 23.72 12.54
C SER A 84 -22.70 22.55 13.52
N HIS A 85 -21.74 21.62 13.33
CA HIS A 85 -21.61 20.42 14.15
C HIS A 85 -20.14 20.16 14.47
N PRO A 86 -19.54 20.75 15.53
CA PRO A 86 -18.11 20.58 15.85
C PRO A 86 -17.54 19.17 16.06
N GLU A 87 -18.43 18.22 16.36
CA GLU A 87 -18.08 16.82 16.61
C GLU A 87 -17.57 16.12 15.35
N LEU A 88 -17.91 16.66 14.20
CA LEU A 88 -17.56 16.02 12.93
C LEU A 88 -16.18 16.53 12.49
N ALA A 89 -15.66 17.47 13.30
CA ALA A 89 -14.27 17.85 13.16
C ALA A 89 -13.42 16.58 13.07
N GLY A 90 -13.02 16.21 11.85
CA GLY A 90 -11.97 15.22 11.65
C GLY A 90 -10.86 15.38 12.70
N GLU A 91 -9.96 14.40 12.80
CA GLU A 91 -8.92 14.44 13.81
C GLU A 91 -8.10 15.73 13.63
N ARG A 92 -7.16 15.68 12.70
CA ARG A 92 -6.33 16.84 12.40
C ARG A 92 -7.10 17.68 11.39
N ALA A 93 -7.93 18.59 11.90
CA ALA A 93 -8.80 19.46 11.13
C ALA A 93 -8.46 20.95 11.32
N ILE A 94 -9.02 21.81 10.44
CA ILE A 94 -8.57 23.18 10.26
C ILE A 94 -9.74 24.17 10.40
N SER A 95 -9.39 25.43 10.74
CA SER A 95 -10.32 26.46 11.20
C SER A 95 -10.56 27.49 10.10
N GLU A 96 -11.64 28.29 10.26
CA GLU A 96 -12.05 29.29 9.28
C GLU A 96 -10.85 30.11 8.82
N GLN A 97 -10.20 30.77 9.77
CA GLN A 97 -8.88 31.36 9.56
C GLN A 97 -8.13 30.64 8.46
N GLN A 98 -7.85 29.36 8.72
CA GLN A 98 -6.91 28.55 7.95
C GLN A 98 -7.50 28.35 6.56
N LEU A 99 -8.70 27.79 6.52
CA LEU A 99 -9.37 27.62 5.24
C LEU A 99 -9.37 28.94 4.49
N LYS A 100 -9.96 29.98 5.10
CA LYS A 100 -10.23 31.24 4.42
C LYS A 100 -8.93 31.80 3.88
N GLN A 101 -7.88 31.65 4.69
CA GLN A 101 -6.52 31.99 4.32
C GLN A 101 -6.01 31.16 3.14
N ILE A 102 -6.54 29.94 2.94
CA ILE A 102 -6.09 29.09 1.84
C ILE A 102 -6.81 29.52 0.57
N VAL A 103 -8.09 29.84 0.75
CA VAL A 103 -8.91 30.43 -0.28
C VAL A 103 -8.29 31.75 -0.72
N GLN A 104 -8.16 32.69 0.23
CA GLN A 104 -7.70 34.02 -0.14
C GLN A 104 -6.57 33.86 -1.16
N THR A 105 -5.64 32.96 -0.86
CA THR A 105 -4.38 32.88 -1.57
C THR A 105 -4.58 32.27 -2.96
N CYS A 106 -5.76 31.66 -3.14
CA CYS A 106 -6.22 31.12 -4.42
C CYS A 106 -6.89 32.19 -5.27
N LYS A 107 -7.73 33.00 -4.63
CA LYS A 107 -8.26 34.22 -5.24
C LYS A 107 -7.13 35.19 -5.57
N GLU A 108 -6.18 35.33 -4.64
CA GLU A 108 -5.01 36.16 -4.89
C GLU A 108 -4.39 35.74 -6.22
N ALA A 109 -4.67 34.49 -6.64
CA ALA A 109 -3.99 33.86 -7.76
C ALA A 109 -4.93 33.63 -8.95
N LYS A 110 -6.17 34.13 -8.88
CA LYS A 110 -7.17 33.93 -9.92
C LYS A 110 -7.48 32.45 -10.10
N ILE A 111 -7.11 31.65 -9.09
CA ILE A 111 -7.43 30.23 -9.06
C ILE A 111 -8.77 30.09 -8.37
N ARG A 112 -9.80 29.76 -9.17
CA ARG A 112 -11.11 29.33 -8.69
C ARG A 112 -10.93 28.08 -7.85
N PHE A 113 -11.50 28.11 -6.65
CA PHE A 113 -11.31 27.10 -5.63
C PHE A 113 -12.59 26.26 -5.52
N ILE A 114 -12.42 24.94 -5.33
CA ILE A 114 -13.53 24.01 -5.19
C ILE A 114 -13.39 23.16 -3.93
N PRO A 115 -14.27 23.29 -2.94
CA PRO A 115 -14.32 22.31 -1.86
C PRO A 115 -14.90 20.99 -2.35
N LYS A 116 -14.40 19.97 -1.71
CA LYS A 116 -14.75 18.63 -2.04
C LYS A 116 -14.95 17.91 -0.73
N MET A 117 -16.07 17.24 -0.63
CA MET A 117 -16.07 16.22 0.39
C MET A 117 -16.88 15.03 -0.12
N ASN A 118 -16.41 13.84 0.27
CA ASN A 118 -16.95 12.55 -0.13
C ASN A 118 -18.29 12.28 0.53
N LEU A 119 -19.42 12.38 -0.20
CA LEU A 119 -20.68 12.27 0.53
C LEU A 119 -21.55 11.08 0.12
N LEU A 120 -21.01 9.87 0.02
CA LEU A 120 -21.86 8.69 0.14
C LEU A 120 -21.09 7.55 0.76
N GLY A 121 -20.14 6.99 0.00
CA GLY A 121 -19.16 6.06 0.52
C GLY A 121 -17.81 6.73 0.65
N HIS A 122 -16.75 5.91 0.66
CA HIS A 122 -15.57 6.24 1.43
C HIS A 122 -15.98 6.87 2.75
N GLN A 123 -16.85 6.21 3.56
CA GLN A 123 -17.21 6.69 4.89
C GLN A 123 -16.45 5.98 6.00
N SER A 124 -15.45 5.18 5.63
CA SER A 124 -14.39 4.79 6.52
C SER A 124 -13.08 4.80 5.71
N ASP A 125 -11.95 4.47 6.37
CA ASP A 125 -10.67 4.41 5.67
C ASP A 125 -9.76 3.40 6.38
N ARG A 126 -9.59 2.24 5.74
CA ARG A 126 -9.06 1.06 6.41
C ARG A 126 -9.94 0.79 7.61
N ASP A 127 -9.38 0.71 8.82
CA ASP A 127 -10.20 0.36 9.98
C ASP A 127 -10.71 1.62 10.71
N HIS A 128 -10.47 2.83 10.15
CA HIS A 128 -10.80 4.10 10.80
C HIS A 128 -12.12 4.67 10.30
N ILE A 129 -13.05 4.97 11.21
CA ILE A 129 -14.42 5.27 10.82
C ILE A 129 -14.65 6.78 10.75
N ASP A 130 -14.50 7.38 9.56
CA ASP A 130 -14.54 8.84 9.41
C ASP A 130 -15.69 9.41 10.23
N PRO A 131 -15.58 10.67 10.69
CA PRO A 131 -16.35 11.18 11.83
C PRO A 131 -17.85 10.91 11.98
N LEU A 132 -18.60 11.00 10.88
CA LEU A 132 -20.05 11.10 10.96
C LEU A 132 -20.68 9.79 11.43
N LEU A 133 -20.20 8.64 10.90
CA LEU A 133 -20.75 7.33 11.22
C LEU A 133 -20.26 6.85 12.58
N ALA A 134 -19.44 7.67 13.25
CA ALA A 134 -18.78 7.30 14.49
C ALA A 134 -19.66 7.72 15.65
N LYS A 135 -20.33 8.85 15.41
CA LYS A 135 -21.06 9.59 16.43
C LYS A 135 -22.54 9.63 16.04
N TYR A 136 -22.82 9.25 14.77
CA TYR A 136 -24.14 8.93 14.24
C TYR A 136 -24.03 7.61 13.47
N PRO A 137 -23.71 6.47 14.14
CA PRO A 137 -23.57 5.19 13.46
C PRO A 137 -24.84 4.64 12.80
N GLN A 138 -25.92 5.42 12.84
CA GLN A 138 -27.21 4.97 12.36
C GLN A 138 -27.33 5.28 10.87
N PHE A 139 -26.53 6.24 10.40
CA PHE A 139 -26.55 6.65 9.00
C PHE A 139 -25.74 5.66 8.16
N ASP A 140 -25.45 4.52 8.79
CA ASP A 140 -24.72 3.41 8.19
C ASP A 140 -25.68 2.57 7.35
N GLU A 141 -25.15 1.93 6.31
CA GLU A 141 -26.01 1.23 5.37
C GLU A 141 -25.82 -0.26 5.62
N SER A 142 -24.65 -0.60 6.16
CA SER A 142 -24.32 -1.94 6.59
C SER A 142 -23.80 -1.89 8.03
N PRO A 143 -24.67 -1.82 9.06
CA PRO A 143 -24.22 -1.98 10.46
C PRO A 143 -23.93 -3.38 10.99
N ASP A 144 -24.02 -4.42 10.16
CA ASP A 144 -23.36 -5.67 10.54
C ASP A 144 -22.20 -6.01 9.60
N TYR A 145 -21.83 -5.11 8.65
CA TYR A 145 -20.78 -5.45 7.71
C TYR A 145 -19.62 -4.47 7.81
N ASN A 146 -18.68 -4.76 8.70
CA ASN A 146 -17.80 -3.73 9.22
C ASN A 146 -16.37 -4.04 8.75
N PRO A 147 -15.42 -3.08 8.65
CA PRO A 147 -14.09 -3.40 8.14
C PRO A 147 -13.36 -4.44 8.98
N PRO A 148 -12.57 -5.33 8.33
CA PRO A 148 -11.73 -6.29 9.05
C PRO A 148 -10.67 -5.62 9.92
N VAL A 149 -10.69 -6.03 11.19
CA VAL A 149 -9.70 -5.71 12.21
C VAL A 149 -8.96 -7.00 12.56
N PRO A 150 -7.81 -7.34 11.90
CA PRO A 150 -7.01 -6.40 11.11
C PRO A 150 -7.40 -6.35 9.63
N TRP A 151 -6.93 -5.31 8.92
CA TRP A 151 -7.49 -4.93 7.63
C TRP A 151 -6.71 -5.55 6.47
N LYS A 152 -7.46 -6.16 5.53
CA LYS A 152 -6.88 -6.98 4.48
C LYS A 152 -7.26 -6.42 3.10
N PHE A 157 -13.51 -7.93 -5.20
CA PHE A 157 -14.73 -7.76 -4.36
C PHE A 157 -14.44 -8.25 -2.93
N ASP A 158 -14.04 -7.27 -2.08
CA ASP A 158 -13.77 -7.46 -0.66
C ASP A 158 -14.14 -6.15 0.04
N PHE A 159 -14.53 -6.19 1.33
CA PHE A 159 -14.99 -5.00 2.04
C PHE A 159 -14.00 -3.86 1.83
N TYR A 160 -14.50 -2.62 1.73
CA TYR A 160 -13.61 -1.54 1.33
C TYR A 160 -13.86 -0.33 2.21
N CYS A 161 -15.00 0.33 1.99
N CYS A 161 -15.03 0.28 2.04
CA CYS A 161 -15.35 1.53 2.73
CA CYS A 161 -15.37 1.47 2.79
C CYS A 161 -16.81 1.40 3.18
C CYS A 161 -16.81 1.34 3.25
N LYS A 162 -17.20 2.14 4.25
CA LYS A 162 -18.61 2.32 4.59
C LYS A 162 -19.18 3.27 3.54
N SER A 163 -20.52 3.30 3.40
CA SER A 163 -21.17 4.48 2.88
C SER A 163 -22.22 5.01 3.85
N LEU A 164 -22.71 6.22 3.55
CA LEU A 164 -23.88 6.78 4.21
C LEU A 164 -25.06 5.93 3.80
N CYS A 165 -26.18 6.15 4.48
CA CYS A 165 -27.42 5.60 4.00
C CYS A 165 -28.16 6.77 3.36
N PRO A 166 -28.28 6.81 2.00
CA PRO A 166 -28.79 8.00 1.33
C PRO A 166 -30.29 8.23 1.46
N SER A 167 -31.00 7.27 2.09
CA SER A 167 -32.45 7.33 2.29
C SER A 167 -32.80 7.96 3.63
N HIS A 168 -32.00 7.68 4.67
CA HIS A 168 -32.32 8.00 6.07
C HIS A 168 -32.91 9.41 6.03
N PRO A 169 -33.91 9.71 6.90
CA PRO A 169 -34.39 11.08 7.07
C PRO A 169 -33.59 12.03 7.95
N ASP A 170 -32.43 11.63 8.51
CA ASP A 170 -31.78 12.53 9.46
C ASP A 170 -30.38 12.89 8.94
N LEU A 171 -30.20 12.91 7.60
CA LEU A 171 -28.89 12.99 7.01
C LEU A 171 -28.79 14.22 6.11
N LEU A 172 -29.81 14.54 5.34
CA LEU A 172 -29.69 15.75 4.56
C LEU A 172 -29.75 16.92 5.55
N LYS A 173 -30.42 16.67 6.69
CA LYS A 173 -30.47 17.61 7.82
C LYS A 173 -29.13 17.92 8.46
N THR A 174 -28.15 17.06 8.19
CA THR A 174 -26.92 17.02 8.96
C THR A 174 -25.76 17.37 8.08
N ILE A 175 -25.98 17.18 6.76
CA ILE A 175 -24.91 17.10 5.78
C ILE A 175 -24.95 18.32 4.86
N PHE A 176 -26.14 18.90 4.68
CA PHE A 176 -26.30 20.18 3.99
C PHE A 176 -25.59 21.30 4.75
N PRO A 177 -25.74 21.36 6.07
CA PRO A 177 -24.85 22.18 6.92
C PRO A 177 -23.34 22.19 6.69
N LEU A 178 -22.73 21.00 6.66
CA LEU A 178 -21.27 20.87 6.54
C LEU A 178 -20.84 21.52 5.23
N MET A 179 -21.53 21.09 4.17
CA MET A 179 -21.42 21.63 2.83
C MET A 179 -21.55 23.14 2.89
N ASP A 180 -22.72 23.62 3.34
CA ASP A 180 -23.08 25.00 3.12
C ASP A 180 -22.21 25.94 3.93
N GLU A 181 -21.38 25.36 4.80
CA GLU A 181 -20.49 26.12 5.67
C GLU A 181 -19.25 26.50 4.88
N LEU A 182 -18.85 25.54 4.04
CA LEU A 182 -17.68 25.63 3.19
C LEU A 182 -17.93 26.47 1.94
N ILE A 183 -19.02 26.16 1.25
CA ILE A 183 -19.49 27.03 0.19
C ILE A 183 -19.26 28.48 0.64
N ASP A 184 -19.46 28.80 1.94
CA ASP A 184 -19.71 30.17 2.39
C ASP A 184 -18.43 30.81 2.92
N VAL A 185 -17.69 30.02 3.66
CA VAL A 185 -16.31 30.34 3.97
C VAL A 185 -15.52 30.52 2.66
N CYS A 186 -15.69 29.59 1.73
CA CYS A 186 -14.83 29.60 0.56
C CYS A 186 -15.33 30.65 -0.42
N GLY A 187 -16.67 30.77 -0.48
CA GLY A 187 -17.35 31.63 -1.43
C GLY A 187 -17.59 30.91 -2.74
N ALA A 188 -17.66 29.56 -2.68
CA ALA A 188 -17.57 28.69 -3.86
C ALA A 188 -18.69 28.91 -4.86
N ASP A 189 -18.41 28.60 -6.15
CA ASP A 189 -19.49 28.45 -7.12
C ASP A 189 -19.59 27.00 -7.58
N ALA A 190 -18.81 26.10 -6.97
CA ALA A 190 -18.90 24.68 -7.26
C ALA A 190 -18.40 23.87 -6.08
N PHE A 191 -18.89 22.63 -5.97
CA PHE A 191 -18.69 21.82 -4.78
C PHE A 191 -18.65 20.36 -5.24
N HIS A 192 -17.54 19.65 -4.97
CA HIS A 192 -17.35 18.33 -5.52
C HIS A 192 -17.67 17.34 -4.43
N VAL A 193 -18.64 16.47 -4.69
CA VAL A 193 -19.29 15.68 -3.65
C VAL A 193 -18.57 14.35 -3.45
N GLY A 194 -17.58 14.07 -4.28
CA GLY A 194 -16.98 12.73 -4.31
C GLY A 194 -17.71 11.82 -5.29
N LEU A 195 -18.48 10.91 -4.69
CA LEU A 195 -19.43 10.01 -5.33
C LEU A 195 -18.62 8.99 -6.10
N ASP A 196 -17.58 8.48 -5.39
CA ASP A 196 -16.57 7.57 -5.89
C ASP A 196 -16.64 6.20 -5.19
N GLU A 197 -16.44 5.12 -5.96
CA GLU A 197 -16.23 3.79 -5.37
C GLU A 197 -17.28 3.44 -4.30
N VAL A 198 -18.56 3.46 -4.69
CA VAL A 198 -19.63 3.13 -3.75
C VAL A 198 -20.03 1.67 -3.83
N TRP A 199 -19.54 0.86 -2.88
CA TRP A 199 -19.71 -0.58 -2.94
C TRP A 199 -20.97 -1.06 -2.25
N ILE A 200 -21.22 -0.48 -1.08
CA ILE A 200 -22.33 -0.85 -0.22
C ILE A 200 -23.43 0.15 -0.48
N LEU A 201 -24.42 -0.31 -1.26
CA LEU A 201 -25.52 0.48 -1.78
C LEU A 201 -26.57 -0.54 -2.18
N GLY A 202 -27.83 -0.25 -1.85
CA GLY A 202 -28.87 -1.24 -1.79
C GLY A 202 -28.44 -2.51 -1.07
N TYR A 203 -27.71 -2.35 0.05
CA TYR A 203 -27.25 -3.50 0.80
C TYR A 203 -28.48 -4.08 1.49
N GLU A 204 -28.55 -5.43 1.52
CA GLU A 204 -29.84 -6.11 1.49
C GLU A 204 -30.58 -5.83 2.79
N LYS A 205 -29.85 -5.48 3.85
CA LYS A 205 -30.42 -5.44 5.19
C LYS A 205 -30.85 -4.03 5.62
N CYS A 206 -30.62 -3.02 4.77
CA CYS A 206 -30.95 -1.63 5.12
C CYS A 206 -32.46 -1.59 5.00
N PRO A 207 -33.25 -1.21 6.04
CA PRO A 207 -34.69 -1.40 5.96
C PRO A 207 -35.35 -0.49 4.94
N ARG A 208 -34.54 0.43 4.40
CA ARG A 208 -35.01 1.56 3.62
C ARG A 208 -34.50 1.50 2.18
N CYS A 209 -33.23 1.10 2.03
CA CYS A 209 -32.58 0.91 0.75
C CYS A 209 -32.62 -0.55 0.29
N GLY A 210 -32.74 -1.49 1.23
CA GLY A 210 -32.51 -2.90 0.94
C GLY A 210 -33.48 -3.48 -0.09
N GLY A 211 -33.14 -3.44 -1.38
CA GLY A 211 -33.99 -4.03 -2.40
C GLY A 211 -34.38 -3.12 -3.57
N ARG A 212 -33.95 -1.83 -3.58
CA ARG A 212 -34.41 -0.90 -4.61
C ARG A 212 -33.37 -0.84 -5.73
N ASP A 213 -33.75 -0.32 -6.92
CA ASP A 213 -32.83 -0.22 -8.04
C ASP A 213 -31.61 0.42 -7.43
N LYS A 214 -30.38 -0.07 -7.79
CA LYS A 214 -29.17 0.52 -7.27
C LYS A 214 -28.77 1.70 -8.14
N ALA A 215 -29.43 1.81 -9.31
CA ALA A 215 -29.07 2.86 -10.26
C ALA A 215 -29.95 4.08 -10.01
N ALA A 216 -31.02 3.85 -9.22
CA ALA A 216 -32.02 4.84 -8.88
C ALA A 216 -31.68 5.47 -7.54
N LEU A 217 -31.30 4.67 -6.53
CA LEU A 217 -30.96 5.22 -5.25
C LEU A 217 -29.70 6.06 -5.39
N PHE A 218 -28.88 5.77 -6.41
CA PHE A 218 -27.66 6.51 -6.65
C PHE A 218 -27.94 7.75 -7.48
N ALA A 219 -28.87 7.63 -8.43
CA ALA A 219 -29.28 8.76 -9.25
C ALA A 219 -30.10 9.76 -8.42
N GLU A 220 -30.71 9.27 -7.34
CA GLU A 220 -31.68 10.06 -6.59
C GLU A 220 -30.94 10.87 -5.52
N TYR A 221 -29.98 10.24 -4.84
CA TYR A 221 -29.10 10.92 -3.91
C TYR A 221 -28.38 12.03 -4.68
N ALA A 222 -27.78 11.69 -5.82
CA ALA A 222 -27.03 12.67 -6.62
C ALA A 222 -27.86 13.91 -6.98
N THR A 223 -29.15 13.74 -7.26
CA THR A 223 -30.02 14.84 -7.60
C THR A 223 -30.22 15.72 -6.35
N LYS A 224 -30.46 15.13 -5.17
CA LYS A 224 -30.64 15.92 -3.96
C LYS A 224 -29.38 16.71 -3.59
N LEU A 225 -28.19 16.13 -3.84
CA LEU A 225 -26.94 16.85 -3.72
C LEU A 225 -26.69 17.78 -4.92
N HIS A 226 -27.40 17.59 -6.06
CA HIS A 226 -27.41 18.58 -7.13
C HIS A 226 -28.44 19.67 -6.86
N ASP A 227 -29.60 19.26 -6.37
CA ASP A 227 -30.70 20.18 -6.18
C ASP A 227 -30.30 21.19 -5.10
N HIS A 228 -29.67 20.73 -4.03
CA HIS A 228 -29.28 21.67 -2.98
C HIS A 228 -28.19 22.62 -3.46
N LEU A 229 -27.09 22.06 -3.99
CA LEU A 229 -25.92 22.87 -4.30
C LEU A 229 -26.33 23.96 -5.27
N LYS A 230 -27.43 23.71 -6.00
CA LYS A 230 -27.85 24.58 -7.09
C LYS A 230 -28.67 25.76 -6.56
N GLU A 231 -29.24 25.63 -5.35
CA GLU A 231 -29.88 26.76 -4.71
C GLU A 231 -28.85 27.75 -4.20
N LYS A 232 -27.71 27.17 -3.77
CA LYS A 232 -26.53 27.92 -3.35
C LYS A 232 -25.70 28.34 -4.57
N LYS A 233 -26.30 28.20 -5.76
CA LYS A 233 -25.69 28.65 -7.01
C LYS A 233 -24.27 28.11 -7.08
N CYS A 234 -24.19 26.78 -7.08
CA CYS A 234 -22.94 26.08 -7.34
C CYS A 234 -23.10 25.10 -8.47
N GLN A 235 -21.97 24.70 -9.03
CA GLN A 235 -21.96 23.71 -10.07
C GLN A 235 -21.41 22.48 -9.36
N MET A 236 -22.20 21.40 -9.37
CA MET A 236 -21.82 20.17 -8.72
C MET A 236 -20.80 19.42 -9.56
N TRP A 237 -19.83 18.77 -8.89
CA TRP A 237 -18.80 17.94 -9.53
C TRP A 237 -18.86 16.57 -8.84
N MET A 238 -18.64 15.49 -9.59
CA MET A 238 -18.62 14.14 -9.02
C MET A 238 -17.55 13.35 -9.73
N TRP A 239 -17.23 12.18 -9.17
CA TRP A 239 -16.33 11.26 -9.82
C TRP A 239 -17.19 10.44 -10.79
N SER A 240 -16.58 9.67 -11.69
CA SER A 240 -17.32 9.10 -12.81
C SER A 240 -17.80 7.67 -12.51
N ASP A 241 -17.09 6.91 -11.68
CA ASP A 241 -17.07 5.45 -11.80
C ASP A 241 -18.46 4.82 -11.78
N ARG A 242 -19.43 5.46 -11.13
CA ARG A 242 -20.62 4.73 -10.72
C ARG A 242 -21.57 4.71 -11.93
N LEU A 243 -21.10 5.33 -13.01
CA LEU A 243 -21.88 5.66 -14.19
C LEU A 243 -21.26 5.00 -15.43
N ILE A 244 -20.31 4.08 -15.22
CA ILE A 244 -19.72 3.36 -16.33
C ILE A 244 -19.87 1.87 -16.06
N ASP A 245 -19.97 1.09 -17.15
CA ASP A 245 -20.20 -0.33 -17.01
C ASP A 245 -18.86 -1.02 -17.10
N GLY A 246 -18.39 -1.53 -15.97
CA GLY A 246 -17.14 -2.26 -15.90
C GLY A 246 -17.31 -3.71 -16.33
N LYS A 247 -18.55 -4.16 -16.35
CA LYS A 247 -18.86 -5.46 -16.93
C LYS A 247 -18.68 -5.43 -18.43
N THR A 248 -19.60 -4.78 -19.15
CA THR A 248 -19.60 -4.67 -20.61
C THR A 248 -18.36 -3.92 -21.10
N THR A 249 -17.84 -3.04 -20.25
CA THR A 249 -16.57 -2.39 -20.53
C THR A 249 -15.39 -3.21 -20.03
N ASN A 250 -15.57 -3.89 -18.89
CA ASN A 250 -14.53 -4.68 -18.24
C ASN A 250 -13.44 -3.74 -17.74
N LEU A 251 -13.81 -2.50 -17.40
CA LEU A 251 -12.87 -1.54 -16.84
C LEU A 251 -12.62 -1.86 -15.37
N LEU A 252 -13.68 -2.34 -14.72
CA LEU A 252 -13.65 -3.20 -13.56
C LEU A 252 -14.46 -2.48 -12.49
N GLY A 253 -14.13 -2.73 -11.22
CA GLY A 253 -15.03 -2.38 -10.14
C GLY A 253 -14.52 -1.24 -9.26
N TRP A 254 -13.40 -0.61 -9.66
CA TRP A 254 -12.96 0.58 -8.95
C TRP A 254 -13.12 1.77 -9.89
N GLN A 255 -12.68 1.62 -11.17
CA GLN A 255 -12.74 2.68 -12.15
C GLN A 255 -14.12 2.78 -12.76
N ALA A 256 -15.06 2.00 -12.26
CA ALA A 256 -16.34 1.89 -12.94
C ALA A 256 -17.11 0.78 -12.25
N SER A 257 -18.42 0.76 -12.43
CA SER A 257 -19.34 0.02 -11.58
C SER A 257 -19.43 -1.48 -11.87
N MET A 258 -19.27 -2.27 -10.79
CA MET A 258 -19.47 -3.70 -10.82
C MET A 258 -20.67 -4.11 -9.98
N ASN A 259 -21.55 -3.15 -9.65
CA ASN A 259 -22.84 -3.42 -9.02
C ASN A 259 -23.95 -2.57 -9.63
N ALA A 260 -24.01 -2.48 -10.96
CA ALA A 260 -25.22 -2.05 -11.68
C ALA A 260 -25.69 -0.67 -11.20
N THR A 261 -24.73 0.26 -11.18
CA THR A 261 -25.03 1.62 -10.76
C THR A 261 -25.19 2.45 -12.03
N PHE A 262 -24.80 1.86 -13.18
CA PHE A 262 -24.44 2.57 -14.42
C PHE A 262 -25.64 3.21 -15.14
N ARG A 263 -26.89 2.83 -14.86
CA ARG A 263 -28.01 3.38 -15.63
C ARG A 263 -28.34 4.78 -15.17
N ALA A 264 -27.84 5.06 -14.00
CA ALA A 264 -27.99 6.31 -13.30
C ALA A 264 -27.54 7.45 -14.21
N ILE A 265 -26.79 7.13 -15.27
CA ILE A 265 -26.19 8.14 -16.09
C ILE A 265 -27.22 8.86 -16.96
N ASP A 266 -28.50 8.45 -16.86
CA ASP A 266 -29.55 9.02 -17.69
C ASP A 266 -30.61 9.70 -16.86
N LEU A 267 -30.48 9.63 -15.54
CA LEU A 267 -31.56 9.98 -14.62
C LEU A 267 -31.09 11.04 -13.63
N ILE A 268 -30.01 11.72 -13.97
CA ILE A 268 -29.36 12.70 -13.12
C ILE A 268 -29.28 13.93 -14.01
N PRO A 269 -29.15 15.19 -13.53
CA PRO A 269 -28.90 16.34 -14.41
C PRO A 269 -27.55 16.46 -15.12
N THR A 270 -27.62 17.16 -16.27
CA THR A 270 -26.63 17.04 -17.32
C THR A 270 -25.73 18.28 -17.28
N ASP A 271 -25.74 18.95 -16.13
CA ASP A 271 -24.90 20.11 -15.92
C ASP A 271 -24.05 19.94 -14.65
N ILE A 272 -24.17 18.80 -13.93
CA ILE A 272 -23.10 18.34 -13.03
C ILE A 272 -21.81 18.10 -13.82
N MET A 273 -20.64 18.47 -13.23
CA MET A 273 -19.32 18.30 -13.86
C MET A 273 -18.66 16.97 -13.50
N ILE A 274 -18.10 16.29 -14.50
CA ILE A 274 -17.99 14.83 -14.43
C ILE A 274 -16.52 14.50 -14.37
N CYS A 275 -16.12 13.78 -13.31
CA CYS A 275 -14.71 13.64 -13.04
C CYS A 275 -14.30 12.21 -13.36
N ASP A 276 -14.15 11.98 -14.67
CA ASP A 276 -13.80 10.66 -15.12
C ASP A 276 -12.32 10.47 -14.88
N TRP A 277 -12.02 9.69 -13.82
CA TRP A 277 -10.65 9.41 -13.47
C TRP A 277 -10.17 8.07 -14.03
N LYS A 278 -9.01 8.09 -14.69
CA LYS A 278 -8.37 6.84 -15.09
C LYS A 278 -6.87 6.95 -14.84
N TYR A 279 -6.36 6.02 -14.04
CA TYR A 279 -4.99 6.12 -13.58
C TYR A 279 -4.21 4.97 -14.16
N GLU A 280 -4.73 4.38 -15.27
CA GLU A 280 -4.20 3.14 -15.81
C GLU A 280 -4.06 3.23 -17.33
N SER A 281 -4.96 3.97 -17.99
CA SER A 281 -5.14 3.85 -19.42
C SER A 281 -5.78 5.11 -20.00
N ALA A 282 -5.79 5.17 -21.34
CA ALA A 282 -6.34 6.29 -22.09
C ALA A 282 -7.64 5.86 -22.74
N PRO A 283 -8.68 5.39 -22.00
CA PRO A 283 -9.93 4.96 -22.62
C PRO A 283 -11.06 5.89 -23.07
N PRO A 284 -11.96 5.40 -23.95
CA PRO A 284 -12.93 6.24 -24.63
C PRO A 284 -13.97 6.92 -23.74
N THR A 285 -13.82 6.88 -22.41
CA THR A 285 -14.89 7.23 -21.50
C THR A 285 -15.22 8.72 -21.58
N PRO A 286 -14.25 9.65 -21.73
CA PRO A 286 -14.56 11.06 -21.88
C PRO A 286 -15.66 11.42 -22.88
N GLY A 287 -15.55 10.90 -24.11
CA GLY A 287 -16.53 11.18 -25.14
C GLY A 287 -17.92 10.73 -24.72
N TYR A 288 -17.97 9.51 -24.19
CA TYR A 288 -19.20 8.97 -23.65
C TYR A 288 -19.96 10.11 -23.00
N PHE A 289 -19.41 10.63 -21.91
CA PHE A 289 -20.14 11.58 -21.09
C PHE A 289 -20.50 12.77 -21.97
N ALA A 290 -19.56 13.21 -22.81
CA ALA A 290 -19.91 14.27 -23.74
C ALA A 290 -21.21 13.89 -24.42
N ILE A 291 -21.21 12.72 -25.08
CA ILE A 291 -22.35 12.33 -25.90
C ILE A 291 -23.65 12.39 -25.11
N LYS A 292 -23.55 12.29 -23.79
CA LYS A 292 -24.65 12.03 -22.87
C LYS A 292 -25.25 13.30 -22.27
N GLY A 293 -24.49 14.40 -22.37
CA GLY A 293 -25.05 15.73 -22.17
C GLY A 293 -24.24 16.55 -21.19
N PHE A 294 -23.00 16.11 -20.96
CA PHE A 294 -22.20 16.50 -19.82
C PHE A 294 -20.88 17.10 -20.26
N ASN A 295 -20.37 18.02 -19.42
CA ASN A 295 -19.00 18.49 -19.46
C ASN A 295 -18.24 17.49 -18.61
N VAL A 296 -17.05 17.13 -19.06
CA VAL A 296 -16.31 16.05 -18.46
C VAL A 296 -14.82 16.40 -18.50
N LEU A 297 -14.17 16.13 -17.36
CA LEU A 297 -12.74 16.31 -17.18
C LEU A 297 -12.06 14.96 -17.00
N PRO A 298 -11.28 14.38 -17.96
CA PRO A 298 -10.40 13.28 -17.61
C PRO A 298 -9.64 13.64 -16.33
N SER A 299 -9.72 12.78 -15.30
CA SER A 299 -8.94 12.94 -14.09
C SER A 299 -7.81 11.90 -13.99
N SER A 300 -6.59 12.34 -13.67
CA SER A 300 -5.43 11.46 -13.82
C SER A 300 -4.68 11.39 -12.50
N CYS A 301 -3.78 10.41 -12.36
CA CYS A 301 -2.92 10.46 -11.20
C CYS A 301 -1.46 10.20 -11.50
N SER A 302 -0.79 9.40 -10.67
CA SER A 302 0.66 9.38 -10.63
C SER A 302 1.25 9.10 -12.01
N ASN A 303 0.74 8.10 -12.71
CA ASN A 303 1.36 7.60 -13.93
C ASN A 303 1.07 8.61 -15.03
N SER A 304 2.14 9.03 -15.73
CA SER A 304 2.16 10.19 -16.59
C SER A 304 2.17 9.83 -18.07
N GLU A 305 2.68 8.64 -18.41
CA GLU A 305 2.38 8.03 -19.70
C GLU A 305 0.91 8.26 -20.04
N VAL A 306 0.05 7.92 -19.09
CA VAL A 306 -1.38 7.88 -19.31
C VAL A 306 -1.89 9.31 -19.46
N ALA A 307 -1.23 10.26 -18.79
CA ALA A 307 -1.65 11.64 -18.68
C ALA A 307 -1.54 12.39 -20.01
N LEU A 308 -0.54 12.08 -20.82
CA LEU A 308 -0.39 12.80 -22.08
C LEU A 308 -1.34 12.20 -23.10
N ALA A 309 -1.26 10.87 -23.23
CA ALA A 309 -2.36 10.13 -23.80
C ALA A 309 -3.59 11.00 -23.70
N GLN A 310 -4.06 11.19 -22.46
CA GLN A 310 -5.37 11.77 -22.20
C GLN A 310 -5.34 13.28 -22.28
N LEU A 311 -4.16 13.87 -22.54
CA LEU A 311 -4.01 15.27 -22.92
C LEU A 311 -4.17 15.39 -24.43
N ALA A 312 -3.52 14.48 -25.17
CA ALA A 312 -3.73 14.35 -26.61
C ALA A 312 -5.23 14.37 -26.90
N GLN A 313 -6.00 13.68 -26.07
CA GLN A 313 -7.35 13.23 -26.40
C GLN A 313 -8.37 14.36 -26.37
N VAL A 314 -8.23 15.27 -25.39
CA VAL A 314 -9.10 16.44 -25.25
C VAL A 314 -8.75 17.44 -26.35
N ARG A 315 -7.45 17.59 -26.62
CA ARG A 315 -6.96 18.46 -27.66
C ARG A 315 -7.36 17.92 -29.02
N LEU A 316 -7.25 16.58 -29.18
CA LEU A 316 -7.77 15.94 -30.39
C LEU A 316 -9.22 16.35 -30.53
N ALA A 317 -10.02 16.19 -29.47
CA ALA A 317 -11.47 16.19 -29.57
C ALA A 317 -12.00 17.61 -29.63
N ARG A 318 -11.38 18.52 -28.87
CA ARG A 318 -11.73 19.92 -28.95
C ARG A 318 -11.51 20.43 -30.39
N LYS A 319 -10.45 19.97 -31.07
CA LYS A 319 -10.26 20.33 -32.47
C LYS A 319 -11.55 20.18 -33.24
N ASP A 320 -12.15 19.01 -33.08
CA ASP A 320 -13.27 18.53 -33.89
C ASP A 320 -14.30 19.62 -34.04
N GLY A 321 -14.59 20.29 -32.93
CA GLY A 321 -15.48 21.44 -32.91
C GLY A 321 -15.23 22.45 -34.03
N THR A 322 -14.07 22.40 -34.70
CA THR A 322 -13.82 23.25 -35.87
C THR A 322 -14.51 22.69 -37.13
N ARG A 323 -14.42 21.38 -37.35
CA ARG A 323 -14.86 20.80 -38.62
C ARG A 323 -16.15 21.45 -39.11
N ALA A 324 -17.03 21.80 -38.17
CA ALA A 324 -18.24 22.54 -38.51
C ALA A 324 -18.84 23.19 -37.25
N PRO A 325 -20.06 23.74 -37.32
CA PRO A 325 -20.65 24.44 -36.18
C PRO A 325 -21.30 23.48 -35.20
N TRP A 326 -22.05 22.52 -35.76
CA TRP A 326 -22.96 21.70 -34.99
C TRP A 326 -22.18 20.82 -34.03
N ALA A 327 -20.94 20.51 -34.38
CA ALA A 327 -20.13 19.64 -33.54
C ALA A 327 -19.23 20.47 -32.63
N VAL A 328 -19.70 21.67 -32.27
CA VAL A 328 -19.05 22.43 -31.20
C VAL A 328 -19.62 21.94 -29.90
N THR A 329 -20.91 21.61 -29.89
CA THR A 329 -21.43 21.04 -28.67
C THR A 329 -20.41 20.01 -28.16
N LEU A 330 -20.29 18.89 -28.87
CA LEU A 330 -19.46 17.77 -28.48
C LEU A 330 -18.03 18.19 -28.12
N ALA A 331 -17.42 19.10 -28.89
CA ALA A 331 -16.15 19.69 -28.48
C ALA A 331 -16.32 20.58 -27.23
N GLU A 332 -17.37 21.41 -27.13
CA GLU A 332 -17.43 22.42 -26.09
C GLU A 332 -17.37 21.78 -24.70
N ARG A 333 -17.92 20.56 -24.60
CA ARG A 333 -18.05 19.85 -23.34
C ARG A 333 -16.80 19.11 -22.90
N MET A 334 -15.73 19.14 -23.68
CA MET A 334 -14.52 18.52 -23.18
C MET A 334 -13.70 19.59 -22.47
N GLN A 335 -14.26 20.01 -21.34
CA GLN A 335 -13.85 21.21 -20.63
C GLN A 335 -12.34 21.28 -20.53
N GLY A 336 -11.71 20.18 -20.06
CA GLY A 336 -10.28 20.24 -19.82
C GLY A 336 -9.75 18.94 -19.26
N VAL A 337 -8.86 19.07 -18.25
CA VAL A 337 -8.28 17.95 -17.54
C VAL A 337 -8.20 18.31 -16.06
N PHE A 338 -7.88 17.28 -15.26
CA PHE A 338 -7.94 17.36 -13.82
C PHE A 338 -6.84 16.48 -13.23
N VAL A 339 -5.76 17.07 -12.70
CA VAL A 339 -4.68 16.24 -12.16
C VAL A 339 -4.96 15.99 -10.69
N THR A 340 -4.87 14.73 -10.24
CA THR A 340 -5.33 14.37 -8.90
C THR A 340 -4.22 13.64 -8.15
N MET A 341 -3.95 14.04 -6.88
CA MET A 341 -3.13 13.28 -5.94
C MET A 341 -3.95 12.93 -4.70
N TRP A 342 -3.36 12.16 -3.77
CA TRP A 342 -4.13 11.41 -2.80
C TRP A 342 -3.42 11.28 -1.45
N GLU A 343 -2.08 11.25 -1.46
CA GLU A 343 -1.25 11.36 -0.25
C GLU A 343 -1.41 12.75 0.38
N ASP A 344 -0.43 13.15 1.20
CA ASP A 344 -0.40 14.43 1.89
C ASP A 344 0.15 15.51 0.96
N SER A 345 -0.46 16.71 1.03
CA SER A 345 -0.02 17.85 0.25
C SER A 345 1.39 18.33 0.65
N LYS A 346 1.83 18.05 1.89
CA LYS A 346 3.17 18.42 2.36
C LYS A 346 4.19 17.42 1.83
N GLU A 347 3.96 16.14 2.10
CA GLU A 347 4.83 15.09 1.58
C GLU A 347 4.96 15.26 0.07
N PHE A 348 3.95 15.89 -0.55
CA PHE A 348 3.88 16.07 -1.99
C PHE A 348 4.67 17.28 -2.43
N ILE A 349 4.50 18.36 -1.65
CA ILE A 349 5.02 19.67 -2.00
C ILE A 349 6.53 19.69 -1.83
N ASP A 350 7.03 18.96 -0.83
CA ASP A 350 8.47 18.80 -0.69
C ASP A 350 8.99 17.69 -1.62
N ALA A 351 8.36 17.51 -2.80
CA ALA A 351 8.77 16.47 -3.74
C ALA A 351 8.62 16.97 -5.18
N TYR A 352 7.60 17.78 -5.41
CA TYR A 352 7.60 18.70 -6.53
C TYR A 352 8.95 19.40 -6.68
N TYR A 353 9.46 19.94 -5.57
CA TYR A 353 10.63 20.81 -5.63
C TYR A 353 11.87 19.96 -5.87
N GLY A 354 12.33 19.29 -4.80
CA GLY A 354 13.03 18.03 -4.91
C GLY A 354 13.75 17.71 -3.60
N ARG A 355 13.03 17.86 -2.48
CA ARG A 355 13.65 18.00 -1.17
C ARG A 355 13.97 16.63 -0.57
N ASN A 356 15.28 16.33 -0.41
CA ASN A 356 15.75 15.15 0.29
C ASN A 356 15.95 14.01 -0.72
N GLY A 357 15.93 14.37 -2.02
CA GLY A 357 15.90 13.41 -3.10
C GLY A 357 14.48 12.86 -3.27
N LYS A 358 13.50 13.75 -3.07
CA LYS A 358 12.10 13.36 -2.92
C LYS A 358 11.55 13.03 -4.30
N LYS A 359 10.62 12.07 -4.34
CA LYS A 359 10.25 11.38 -5.57
C LYS A 359 8.85 10.80 -5.38
N LEU A 360 7.88 11.29 -6.16
CA LEU A 360 6.54 10.71 -6.23
C LEU A 360 5.99 10.92 -7.65
N PRO A 361 5.62 9.84 -8.37
CA PRO A 361 5.15 9.98 -9.75
C PRO A 361 4.01 10.96 -9.95
N SER A 362 3.05 11.02 -9.02
CA SER A 362 1.92 11.92 -9.10
C SER A 362 2.42 13.36 -9.06
N ALA A 363 3.34 13.57 -8.12
CA ALA A 363 4.03 14.83 -8.00
C ALA A 363 4.72 15.15 -9.32
N GLU A 364 5.29 14.13 -9.96
CA GLU A 364 6.02 14.34 -11.18
C GLU A 364 5.08 14.26 -12.37
N THR A 365 3.94 13.56 -12.23
CA THR A 365 2.95 13.55 -13.29
C THR A 365 2.40 14.95 -13.51
N PHE A 366 2.27 15.74 -12.43
CA PHE A 366 1.90 17.14 -12.59
C PHE A 366 2.70 17.75 -13.74
N LYS A 367 3.99 17.37 -13.78
CA LYS A 367 4.99 17.96 -14.65
C LYS A 367 4.58 17.77 -16.12
N ALA A 368 5.42 17.10 -16.91
CA ALA A 368 5.18 16.90 -18.34
C ALA A 368 3.78 17.37 -18.74
N VAL A 369 2.77 16.96 -17.96
CA VAL A 369 1.39 17.35 -18.19
C VAL A 369 1.30 18.87 -18.27
N PHE A 370 1.10 19.56 -17.14
CA PHE A 370 1.06 21.01 -17.13
C PHE A 370 2.30 21.60 -17.81
N ALA A 371 3.27 20.74 -18.19
CA ALA A 371 4.36 21.11 -19.09
C ALA A 371 3.88 21.13 -20.54
N GLN A 372 3.21 20.05 -20.97
CA GLN A 372 2.77 19.90 -22.35
C GLN A 372 1.66 20.88 -22.64
N ILE A 373 0.77 21.03 -21.66
CA ILE A 373 -0.25 22.07 -21.67
C ILE A 373 0.36 23.35 -22.23
N ARG A 374 1.31 23.91 -21.49
CA ARG A 374 1.91 25.19 -21.85
C ARG A 374 2.38 25.14 -23.30
N LYS A 375 3.07 24.04 -23.65
CA LYS A 375 3.79 23.94 -24.91
C LYS A 375 2.83 23.64 -26.05
N GLU A 376 1.66 23.07 -25.71
CA GLU A 376 0.55 23.01 -26.64
C GLU A 376 0.25 24.40 -27.17
N GLU A 377 -0.06 25.33 -26.25
CA GLU A 377 -0.62 26.62 -26.60
C GLU A 377 0.47 27.71 -26.53
N VAL A 378 1.71 27.32 -26.83
CA VAL A 378 2.78 28.27 -27.15
C VAL A 378 2.77 28.53 -28.66
N MET A 379 3.05 27.47 -29.44
CA MET A 379 3.63 27.62 -30.77
C MET A 379 2.57 28.08 -31.77
N ASN A 380 1.83 29.14 -31.40
CA ASN A 380 0.53 29.45 -31.98
C ASN A 380 0.35 30.97 -32.03
N GLN B 32 43.93 -20.71 41.30
CA GLN B 32 43.68 -19.25 41.19
C GLN B 32 42.47 -18.97 40.32
N PHE B 33 42.37 -19.63 39.15
CA PHE B 33 41.23 -19.46 38.26
C PHE B 33 40.01 -20.14 38.89
N GLU B 34 39.25 -19.32 39.63
CA GLU B 34 38.39 -19.78 40.71
C GLU B 34 37.21 -20.52 40.10
N TRP B 35 37.32 -21.85 39.97
CA TRP B 35 36.27 -22.65 39.35
C TRP B 35 34.99 -22.65 40.20
N ASN B 36 35.10 -22.18 41.44
CA ASN B 36 34.01 -22.24 42.40
C ASN B 36 33.50 -20.82 42.73
N LYS B 37 33.41 -19.95 41.72
CA LYS B 37 32.72 -18.69 41.86
C LYS B 37 31.86 -18.46 40.62
N LEU B 38 31.21 -17.29 40.55
CA LEU B 38 30.23 -16.98 39.53
C LEU B 38 30.09 -15.47 39.40
N PRO B 39 31.09 -14.75 38.87
CA PRO B 39 31.01 -13.29 38.81
C PRO B 39 29.94 -12.85 37.81
N VAL B 40 29.00 -13.76 37.49
CA VAL B 40 27.73 -13.36 36.88
C VAL B 40 26.61 -14.17 37.50
N LYS B 41 26.07 -13.65 38.62
CA LYS B 41 24.78 -14.06 39.15
C LYS B 41 23.75 -13.00 38.78
N ALA B 42 23.47 -12.89 37.48
CA ALA B 42 22.66 -11.82 36.92
C ALA B 42 21.19 -12.24 36.91
N MET B 43 20.31 -11.25 36.74
CA MET B 43 18.90 -11.51 36.88
C MET B 43 18.10 -10.31 36.37
N LEU B 44 17.00 -10.65 35.68
CA LEU B 44 16.11 -9.74 35.00
C LEU B 44 15.03 -9.32 36.00
N LEU B 45 14.72 -8.02 36.05
CA LEU B 45 13.46 -7.56 36.60
C LEU B 45 12.65 -6.91 35.49
N THR B 46 11.33 -6.95 35.69
CA THR B 46 10.39 -6.08 35.03
C THR B 46 10.44 -4.74 35.76
N VAL B 47 10.48 -3.64 35.00
CA VAL B 47 10.50 -2.31 35.58
C VAL B 47 9.21 -2.11 36.36
N PRO B 48 9.30 -1.60 37.61
CA PRO B 48 8.09 -1.39 38.41
C PRO B 48 7.15 -0.47 37.67
N HIS B 49 5.84 -0.73 37.80
CA HIS B 49 4.84 0.31 37.64
C HIS B 49 5.23 1.45 38.60
N PRO B 50 4.94 2.73 38.29
CA PRO B 50 5.66 3.86 38.89
C PRO B 50 5.65 3.97 40.42
N GLU B 51 4.52 3.61 41.06
CA GLU B 51 4.33 3.85 42.49
C GLU B 51 4.75 2.64 43.30
N ASP B 52 5.21 1.57 42.63
CA ASP B 52 5.73 0.39 43.29
C ASP B 52 7.24 0.53 43.41
N VAL B 53 7.76 1.67 42.91
CA VAL B 53 9.19 1.98 42.92
C VAL B 53 9.73 1.84 44.34
N PRO B 54 9.19 2.57 45.35
CA PRO B 54 9.81 2.58 46.67
C PRO B 54 9.93 1.15 47.19
N GLU B 55 8.79 0.43 47.20
CA GLU B 55 8.76 -0.94 47.67
C GLU B 55 9.65 -1.78 46.75
N PHE B 56 9.53 -1.56 45.43
CA PHE B 56 10.26 -2.34 44.45
C PHE B 56 11.75 -2.28 44.77
N CYS B 57 12.28 -1.04 44.81
CA CYS B 57 13.63 -0.77 45.25
C CYS B 57 13.91 -1.61 46.49
N ARG B 58 13.30 -1.22 47.61
CA ARG B 58 13.37 -1.91 48.89
C ARG B 58 13.83 -3.37 48.69
N PHE B 59 13.28 -4.04 47.66
CA PHE B 59 13.76 -5.34 47.19
C PHE B 59 15.24 -5.24 46.86
N ILE B 60 15.60 -4.52 45.78
CA ILE B 60 16.97 -4.38 45.32
C ILE B 60 17.93 -4.41 46.52
N LYS B 61 17.53 -3.79 47.64
CA LYS B 61 18.37 -3.78 48.85
C LYS B 61 18.31 -5.11 49.61
N GLU B 62 17.10 -5.54 50.01
CA GLU B 62 16.92 -6.48 51.12
C GLU B 62 16.83 -7.94 50.67
N VAL B 63 17.02 -8.23 49.38
CA VAL B 63 16.68 -9.55 48.85
C VAL B 63 17.77 -10.05 47.90
N LEU B 64 18.43 -9.15 47.17
CA LEU B 64 19.32 -9.54 46.08
C LEU B 64 20.73 -9.84 46.58
N PRO B 65 21.42 -8.93 47.29
CA PRO B 65 22.81 -9.16 47.67
C PRO B 65 22.93 -10.45 48.46
N LYS B 66 21.97 -10.63 49.38
CA LYS B 66 21.93 -11.75 50.30
C LYS B 66 22.00 -13.06 49.52
N GLU B 67 20.89 -13.39 48.83
CA GLU B 67 20.71 -14.70 48.22
C GLU B 67 21.72 -14.90 47.10
N GLY B 68 22.11 -13.81 46.44
CA GLY B 68 23.32 -13.85 45.64
C GLY B 68 23.41 -12.72 44.62
N VAL B 69 22.38 -12.61 43.78
CA VAL B 69 22.48 -11.92 42.49
C VAL B 69 23.60 -10.90 42.54
N ASN B 70 24.43 -10.86 41.49
CA ASN B 70 25.56 -9.94 41.41
C ASN B 70 25.48 -9.08 40.15
N THR B 71 24.31 -9.11 39.48
CA THR B 71 24.08 -8.29 38.31
C THR B 71 22.57 -8.07 38.23
N LEU B 72 22.16 -6.92 37.70
CA LEU B 72 20.74 -6.60 37.55
C LEU B 72 20.43 -6.35 36.08
N VAL B 73 19.37 -6.96 35.55
CA VAL B 73 18.77 -6.44 34.33
C VAL B 73 17.34 -5.99 34.66
N LEU B 74 17.06 -4.74 34.30
CA LEU B 74 15.74 -4.18 34.46
C LEU B 74 15.12 -4.02 33.07
N ARG B 75 14.05 -4.76 32.81
CA ARG B 75 13.41 -4.74 31.50
C ARG B 75 12.36 -3.62 31.45
N ILE B 76 12.81 -2.43 31.05
CA ILE B 76 12.00 -1.22 30.96
C ILE B 76 11.20 -1.27 29.66
N ARG B 77 11.94 -1.27 28.54
CA ARG B 77 11.43 -1.30 27.17
C ARG B 77 11.28 0.15 26.71
N TYR B 78 10.02 0.61 26.66
CA TYR B 78 9.67 1.97 26.31
C TYR B 78 8.94 2.64 27.48
N ASN B 79 9.10 2.07 28.69
CA ASN B 79 8.36 2.48 29.86
C ASN B 79 9.18 3.53 30.63
N LEU B 99 14.89 4.54 37.85
CA LEU B 99 16.26 4.46 37.24
C LEU B 99 17.24 5.17 38.17
N LYS B 100 17.13 6.49 38.25
CA LYS B 100 18.02 7.26 39.13
C LYS B 100 17.75 6.90 40.58
N GLN B 101 16.55 6.41 40.91
CA GLN B 101 16.24 5.87 42.23
C GLN B 101 16.65 4.40 42.30
N ILE B 102 16.31 3.68 41.23
CA ILE B 102 16.57 2.26 41.06
C ILE B 102 18.06 1.97 41.01
N VAL B 103 18.84 2.85 40.34
CA VAL B 103 20.23 2.56 40.00
C VAL B 103 21.13 2.79 41.21
N GLN B 104 20.70 3.64 42.16
CA GLN B 104 21.54 3.93 43.31
C GLN B 104 21.53 2.71 44.23
N THR B 105 20.36 2.09 44.39
CA THR B 105 20.22 0.86 45.16
C THR B 105 21.28 -0.19 44.79
N CYS B 106 21.30 -0.65 43.53
CA CYS B 106 22.25 -1.66 43.09
C CYS B 106 23.70 -1.27 43.39
N LYS B 107 24.00 0.02 43.21
CA LYS B 107 25.27 0.60 43.61
C LYS B 107 25.48 0.55 45.12
N GLU B 108 24.39 0.46 45.89
CA GLU B 108 24.52 0.30 47.35
C GLU B 108 24.31 -1.18 47.70
N ALA B 109 24.25 -2.03 46.66
CA ALA B 109 24.13 -3.47 46.82
C ALA B 109 25.37 -4.22 46.32
N LYS B 110 26.38 -3.51 45.82
CA LYS B 110 27.64 -4.07 45.31
C LYS B 110 27.49 -4.49 43.86
N ILE B 111 26.26 -4.32 43.36
CA ILE B 111 25.83 -4.93 42.12
C ILE B 111 26.27 -4.09 40.94
N ARG B 112 26.35 -4.77 39.80
CA ARG B 112 26.43 -4.21 38.47
C ARG B 112 25.04 -4.15 37.83
N PHE B 113 24.63 -2.93 37.42
CA PHE B 113 23.31 -2.67 36.85
C PHE B 113 23.32 -2.86 35.33
N ILE B 114 22.16 -3.22 34.74
CA ILE B 114 21.96 -3.17 33.29
C ILE B 114 20.52 -2.78 32.97
N PRO B 115 20.30 -1.67 32.23
CA PRO B 115 18.99 -1.35 31.66
C PRO B 115 18.78 -1.98 30.29
N LYS B 116 17.52 -2.20 29.92
CA LYS B 116 17.22 -3.11 28.83
C LYS B 116 16.13 -2.55 27.91
N MET B 117 16.30 -2.86 26.63
CA MET B 117 15.43 -2.47 25.52
C MET B 117 15.29 -3.71 24.62
N ASN B 118 14.33 -3.68 23.69
CA ASN B 118 14.20 -4.67 22.64
C ASN B 118 14.22 -3.96 21.30
N LEU B 119 15.30 -4.11 20.52
CA LEU B 119 15.51 -3.19 19.40
C LEU B 119 15.42 -3.86 18.04
N LEU B 120 14.41 -4.72 17.85
CA LEU B 120 14.21 -5.39 16.57
C LEU B 120 12.86 -6.10 16.58
N GLY B 121 12.77 -7.18 17.39
CA GLY B 121 11.53 -7.88 17.65
C GLY B 121 10.90 -7.46 18.98
N HIS B 122 9.77 -8.08 19.33
CA HIS B 122 9.00 -7.74 20.52
C HIS B 122 8.81 -6.22 20.56
N GLN B 123 8.48 -5.65 19.39
CA GLN B 123 8.23 -4.24 19.24
C GLN B 123 6.73 -3.99 19.43
N SER B 124 6.02 -5.09 19.71
CA SER B 124 4.65 -5.06 20.17
C SER B 124 4.35 -6.41 20.86
N ASP B 125 3.43 -6.40 21.83
CA ASP B 125 3.13 -7.57 22.67
C ASP B 125 1.62 -7.84 22.62
N ARG B 126 1.26 -9.06 22.20
CA ARG B 126 -0.08 -9.38 21.73
C ARG B 126 -0.43 -8.35 20.67
N ASP B 127 -1.42 -7.49 20.98
CA ASP B 127 -1.68 -6.26 20.25
C ASP B 127 -1.54 -5.06 21.19
N HIS B 128 -0.39 -4.94 21.88
CA HIS B 128 0.05 -3.63 22.31
C HIS B 128 0.98 -3.10 21.23
N ILE B 129 0.66 -1.94 20.65
CA ILE B 129 1.66 -1.24 19.86
C ILE B 129 2.56 -0.46 20.83
N ASP B 130 3.38 -1.17 21.61
CA ASP B 130 4.25 -0.48 22.56
C ASP B 130 4.52 0.91 21.98
N PRO B 131 4.66 1.94 22.85
CA PRO B 131 4.14 3.29 22.57
C PRO B 131 4.47 3.91 21.21
N LEU B 132 5.44 3.32 20.51
CA LEU B 132 6.10 3.86 19.33
C LEU B 132 5.18 3.75 18.10
N LEU B 133 5.08 2.55 17.52
CA LEU B 133 4.76 2.40 16.10
C LEU B 133 3.45 3.10 15.70
N ALA B 134 2.56 3.37 16.67
CA ALA B 134 1.54 4.38 16.44
C ALA B 134 2.23 5.72 16.19
N LYS B 135 2.91 6.25 17.22
CA LYS B 135 3.51 7.58 17.17
C LYS B 135 4.61 7.66 16.10
N TYR B 136 5.02 6.51 15.53
CA TYR B 136 5.93 6.45 14.40
C TYR B 136 5.66 5.19 13.56
N PRO B 137 4.58 5.15 12.74
CA PRO B 137 4.12 3.90 12.13
C PRO B 137 4.89 3.40 10.92
N GLN B 138 6.04 4.02 10.62
CA GLN B 138 6.75 3.76 9.37
C GLN B 138 7.86 2.72 9.55
N PHE B 139 8.29 2.45 10.78
CA PHE B 139 9.50 1.67 11.00
C PHE B 139 9.18 0.19 11.11
N ASP B 140 8.24 -0.28 10.28
CA ASP B 140 7.59 -1.54 10.52
C ASP B 140 7.90 -2.52 9.39
N GLU B 141 8.32 -3.74 9.78
CA GLU B 141 8.78 -4.75 8.85
C GLU B 141 7.61 -5.26 7.99
N SER B 142 6.38 -5.09 8.49
CA SER B 142 5.18 -5.39 7.73
C SER B 142 4.04 -4.44 8.10
N PRO B 143 3.98 -3.20 7.52
CA PRO B 143 2.84 -2.32 7.74
C PRO B 143 1.50 -2.89 7.26
N ASP B 144 1.55 -4.06 6.61
CA ASP B 144 0.40 -4.62 5.90
C ASP B 144 -0.23 -5.80 6.65
N TYR B 145 0.45 -6.32 7.69
CA TYR B 145 0.05 -7.55 8.35
C TYR B 145 0.06 -7.36 9.87
N ASN B 146 -1.10 -7.58 10.50
CA ASN B 146 -1.41 -6.89 11.74
C ASN B 146 -1.85 -7.86 12.83
N PRO B 147 -1.75 -7.44 14.13
CA PRO B 147 -2.12 -8.30 15.26
C PRO B 147 -3.45 -9.03 15.10
N PRO B 148 -3.50 -10.36 15.34
CA PRO B 148 -4.78 -11.07 15.43
C PRO B 148 -5.51 -10.48 16.63
N VAL B 149 -6.63 -9.81 16.36
CA VAL B 149 -7.25 -8.95 17.34
C VAL B 149 -8.56 -9.61 17.80
N PRO B 150 -8.77 -9.87 19.13
CA PRO B 150 -7.68 -9.97 20.11
C PRO B 150 -6.74 -11.13 19.77
N TRP B 151 -5.77 -11.47 20.65
CA TRP B 151 -4.90 -12.62 20.42
C TRP B 151 -5.71 -13.89 20.61
N LYS B 152 -5.40 -14.90 19.79
CA LYS B 152 -5.87 -16.27 19.94
C LYS B 152 -4.80 -17.19 19.34
N ASP B 153 -4.11 -17.98 20.20
CA ASP B 153 -2.84 -18.62 19.86
C ASP B 153 -3.00 -20.14 19.77
N ALA B 154 -3.31 -20.67 18.57
CA ALA B 154 -3.34 -22.10 18.32
C ALA B 154 -2.31 -22.41 17.24
N GLY B 155 -1.28 -23.15 17.65
CA GLY B 155 0.02 -23.00 17.05
C GLY B 155 0.72 -21.82 17.69
N PRO B 156 1.61 -22.09 18.69
CA PRO B 156 2.53 -21.05 19.16
C PRO B 156 3.27 -20.38 18.00
N PHE B 157 2.71 -20.46 16.78
CA PHE B 157 3.36 -19.83 15.63
C PHE B 157 2.31 -19.08 14.83
N ASP B 158 1.62 -18.15 15.49
CA ASP B 158 0.65 -17.25 14.85
C ASP B 158 1.46 -16.05 14.35
N PHE B 159 0.83 -14.92 13.99
CA PHE B 159 1.53 -13.65 14.08
C PHE B 159 1.85 -13.49 15.57
N TYR B 160 3.01 -12.90 15.88
CA TYR B 160 3.54 -12.89 17.23
C TYR B 160 3.98 -11.50 17.64
N CYS B 161 5.24 -11.17 17.29
CA CYS B 161 5.91 -9.95 17.70
C CYS B 161 6.15 -9.09 16.47
N LYS B 162 5.92 -7.77 16.61
CA LYS B 162 6.13 -6.83 15.51
C LYS B 162 7.62 -6.49 15.50
N SER B 163 8.18 -6.29 14.31
CA SER B 163 9.59 -5.97 14.25
C SER B 163 9.78 -4.61 13.58
N LEU B 164 11.04 -4.15 13.62
CA LEU B 164 11.41 -2.88 13.04
C LEU B 164 12.03 -3.17 11.69
N CYS B 165 11.94 -2.22 10.78
CA CYS B 165 12.61 -2.39 9.51
C CYS B 165 14.00 -1.80 9.64
N PRO B 166 15.00 -2.57 10.13
CA PRO B 166 16.28 -2.00 10.51
C PRO B 166 17.22 -1.73 9.35
N SER B 167 16.70 -1.92 8.12
CA SER B 167 17.28 -1.29 6.95
C SER B 167 16.77 0.12 6.75
N HIS B 168 15.93 0.62 7.68
CA HIS B 168 15.37 1.96 7.56
C HIS B 168 16.46 3.00 7.86
N PRO B 169 16.86 3.83 6.87
CA PRO B 169 18.07 4.67 7.01
C PRO B 169 17.90 5.72 8.10
N ASP B 170 16.63 5.92 8.48
CA ASP B 170 16.26 6.73 9.63
C ASP B 170 15.91 5.83 10.82
N LEU B 171 16.72 4.81 11.11
CA LEU B 171 16.51 4.06 12.34
C LEU B 171 17.46 4.51 13.45
N LEU B 172 18.77 4.35 13.25
CA LEU B 172 19.72 4.50 14.35
C LEU B 172 19.66 5.90 14.97
N LYS B 173 18.88 6.82 14.36
CA LYS B 173 18.84 8.20 14.78
C LYS B 173 17.77 8.37 15.86
N THR B 174 16.64 7.69 15.69
CA THR B 174 15.59 7.77 16.69
C THR B 174 15.98 6.88 17.87
N ILE B 175 16.46 5.66 17.56
CA ILE B 175 16.83 4.65 18.55
C ILE B 175 17.83 5.21 19.57
N PHE B 176 18.95 5.73 19.06
CA PHE B 176 20.16 5.95 19.84
C PHE B 176 19.87 6.90 21.01
N PRO B 177 19.25 8.08 20.75
CA PRO B 177 18.79 8.99 21.82
C PRO B 177 17.81 8.41 22.84
N LEU B 178 17.44 7.13 22.69
CA LEU B 178 16.81 6.39 23.77
C LEU B 178 17.85 5.49 24.42
N MET B 179 18.67 4.84 23.60
CA MET B 179 19.80 4.06 24.09
C MET B 179 20.73 4.95 24.92
N ASP B 180 21.20 6.05 24.32
CA ASP B 180 22.12 6.95 24.98
C ASP B 180 21.45 7.59 26.20
N GLU B 181 20.16 7.98 26.07
CA GLU B 181 19.35 8.47 27.19
C GLU B 181 19.62 7.62 28.41
N LEU B 182 19.19 6.36 28.37
CA LEU B 182 19.28 5.44 29.49
C LEU B 182 20.72 5.24 29.95
N ILE B 183 21.67 5.23 28.99
CA ILE B 183 23.06 4.85 29.21
C ILE B 183 23.76 5.88 30.09
N ASP B 184 23.89 7.13 29.63
CA ASP B 184 24.53 8.19 30.41
C ASP B 184 23.82 8.39 31.74
N VAL B 185 22.48 8.20 31.73
CA VAL B 185 21.64 8.24 32.92
C VAL B 185 22.24 7.32 33.99
N CYS B 186 22.37 6.03 33.64
CA CYS B 186 22.56 4.93 34.58
C CYS B 186 24.04 4.57 34.81
N GLY B 187 24.95 5.06 33.97
CA GLY B 187 26.34 4.66 34.08
C GLY B 187 26.51 3.15 33.91
N ALA B 188 26.33 2.68 32.66
CA ALA B 188 26.40 1.28 32.30
C ALA B 188 27.75 0.95 31.68
N ASP B 189 28.23 -0.26 32.03
CA ASP B 189 29.28 -0.94 31.31
C ASP B 189 28.62 -1.85 30.27
N ALA B 190 27.28 -1.99 30.36
CA ALA B 190 26.51 -2.84 29.48
C ALA B 190 25.05 -2.39 29.37
N PHE B 191 24.51 -2.68 28.18
CA PHE B 191 23.10 -2.57 27.82
C PHE B 191 22.63 -3.97 27.43
N HIS B 192 21.32 -4.22 27.48
CA HIS B 192 20.77 -5.47 26.96
C HIS B 192 19.87 -5.11 25.78
N VAL B 193 20.10 -5.79 24.64
CA VAL B 193 19.42 -5.47 23.38
C VAL B 193 18.20 -6.36 23.22
N GLY B 194 18.32 -7.64 23.58
CA GLY B 194 17.21 -8.57 23.45
C GLY B 194 17.33 -9.43 22.19
N LEU B 195 16.66 -8.97 21.12
CA LEU B 195 16.72 -9.56 19.79
C LEU B 195 16.25 -11.01 19.83
N ASP B 196 15.12 -11.26 20.56
CA ASP B 196 14.60 -12.62 20.76
C ASP B 196 13.27 -12.80 20.03
N GLU B 197 12.94 -14.07 19.77
CA GLU B 197 12.10 -14.47 18.63
C GLU B 197 11.82 -13.27 17.71
N VAL B 198 12.75 -12.98 16.79
CA VAL B 198 12.50 -12.02 15.72
C VAL B 198 11.84 -12.78 14.59
N TRP B 199 10.59 -13.20 14.86
CA TRP B 199 9.86 -14.14 14.03
C TRP B 199 9.63 -13.60 12.62
N ILE B 200 9.91 -12.32 12.36
CA ILE B 200 9.80 -11.79 11.01
C ILE B 200 11.05 -10.94 10.66
N LEU B 201 11.76 -11.38 9.62
CA LEU B 201 12.85 -10.62 9.01
C LEU B 201 12.88 -10.88 7.51
N GLY B 202 13.24 -9.85 6.74
CA GLY B 202 13.32 -9.98 5.29
C GLY B 202 11.93 -10.13 4.66
N TYR B 203 10.99 -9.32 5.17
CA TYR B 203 9.59 -9.40 4.81
C TYR B 203 9.50 -9.34 3.30
N GLU B 204 8.94 -10.42 2.70
CA GLU B 204 8.78 -10.61 1.27
C GLU B 204 8.28 -9.35 0.58
N LYS B 205 8.10 -8.23 1.31
CA LYS B 205 7.51 -7.02 0.75
C LYS B 205 8.16 -5.73 1.26
N CYS B 206 9.20 -5.83 2.10
CA CYS B 206 9.96 -4.66 2.52
C CYS B 206 10.81 -4.21 1.33
N PRO B 207 10.64 -2.97 0.80
CA PRO B 207 11.50 -2.46 -0.28
C PRO B 207 12.97 -2.31 0.14
N ARG B 208 13.23 -2.54 1.43
CA ARG B 208 14.57 -2.52 2.02
C ARG B 208 15.05 -3.94 2.32
N CYS B 209 14.33 -4.66 3.19
CA CYS B 209 14.75 -5.95 3.73
C CYS B 209 14.32 -7.15 2.85
N GLY B 210 13.34 -6.97 1.98
CA GLY B 210 12.79 -8.10 1.23
C GLY B 210 13.78 -8.70 0.23
N GLY B 211 14.26 -9.91 0.53
CA GLY B 211 15.04 -10.72 -0.41
C GLY B 211 16.45 -11.07 0.08
N ARG B 212 16.74 -10.81 1.37
CA ARG B 212 18.11 -10.83 1.86
C ARG B 212 18.46 -12.19 2.47
N ASP B 213 19.74 -12.58 2.38
CA ASP B 213 20.24 -13.64 3.25
C ASP B 213 19.85 -13.22 4.66
N LYS B 214 18.71 -13.77 5.17
CA LYS B 214 18.18 -13.41 6.49
C LYS B 214 19.28 -13.47 7.53
N ALA B 215 20.14 -14.50 7.39
CA ALA B 215 21.35 -14.59 8.19
C ALA B 215 21.98 -13.22 8.30
N ALA B 216 22.50 -12.71 7.18
CA ALA B 216 23.49 -11.64 7.15
C ALA B 216 22.88 -10.25 7.28
N LEU B 217 21.55 -10.13 7.40
CA LEU B 217 20.95 -8.85 7.74
C LEU B 217 20.94 -8.72 9.25
N PHE B 218 20.33 -9.72 9.92
CA PHE B 218 20.34 -9.82 11.36
C PHE B 218 21.77 -9.61 11.89
N ALA B 219 22.74 -10.11 11.11
CA ALA B 219 24.13 -9.79 11.31
C ALA B 219 24.26 -8.27 11.35
N GLU B 220 24.87 -7.67 10.30
CA GLU B 220 24.74 -6.26 9.97
C GLU B 220 24.07 -5.48 11.11
N TYR B 221 22.80 -5.76 11.42
CA TYR B 221 22.15 -5.07 12.51
C TYR B 221 22.85 -5.37 13.83
N ALA B 222 23.06 -6.64 14.16
CA ALA B 222 23.57 -7.01 15.47
C ALA B 222 24.89 -6.30 15.71
N THR B 223 25.79 -6.39 14.72
CA THR B 223 27.05 -5.66 14.65
C THR B 223 26.85 -4.16 14.58
N LYS B 224 25.70 -3.70 14.07
CA LYS B 224 25.37 -2.29 14.15
C LYS B 224 25.24 -1.88 15.62
N LEU B 225 24.60 -2.71 16.46
CA LEU B 225 24.26 -2.29 17.82
C LEU B 225 25.39 -2.65 18.81
N HIS B 226 26.38 -3.44 18.36
CA HIS B 226 27.65 -3.65 19.05
C HIS B 226 28.45 -2.35 19.16
N ASP B 227 28.68 -1.68 18.02
CA ASP B 227 29.63 -0.60 17.89
C ASP B 227 29.19 0.65 18.67
N HIS B 228 27.89 0.99 18.59
CA HIS B 228 27.34 2.19 19.21
C HIS B 228 27.76 2.28 20.67
N LEU B 229 27.81 1.09 21.31
CA LEU B 229 28.04 0.92 22.73
C LEU B 229 29.55 0.78 22.97
N LYS B 230 30.25 0.17 22.00
CA LYS B 230 31.71 0.21 21.95
C LYS B 230 32.22 1.65 22.06
N GLU B 231 31.43 2.60 21.52
CA GLU B 231 31.68 4.02 21.73
C GLU B 231 31.49 4.37 23.21
N LYS B 232 30.29 4.12 23.75
CA LYS B 232 29.89 4.58 25.08
C LYS B 232 30.39 3.62 26.15
N LYS B 233 31.58 3.04 25.93
CA LYS B 233 32.35 2.31 26.94
C LYS B 233 31.50 1.14 27.47
N CYS B 234 30.97 0.37 26.51
CA CYS B 234 29.77 -0.42 26.70
C CYS B 234 29.93 -1.79 26.04
N GLN B 235 29.62 -2.85 26.80
CA GLN B 235 29.49 -4.21 26.30
C GLN B 235 28.07 -4.39 25.76
N MET B 236 27.80 -5.51 25.06
CA MET B 236 26.52 -5.75 24.43
C MET B 236 25.92 -7.04 24.99
N TRP B 237 24.64 -7.01 25.37
CA TRP B 237 23.95 -8.18 25.93
C TRP B 237 22.69 -8.52 25.13
N MET B 238 22.56 -9.77 24.68
CA MET B 238 21.49 -10.16 23.77
C MET B 238 21.04 -11.59 24.09
N TRP B 239 19.76 -11.89 23.86
CA TRP B 239 19.30 -13.27 23.89
C TRP B 239 19.89 -13.98 22.67
N SER B 240 19.65 -15.29 22.59
CA SER B 240 20.39 -16.21 21.74
C SER B 240 19.60 -16.60 20.50
N ASP B 241 18.34 -17.01 20.74
CA ASP B 241 17.59 -17.90 19.87
C ASP B 241 18.06 -17.78 18.43
N ARG B 242 17.78 -16.63 17.78
CA ARG B 242 18.06 -16.53 16.36
C ARG B 242 19.42 -17.12 16.02
N LEU B 243 20.35 -17.19 16.99
CA LEU B 243 21.73 -17.57 16.69
C LEU B 243 21.90 -19.09 16.72
N ILE B 244 20.86 -19.86 16.37
CA ILE B 244 20.82 -21.30 16.56
C ILE B 244 19.79 -21.92 15.63
N ASP B 245 20.17 -23.04 15.00
CA ASP B 245 19.22 -23.87 14.28
C ASP B 245 18.23 -24.46 15.28
N GLY B 246 17.00 -23.96 15.30
CA GLY B 246 15.96 -24.65 16.04
C GLY B 246 15.72 -26.03 15.43
N LYS B 247 16.19 -26.19 14.20
CA LYS B 247 15.65 -27.19 13.28
C LYS B 247 16.52 -28.45 13.29
N THR B 248 17.81 -28.34 12.98
CA THR B 248 18.70 -29.45 13.27
C THR B 248 18.48 -29.95 14.69
N THR B 249 18.29 -29.01 15.60
CA THR B 249 18.33 -29.25 17.02
C THR B 249 17.01 -29.80 17.54
N ASN B 250 15.90 -29.28 17.02
CA ASN B 250 14.61 -29.52 17.63
C ASN B 250 14.65 -28.92 19.04
N LEU B 251 14.76 -27.60 19.09
CA LEU B 251 14.90 -26.86 20.34
C LEU B 251 13.67 -25.97 20.55
N LEU B 252 13.36 -25.20 19.51
CA LEU B 252 12.04 -24.65 19.25
C LEU B 252 12.22 -23.27 18.60
N GLY B 253 11.13 -22.76 18.03
CA GLY B 253 11.18 -21.56 17.23
C GLY B 253 11.17 -20.32 18.11
N TRP B 254 11.12 -20.61 19.40
CA TRP B 254 11.28 -19.63 20.45
C TRP B 254 12.75 -19.55 20.78
N GLN B 255 13.23 -20.71 21.19
CA GLN B 255 14.47 -20.89 21.89
C GLN B 255 15.60 -20.96 20.88
N ALA B 256 15.24 -21.31 19.63
CA ALA B 256 16.17 -21.26 18.53
C ALA B 256 15.49 -20.61 17.33
N SER B 257 16.20 -20.49 16.20
CA SER B 257 15.68 -19.85 15.01
C SER B 257 14.96 -20.86 14.12
N MET B 258 14.42 -20.34 13.02
CA MET B 258 13.38 -21.01 12.26
C MET B 258 13.44 -20.57 10.79
N ASN B 259 14.48 -19.82 10.43
CA ASN B 259 14.42 -18.92 9.30
C ASN B 259 15.81 -18.45 8.87
N ALA B 260 16.80 -19.34 8.99
CA ALA B 260 18.17 -19.16 8.53
C ALA B 260 18.79 -17.85 9.03
N THR B 261 18.53 -17.56 10.32
CA THR B 261 19.13 -16.46 11.05
C THR B 261 20.11 -16.98 12.11
N PHE B 262 20.69 -18.16 11.86
CA PHE B 262 21.62 -18.74 12.80
C PHE B 262 23.02 -18.81 12.19
N ARG B 263 23.14 -18.71 10.87
CA ARG B 263 24.45 -18.75 10.24
C ARG B 263 25.08 -17.38 10.49
N ALA B 264 24.23 -16.44 10.90
CA ALA B 264 24.64 -15.10 11.26
C ALA B 264 25.48 -15.09 12.54
N ILE B 265 25.81 -16.28 13.09
CA ILE B 265 26.48 -16.36 14.38
C ILE B 265 27.99 -16.21 14.17
N ASP B 266 28.40 -16.27 12.89
CA ASP B 266 29.79 -16.33 12.45
C ASP B 266 30.23 -15.00 11.82
N LEU B 267 29.37 -13.98 11.93
CA LEU B 267 29.68 -12.63 11.45
C LEU B 267 29.39 -11.59 12.54
N ILE B 268 29.53 -11.98 13.81
CA ILE B 268 29.31 -11.01 14.89
C ILE B 268 30.50 -11.03 15.86
N PRO B 269 30.77 -9.89 16.54
CA PRO B 269 31.87 -9.83 17.52
C PRO B 269 31.65 -10.80 18.69
N THR B 270 32.76 -11.28 19.25
CA THR B 270 32.70 -12.33 20.26
C THR B 270 32.45 -11.74 21.64
N ASP B 271 32.46 -10.39 21.74
CA ASP B 271 32.25 -9.70 23.01
C ASP B 271 30.75 -9.43 23.19
N ILE B 272 29.93 -10.16 22.43
CA ILE B 272 28.49 -10.23 22.63
C ILE B 272 28.17 -11.41 23.55
N MET B 273 28.05 -11.13 24.86
CA MET B 273 27.51 -12.01 25.89
C MET B 273 26.14 -12.54 25.48
N ILE B 274 26.06 -13.83 25.11
CA ILE B 274 24.81 -14.44 24.70
C ILE B 274 24.03 -14.82 25.95
N CYS B 275 22.70 -14.61 25.94
CA CYS B 275 21.79 -15.01 27.00
C CYS B 275 20.86 -16.11 26.50
N ASP B 276 21.38 -17.33 26.35
CA ASP B 276 20.65 -18.43 25.72
C ASP B 276 19.69 -19.03 26.73
N TRP B 277 18.41 -18.65 26.63
CA TRP B 277 17.39 -19.12 27.55
C TRP B 277 16.67 -20.35 26.99
N LYS B 278 16.42 -21.34 27.87
CA LYS B 278 15.70 -22.57 27.55
C LYS B 278 14.97 -23.05 28.81
N TYR B 279 13.66 -22.74 28.95
CA TYR B 279 13.02 -22.77 30.26
C TYR B 279 12.48 -24.14 30.68
N GLU B 280 12.41 -25.12 29.75
CA GLU B 280 11.65 -26.34 29.97
C GLU B 280 12.53 -27.59 29.87
N SER B 281 13.70 -27.45 29.21
CA SER B 281 14.73 -28.47 29.12
C SER B 281 16.08 -27.77 29.01
N ALA B 282 17.14 -28.53 29.25
CA ALA B 282 18.52 -28.04 29.35
C ALA B 282 19.40 -28.63 28.25
N PRO B 283 19.36 -28.10 27.02
CA PRO B 283 20.22 -28.57 25.92
C PRO B 283 21.67 -28.09 25.90
N PRO B 284 22.50 -28.50 24.90
CA PRO B 284 23.93 -28.13 24.83
C PRO B 284 24.37 -26.88 24.09
N THR B 285 23.47 -25.91 23.98
CA THR B 285 23.77 -24.64 23.32
C THR B 285 24.99 -23.93 23.97
N PRO B 286 25.10 -23.81 25.32
CA PRO B 286 26.18 -23.00 25.91
C PRO B 286 27.56 -23.32 25.35
N GLY B 287 27.86 -24.63 25.31
CA GLY B 287 29.10 -25.12 24.75
C GLY B 287 29.21 -24.77 23.26
N TYR B 288 28.09 -24.85 22.55
CA TYR B 288 28.03 -24.38 21.18
C TYR B 288 28.48 -22.92 21.15
N PHE B 289 27.94 -22.11 22.07
CA PHE B 289 28.22 -20.68 22.03
C PHE B 289 29.71 -20.47 22.31
N ALA B 290 30.18 -20.93 23.48
CA ALA B 290 31.49 -20.63 24.02
C ALA B 290 32.64 -21.22 23.20
N ILE B 291 32.29 -22.03 22.19
CA ILE B 291 33.21 -22.61 21.23
C ILE B 291 33.30 -21.69 20.01
N LYS B 292 32.18 -21.07 19.61
CA LYS B 292 32.18 -19.98 18.65
C LYS B 292 32.91 -18.75 19.21
N GLY B 293 32.93 -18.60 20.55
CA GLY B 293 33.86 -17.68 21.21
C GLY B 293 33.18 -16.75 22.21
N PHE B 294 31.88 -16.97 22.41
CA PHE B 294 31.05 -16.04 23.16
C PHE B 294 31.12 -16.39 24.64
N ASN B 295 31.30 -15.36 25.47
CA ASN B 295 30.82 -15.37 26.84
C ASN B 295 29.32 -15.68 26.78
N VAL B 296 28.82 -16.47 27.75
CA VAL B 296 27.47 -17.01 27.69
C VAL B 296 26.97 -17.34 29.10
N LEU B 297 25.64 -17.26 29.28
CA LEU B 297 24.96 -17.50 30.54
C LEU B 297 23.56 -18.07 30.25
N PRO B 298 23.26 -19.32 30.67
CA PRO B 298 21.88 -19.83 30.63
C PRO B 298 20.92 -18.87 31.34
N SER B 299 19.69 -18.76 30.82
CA SER B 299 18.67 -17.90 31.40
C SER B 299 17.38 -18.70 31.69
N SER B 300 16.92 -18.64 32.95
CA SER B 300 16.05 -19.63 33.56
C SER B 300 14.88 -18.97 34.26
N CYS B 301 13.68 -19.57 34.10
CA CYS B 301 12.42 -18.91 34.41
C CYS B 301 11.68 -19.63 35.55
N SER B 302 10.96 -20.74 35.23
CA SER B 302 9.78 -21.18 35.98
C SER B 302 9.90 -22.58 36.61
N ASN B 303 10.85 -23.43 36.17
CA ASN B 303 10.84 -24.86 36.49
C ASN B 303 12.18 -25.25 37.12
N SER B 304 12.17 -25.77 38.35
CA SER B 304 13.39 -25.90 39.14
C SER B 304 14.24 -27.13 38.74
N GLU B 305 13.73 -28.01 37.85
CA GLU B 305 14.47 -29.19 37.42
C GLU B 305 15.20 -28.92 36.11
N VAL B 306 14.97 -27.72 35.55
CA VAL B 306 15.76 -27.21 34.44
C VAL B 306 16.75 -26.18 34.97
N ALA B 307 16.33 -25.45 36.00
CA ALA B 307 17.12 -24.38 36.59
C ALA B 307 18.40 -24.94 37.21
N LEU B 308 18.24 -25.92 38.12
CA LEU B 308 19.34 -26.58 38.81
C LEU B 308 19.95 -27.69 37.93
N ALA B 309 19.72 -27.62 36.62
CA ALA B 309 20.49 -28.46 35.71
C ALA B 309 21.49 -27.59 34.92
N GLN B 310 21.02 -26.74 34.00
CA GLN B 310 21.88 -25.68 33.49
C GLN B 310 22.95 -25.33 34.53
N LEU B 311 22.52 -24.68 35.63
CA LEU B 311 23.36 -24.30 36.76
C LEU B 311 24.46 -25.33 37.02
N ALA B 312 24.06 -26.61 37.04
CA ALA B 312 24.98 -27.72 37.23
C ALA B 312 25.95 -27.82 36.03
N GLN B 313 25.39 -27.92 34.82
CA GLN B 313 26.21 -28.03 33.62
C GLN B 313 27.33 -26.99 33.73
N VAL B 314 26.94 -25.74 34.00
CA VAL B 314 27.83 -24.59 34.02
C VAL B 314 29.03 -24.86 34.93
N ARG B 315 28.79 -25.56 36.05
CA ARG B 315 29.83 -25.89 37.00
C ARG B 315 30.86 -26.83 36.35
N LEU B 316 30.40 -28.04 36.01
CA LEU B 316 31.12 -29.03 35.21
C LEU B 316 31.68 -28.35 33.96
N ALA B 317 30.81 -27.65 33.23
CA ALA B 317 31.24 -26.92 32.05
C ALA B 317 32.44 -26.05 32.40
N ARG B 318 32.35 -25.37 33.55
CA ARG B 318 33.43 -24.52 34.07
C ARG B 318 34.58 -25.34 34.65
N LYS B 319 34.23 -26.45 35.30
CA LYS B 319 35.16 -27.40 35.89
C LYS B 319 36.10 -28.00 34.82
N ASP B 320 35.71 -27.92 33.54
CA ASP B 320 36.60 -28.12 32.39
C ASP B 320 37.91 -27.38 32.63
N GLY B 321 37.82 -26.16 33.17
CA GLY B 321 38.90 -25.20 33.09
C GLY B 321 40.13 -25.53 33.93
N THR B 322 40.02 -26.48 34.87
CA THR B 322 41.13 -26.81 35.77
C THR B 322 41.94 -28.02 35.30
N ARG B 323 41.58 -28.61 34.14
CA ARG B 323 42.25 -29.84 33.69
C ARG B 323 43.48 -29.48 32.86
N ALA B 324 43.19 -28.93 31.68
CA ALA B 324 44.21 -28.54 30.73
C ALA B 324 44.35 -27.03 30.77
N PRO B 325 45.59 -26.50 30.76
CA PRO B 325 45.81 -25.06 30.86
C PRO B 325 45.18 -24.31 29.69
N TRP B 326 45.17 -24.92 28.50
CA TRP B 326 44.48 -24.38 27.34
C TRP B 326 42.95 -24.39 27.54
N ALA B 327 42.48 -25.11 28.56
CA ALA B 327 41.06 -25.34 28.78
C ALA B 327 40.39 -24.22 29.58
N VAL B 328 40.95 -23.00 29.63
CA VAL B 328 40.39 -21.93 30.45
C VAL B 328 39.45 -21.06 29.62
N THR B 329 39.61 -20.97 28.29
CA THR B 329 38.70 -20.13 27.53
C THR B 329 37.28 -20.69 27.67
N LEU B 330 37.11 -21.97 27.33
CA LEU B 330 35.80 -22.58 27.24
C LEU B 330 35.09 -22.50 28.59
N ALA B 331 35.84 -22.78 29.66
CA ALA B 331 35.32 -22.67 31.02
C ALA B 331 35.25 -21.20 31.43
N GLU B 332 36.11 -20.34 30.84
CA GLU B 332 35.97 -18.89 30.98
C GLU B 332 34.54 -18.55 30.58
N ARG B 333 34.27 -18.67 29.28
CA ARG B 333 33.14 -18.05 28.61
C ARG B 333 31.80 -18.59 29.16
N MET B 334 31.82 -19.72 29.88
CA MET B 334 30.67 -20.16 30.65
C MET B 334 30.56 -19.31 31.92
N GLN B 335 30.28 -18.02 31.74
CA GLN B 335 30.46 -17.01 32.75
C GLN B 335 29.70 -17.33 34.04
N GLY B 336 28.61 -18.10 33.95
CA GLY B 336 27.68 -18.33 35.05
C GLY B 336 26.28 -18.71 34.56
N VAL B 337 25.25 -18.01 35.08
CA VAL B 337 23.87 -18.18 34.67
C VAL B 337 23.10 -16.86 34.77
N PHE B 338 21.88 -16.81 34.21
CA PHE B 338 21.04 -15.62 34.20
C PHE B 338 19.57 -15.97 34.46
N VAL B 339 19.19 -16.37 35.68
CA VAL B 339 17.79 -16.59 36.00
C VAL B 339 16.97 -15.30 35.71
N THR B 340 15.71 -15.46 35.25
CA THR B 340 14.90 -14.34 34.79
C THR B 340 13.49 -14.37 35.36
N MET B 341 12.66 -13.40 34.94
CA MET B 341 11.21 -13.54 34.99
C MET B 341 10.60 -12.50 34.07
N TRP B 342 9.32 -12.68 33.68
CA TRP B 342 8.75 -11.82 32.64
C TRP B 342 7.34 -11.37 33.02
N GLU B 343 6.97 -11.48 34.31
CA GLU B 343 5.68 -11.05 34.84
C GLU B 343 5.90 -10.05 35.98
N ASP B 344 5.06 -9.01 36.05
CA ASP B 344 5.25 -7.81 36.87
C ASP B 344 5.90 -8.08 38.23
N SER B 345 6.62 -7.06 38.71
CA SER B 345 7.68 -7.20 39.71
C SER B 345 7.17 -7.01 41.13
N LYS B 346 6.06 -6.28 41.34
CA LYS B 346 5.40 -6.33 42.64
C LYS B 346 4.70 -7.68 42.76
N GLU B 347 4.08 -8.14 41.66
CA GLU B 347 3.41 -9.44 41.58
C GLU B 347 4.39 -10.57 41.94
N PHE B 348 5.52 -10.59 41.23
CA PHE B 348 6.66 -11.42 41.56
C PHE B 348 6.99 -11.25 43.05
N ILE B 349 7.47 -10.06 43.45
CA ILE B 349 7.88 -9.77 44.82
C ILE B 349 6.94 -10.47 45.80
N ASP B 350 5.67 -10.08 45.76
CA ASP B 350 4.70 -10.50 46.75
C ASP B 350 4.67 -12.03 46.79
N ALA B 351 4.74 -12.67 45.61
CA ALA B 351 4.99 -14.12 45.52
C ALA B 351 6.17 -14.56 46.40
N TYR B 352 7.34 -13.95 46.20
CA TYR B 352 8.57 -14.33 46.88
C TYR B 352 8.34 -14.51 48.39
N TYR B 353 7.35 -13.81 48.93
CA TYR B 353 7.10 -13.83 50.36
C TYR B 353 6.05 -14.89 50.68
N GLY B 354 5.56 -15.57 49.65
CA GLY B 354 4.36 -16.37 49.79
C GLY B 354 3.26 -15.54 50.43
N ARG B 355 3.05 -14.34 49.87
CA ARG B 355 2.10 -13.36 50.38
C ARG B 355 0.74 -13.58 49.74
N ASN B 356 -0.31 -13.35 50.52
CA ASN B 356 -1.65 -13.46 49.97
C ASN B 356 -1.88 -14.90 49.53
N GLY B 357 -0.88 -15.76 49.83
CA GLY B 357 -0.73 -17.05 49.17
C GLY B 357 -0.66 -16.95 47.64
N LYS B 358 0.38 -16.28 47.11
CA LYS B 358 0.71 -16.31 45.69
C LYS B 358 1.96 -17.15 45.46
N LYS B 359 1.87 -18.14 44.56
CA LYS B 359 2.94 -19.11 44.34
C LYS B 359 3.39 -19.12 42.89
N LEU B 360 4.29 -18.17 42.55
CA LEU B 360 4.77 -17.91 41.21
C LEU B 360 6.12 -18.60 40.95
N PRO B 361 6.18 -19.64 40.08
CA PRO B 361 7.39 -20.43 39.86
C PRO B 361 8.59 -19.71 39.26
N SER B 362 8.55 -18.38 39.20
CA SER B 362 9.69 -17.56 38.82
C SER B 362 10.47 -17.20 40.09
N ALA B 363 9.71 -16.76 41.11
CA ALA B 363 10.22 -16.67 42.47
C ALA B 363 10.78 -18.03 42.90
N GLU B 364 9.91 -19.04 43.03
CA GLU B 364 10.28 -20.38 43.49
C GLU B 364 11.58 -20.82 42.81
N THR B 365 11.88 -20.30 41.62
CA THR B 365 12.99 -20.76 40.79
C THR B 365 14.21 -19.85 40.93
N PHE B 366 13.96 -18.61 41.38
CA PHE B 366 14.96 -17.61 41.75
C PHE B 366 15.52 -17.95 43.13
N LYS B 367 14.59 -18.23 44.04
CA LYS B 367 14.89 -18.73 45.37
C LYS B 367 15.81 -19.95 45.29
N ALA B 368 15.24 -21.06 44.78
CA ALA B 368 15.83 -22.38 44.89
C ALA B 368 17.09 -22.56 44.04
N VAL B 369 17.56 -21.51 43.36
CA VAL B 369 18.79 -21.59 42.60
C VAL B 369 19.90 -20.83 43.33
N PHE B 370 19.52 -19.75 44.03
CA PHE B 370 20.48 -18.86 44.65
C PHE B 370 21.03 -19.49 45.93
N ALA B 371 20.17 -20.23 46.65
CA ALA B 371 20.65 -21.19 47.64
C ALA B 371 21.70 -22.07 46.96
N GLN B 372 21.26 -23.08 46.18
CA GLN B 372 22.19 -24.05 45.62
C GLN B 372 23.56 -23.40 45.52
N ILE B 373 23.59 -22.19 44.94
CA ILE B 373 24.84 -21.48 44.64
C ILE B 373 25.53 -21.07 45.95
N ARG B 374 24.86 -20.26 46.77
CA ARG B 374 25.26 -20.05 48.16
C ARG B 374 25.79 -21.35 48.76
N LYS B 375 24.96 -22.40 48.77
CA LYS B 375 25.29 -23.62 49.49
C LYS B 375 26.66 -24.10 49.01
N GLU B 376 26.84 -24.07 47.69
CA GLU B 376 28.10 -24.46 47.09
C GLU B 376 29.22 -23.57 47.66
N GLU B 377 29.13 -22.26 47.38
CA GLU B 377 30.22 -21.32 47.62
C GLU B 377 30.45 -21.10 49.12
N VAL B 378 29.49 -21.54 49.97
CA VAL B 378 29.60 -21.50 51.42
C VAL B 378 30.58 -22.55 51.95
N MET B 379 30.30 -23.83 51.67
CA MET B 379 31.25 -24.90 51.97
C MET B 379 32.60 -24.45 51.44
N ASN B 380 32.56 -23.97 50.19
CA ASN B 380 33.67 -23.41 49.47
C ASN B 380 34.09 -22.08 50.11
N GLN C 32 -2.17 -11.54 -26.01
CA GLN C 32 -1.87 -11.69 -27.46
C GLN C 32 -3.06 -11.13 -28.26
N PHE C 33 -2.78 -10.03 -28.97
CA PHE C 33 -3.78 -9.11 -29.48
C PHE C 33 -3.03 -8.05 -30.31
N GLU C 34 -3.51 -7.79 -31.53
CA GLU C 34 -2.79 -6.92 -32.45
C GLU C 34 -3.38 -5.53 -32.41
N TRP C 35 -2.58 -4.51 -32.10
CA TRP C 35 -3.09 -3.16 -32.28
C TRP C 35 -2.85 -2.69 -33.71
N ASN C 36 -1.71 -3.06 -34.31
CA ASN C 36 -1.33 -2.49 -35.60
C ASN C 36 -2.16 -3.09 -36.73
N LYS C 37 -2.59 -4.34 -36.60
CA LYS C 37 -3.27 -4.95 -37.72
C LYS C 37 -4.76 -4.72 -37.57
N LEU C 38 -5.38 -4.22 -38.63
CA LEU C 38 -6.80 -3.96 -38.66
C LEU C 38 -7.51 -5.17 -39.23
N PRO C 39 -8.24 -5.93 -38.39
CA PRO C 39 -9.06 -7.07 -38.84
C PRO C 39 -10.03 -6.79 -39.99
N VAL C 40 -11.08 -6.01 -39.73
CA VAL C 40 -11.88 -5.47 -40.81
C VAL C 40 -11.19 -4.21 -41.33
N LYS C 41 -10.89 -4.21 -42.65
CA LYS C 41 -10.46 -3.06 -43.42
C LYS C 41 -11.33 -3.01 -44.66
N ALA C 42 -12.62 -2.71 -44.42
CA ALA C 42 -13.67 -2.87 -45.40
C ALA C 42 -13.70 -1.67 -46.35
N MET C 43 -14.38 -1.85 -47.50
CA MET C 43 -14.86 -0.73 -48.27
C MET C 43 -16.34 -0.95 -48.55
N LEU C 44 -17.01 0.04 -49.16
CA LEU C 44 -18.36 -0.06 -49.66
C LEU C 44 -18.30 0.12 -51.17
N LEU C 45 -18.86 -0.82 -51.95
CA LEU C 45 -19.03 -0.54 -53.37
C LEU C 45 -20.52 -0.48 -53.66
N THR C 46 -20.86 0.06 -54.82
CA THR C 46 -22.21 0.04 -55.35
C THR C 46 -22.38 -1.15 -56.32
N VAL C 47 -23.47 -1.92 -56.16
CA VAL C 47 -23.79 -3.07 -57.00
C VAL C 47 -23.76 -2.65 -58.46
N PRO C 48 -22.90 -3.27 -59.29
CA PRO C 48 -22.74 -2.82 -60.69
C PRO C 48 -23.96 -3.16 -61.52
N HIS C 49 -24.36 -2.22 -62.39
CA HIS C 49 -25.22 -2.50 -63.53
C HIS C 49 -24.63 -3.68 -64.29
N PRO C 50 -25.41 -4.74 -64.59
CA PRO C 50 -24.89 -6.02 -65.06
C PRO C 50 -23.81 -5.95 -66.14
N GLU C 51 -23.90 -4.92 -66.99
CA GLU C 51 -22.97 -4.78 -68.09
C GLU C 51 -21.55 -4.59 -67.54
N ASP C 52 -21.41 -3.83 -66.44
CA ASP C 52 -20.09 -3.34 -66.04
C ASP C 52 -19.42 -4.35 -65.11
N VAL C 53 -19.94 -5.58 -65.10
CA VAL C 53 -19.57 -6.55 -64.07
C VAL C 53 -18.16 -7.10 -64.29
N PRO C 54 -17.75 -7.54 -65.51
CA PRO C 54 -16.42 -8.11 -65.69
C PRO C 54 -15.30 -7.14 -65.30
N GLU C 55 -15.41 -5.89 -65.79
CA GLU C 55 -14.51 -4.80 -65.40
C GLU C 55 -14.43 -4.80 -63.86
N PHE C 56 -15.57 -4.51 -63.22
CA PHE C 56 -15.72 -4.55 -61.77
C PHE C 56 -14.96 -5.71 -61.11
N CYS C 57 -15.08 -6.93 -61.67
CA CYS C 57 -14.48 -8.13 -61.10
C CYS C 57 -12.97 -8.20 -61.40
N ARG C 58 -12.44 -7.18 -62.10
CA ARG C 58 -11.01 -7.06 -62.35
C ARG C 58 -10.39 -6.04 -61.38
N PHE C 59 -11.15 -5.00 -61.02
CA PHE C 59 -10.80 -4.15 -59.90
C PHE C 59 -10.66 -4.98 -58.63
N ILE C 60 -11.68 -5.81 -58.39
CA ILE C 60 -11.82 -6.45 -57.09
C ILE C 60 -10.56 -7.21 -56.76
N LYS C 61 -9.86 -7.68 -57.81
CA LYS C 61 -8.68 -8.53 -57.69
C LYS C 61 -7.39 -7.74 -57.87
N GLU C 62 -7.40 -6.67 -58.69
CA GLU C 62 -6.15 -6.05 -59.14
C GLU C 62 -5.80 -4.82 -58.28
N VAL C 63 -6.71 -4.43 -57.37
CA VAL C 63 -6.50 -3.24 -56.57
C VAL C 63 -6.70 -3.56 -55.11
N LEU C 64 -7.85 -4.18 -54.81
CA LEU C 64 -8.35 -4.21 -53.44
C LEU C 64 -7.38 -4.95 -52.50
N PRO C 65 -6.62 -5.97 -52.97
CA PRO C 65 -5.57 -6.57 -52.14
C PRO C 65 -4.31 -5.72 -52.10
N LYS C 66 -4.24 -4.77 -53.03
CA LYS C 66 -3.09 -3.87 -53.18
C LYS C 66 -3.34 -2.65 -52.29
N GLU C 67 -4.52 -2.05 -52.40
CA GLU C 67 -4.96 -1.10 -51.40
C GLU C 67 -5.15 -1.82 -50.05
N GLY C 68 -5.55 -3.11 -50.09
CA GLY C 68 -5.51 -3.98 -48.91
C GLY C 68 -6.84 -4.10 -48.17
N VAL C 69 -7.95 -3.77 -48.84
CA VAL C 69 -9.31 -4.12 -48.49
C VAL C 69 -9.46 -5.62 -48.30
N ASN C 70 -9.78 -6.08 -47.08
CA ASN C 70 -9.87 -7.51 -46.82
C ASN C 70 -11.32 -7.93 -46.65
N THR C 71 -12.24 -6.97 -46.81
CA THR C 71 -13.66 -7.13 -46.56
C THR C 71 -14.39 -6.24 -47.55
N LEU C 72 -15.57 -6.62 -48.05
CA LEU C 72 -16.28 -5.71 -48.94
C LEU C 72 -17.76 -6.04 -49.03
N VAL C 73 -18.57 -4.97 -48.85
CA VAL C 73 -20.02 -4.96 -48.78
C VAL C 73 -20.62 -4.56 -50.13
N LEU C 74 -21.34 -5.44 -50.83
CA LEU C 74 -21.99 -4.99 -52.05
C LEU C 74 -23.29 -4.25 -51.72
N ARG C 75 -23.40 -2.98 -52.13
CA ARG C 75 -24.68 -2.29 -52.05
C ARG C 75 -25.60 -2.97 -53.06
N ILE C 76 -26.10 -4.16 -52.68
CA ILE C 76 -26.93 -4.98 -53.53
C ILE C 76 -28.28 -4.28 -53.64
N ARG C 77 -28.99 -4.22 -52.51
CA ARG C 77 -30.35 -3.72 -52.41
C ARG C 77 -31.26 -4.67 -53.20
N TYR C 78 -31.82 -4.19 -54.30
CA TYR C 78 -32.88 -4.94 -54.96
C TYR C 78 -32.49 -5.28 -56.38
N ASN C 79 -31.33 -4.80 -56.82
CA ASN C 79 -30.87 -5.05 -58.16
C ASN C 79 -30.24 -6.45 -58.20
N TYR C 80 -31.09 -7.48 -58.05
CA TYR C 80 -30.68 -8.89 -58.18
C TYR C 80 -31.88 -9.75 -58.55
N LYS C 81 -31.66 -10.65 -59.50
CA LYS C 81 -32.71 -11.41 -60.13
C LYS C 81 -33.24 -12.43 -59.14
N PHE C 82 -34.00 -11.91 -58.17
CA PHE C 82 -34.59 -12.69 -57.10
C PHE C 82 -35.46 -13.81 -57.69
N LYS C 83 -35.26 -15.03 -57.19
CA LYS C 83 -36.05 -16.23 -57.50
C LYS C 83 -37.25 -16.32 -56.58
N SER C 84 -37.01 -16.20 -55.26
CA SER C 84 -38.04 -16.22 -54.24
C SER C 84 -39.26 -15.40 -54.66
N HIS C 85 -39.00 -14.23 -55.27
CA HIS C 85 -40.05 -13.35 -55.74
C HIS C 85 -39.50 -12.44 -56.83
N PRO C 86 -39.57 -12.85 -58.14
CA PRO C 86 -39.04 -12.07 -59.27
C PRO C 86 -39.59 -10.66 -59.49
N GLU C 87 -40.68 -10.32 -58.81
CA GLU C 87 -41.35 -9.05 -59.08
C GLU C 87 -40.79 -7.96 -58.18
N LEU C 88 -39.89 -8.34 -57.27
CA LEU C 88 -39.23 -7.38 -56.40
C LEU C 88 -37.83 -7.09 -56.93
N ALA C 89 -37.31 -8.01 -57.77
CA ALA C 89 -36.02 -7.85 -58.42
C ALA C 89 -36.00 -6.55 -59.22
N GLY C 90 -35.01 -5.69 -58.93
CA GLY C 90 -34.98 -4.32 -59.40
C GLY C 90 -34.94 -4.19 -60.93
N GLU C 91 -35.06 -2.94 -61.41
CA GLU C 91 -34.95 -2.61 -62.81
C GLU C 91 -33.63 -3.18 -63.36
N ARG C 92 -32.52 -2.54 -62.96
CA ARG C 92 -31.20 -2.88 -63.48
C ARG C 92 -30.62 -3.99 -62.58
N ALA C 93 -31.49 -4.89 -62.13
CA ALA C 93 -31.14 -6.15 -61.50
C ALA C 93 -30.00 -6.85 -62.23
N ILE C 94 -29.10 -7.49 -61.47
CA ILE C 94 -28.04 -8.28 -62.07
C ILE C 94 -28.35 -9.77 -61.86
N SER C 95 -27.37 -10.67 -61.98
CA SER C 95 -27.69 -12.09 -62.01
C SER C 95 -26.76 -12.94 -61.16
N GLU C 96 -27.25 -14.16 -60.88
CA GLU C 96 -26.55 -15.22 -60.16
C GLU C 96 -25.14 -15.46 -60.71
N GLN C 97 -25.00 -15.35 -62.04
CA GLN C 97 -23.68 -15.45 -62.66
C GLN C 97 -22.90 -14.18 -62.34
N GLN C 98 -23.50 -13.02 -62.61
CA GLN C 98 -22.78 -11.77 -62.47
C GLN C 98 -22.25 -11.61 -61.03
N LEU C 99 -22.71 -12.50 -60.11
CA LEU C 99 -22.57 -12.34 -58.66
C LEU C 99 -21.62 -13.37 -58.03
N LYS C 100 -21.98 -14.66 -58.04
CA LYS C 100 -21.09 -15.71 -57.54
C LYS C 100 -19.67 -15.46 -58.04
N GLN C 101 -19.61 -14.75 -59.19
CA GLN C 101 -18.37 -14.30 -59.79
C GLN C 101 -17.70 -13.23 -58.91
N ILE C 102 -18.48 -12.38 -58.21
CA ILE C 102 -17.90 -11.39 -57.31
C ILE C 102 -17.63 -11.99 -55.92
N VAL C 103 -17.77 -13.31 -55.79
CA VAL C 103 -17.64 -13.98 -54.51
C VAL C 103 -16.36 -14.81 -54.56
N GLN C 104 -16.08 -15.26 -55.77
CA GLN C 104 -14.95 -16.08 -56.17
C GLN C 104 -13.81 -15.12 -56.48
N THR C 105 -14.09 -14.21 -57.41
CA THR C 105 -13.26 -13.03 -57.56
C THR C 105 -12.72 -12.71 -56.17
N CYS C 106 -13.61 -12.21 -55.31
CA CYS C 106 -13.21 -11.82 -53.98
C CYS C 106 -12.29 -12.92 -53.45
N LYS C 107 -12.77 -14.16 -53.50
CA LYS C 107 -12.08 -15.32 -52.94
C LYS C 107 -10.59 -15.27 -53.27
N GLU C 108 -10.26 -14.86 -54.50
CA GLU C 108 -8.86 -14.66 -54.88
C GLU C 108 -8.21 -13.53 -54.09
N ALA C 109 -8.85 -12.37 -54.09
CA ALA C 109 -8.34 -11.20 -53.40
C ALA C 109 -8.38 -11.41 -51.89
N LYS C 110 -9.12 -12.44 -51.45
CA LYS C 110 -9.19 -12.79 -50.04
C LYS C 110 -9.93 -11.65 -49.32
N ILE C 111 -10.99 -11.19 -49.99
CA ILE C 111 -11.90 -10.22 -49.45
C ILE C 111 -13.19 -10.98 -49.07
N ARG C 112 -13.58 -10.80 -47.80
CA ARG C 112 -14.76 -11.41 -47.20
C ARG C 112 -15.98 -10.65 -47.70
N PHE C 113 -16.62 -11.18 -48.76
CA PHE C 113 -17.72 -10.48 -49.42
C PHE C 113 -18.91 -10.41 -48.46
N ILE C 114 -19.60 -9.26 -48.45
CA ILE C 114 -20.71 -9.03 -47.55
C ILE C 114 -21.85 -8.42 -48.33
N PRO C 115 -22.99 -9.14 -48.53
CA PRO C 115 -24.17 -8.55 -49.14
C PRO C 115 -24.80 -7.53 -48.20
N LYS C 116 -25.36 -6.46 -48.76
CA LYS C 116 -25.97 -5.38 -47.98
C LYS C 116 -27.29 -4.96 -48.64
N MET C 117 -28.26 -4.48 -47.86
CA MET C 117 -29.59 -4.24 -48.40
C MET C 117 -30.44 -3.56 -47.32
N ASN C 118 -31.09 -2.45 -47.68
CA ASN C 118 -31.74 -1.59 -46.70
C ASN C 118 -33.21 -1.97 -46.51
N LEU C 119 -33.49 -2.62 -45.36
CA LEU C 119 -34.76 -3.26 -45.08
C LEU C 119 -35.48 -2.67 -43.87
N LEU C 120 -35.48 -1.34 -43.75
CA LEU C 120 -36.37 -0.68 -42.81
C LEU C 120 -36.77 0.67 -43.41
N GLY C 121 -35.76 1.45 -43.80
CA GLY C 121 -35.96 2.78 -44.37
C GLY C 121 -35.46 2.87 -45.81
N HIS C 122 -35.06 4.07 -46.23
CA HIS C 122 -34.65 4.32 -47.60
C HIS C 122 -35.38 3.35 -48.55
N GLN C 123 -36.71 3.47 -48.60
CA GLN C 123 -37.57 2.66 -49.46
C GLN C 123 -38.21 3.55 -50.53
N SER C 124 -37.64 4.73 -50.74
CA SER C 124 -37.92 5.50 -51.94
C SER C 124 -36.67 6.21 -52.41
N ASP C 125 -36.87 7.18 -53.30
CA ASP C 125 -35.91 8.23 -53.61
C ASP C 125 -36.68 9.25 -54.44
N ARG C 126 -36.61 10.52 -54.07
CA ARG C 126 -37.27 11.59 -54.80
C ARG C 126 -38.65 11.13 -55.24
N ASP C 127 -38.90 11.21 -56.55
CA ASP C 127 -39.86 10.36 -57.26
C ASP C 127 -39.19 9.05 -57.64
N HIS C 128 -39.43 7.96 -56.86
CA HIS C 128 -39.22 6.58 -57.29
C HIS C 128 -39.34 5.60 -56.11
N ILE C 129 -40.29 4.65 -56.22
CA ILE C 129 -40.62 3.75 -55.13
C ILE C 129 -40.12 2.34 -55.45
N ASP C 130 -39.48 1.72 -54.44
CA ASP C 130 -38.75 0.47 -54.61
C ASP C 130 -39.72 -0.70 -54.73
N PRO C 131 -39.30 -1.84 -55.31
CA PRO C 131 -40.22 -2.87 -55.81
C PRO C 131 -40.99 -3.69 -54.78
N LEU C 132 -40.40 -3.88 -53.58
CA LEU C 132 -41.13 -4.43 -52.45
C LEU C 132 -42.31 -3.51 -52.16
N LEU C 133 -42.11 -2.19 -52.32
CA LEU C 133 -43.16 -1.26 -51.98
C LEU C 133 -43.94 -0.81 -53.22
N ALA C 134 -43.33 -0.89 -54.39
CA ALA C 134 -44.09 -0.84 -55.64
C ALA C 134 -45.07 -2.01 -55.68
N LYS C 135 -44.57 -3.22 -55.40
CA LYS C 135 -45.39 -4.37 -55.73
C LYS C 135 -45.94 -5.04 -54.49
N TYR C 136 -45.71 -4.47 -53.28
CA TYR C 136 -46.41 -4.88 -52.07
C TYR C 136 -46.75 -3.65 -51.23
N PRO C 137 -47.55 -2.71 -51.78
CA PRO C 137 -47.68 -1.38 -51.18
C PRO C 137 -48.51 -1.28 -49.90
N GLN C 138 -48.93 -2.42 -49.34
CA GLN C 138 -49.50 -2.48 -48.02
C GLN C 138 -48.43 -2.62 -46.94
N PHE C 139 -47.16 -2.44 -47.31
CA PHE C 139 -46.08 -2.43 -46.35
C PHE C 139 -45.50 -1.02 -46.18
N ASP C 140 -46.32 0.00 -46.47
CA ASP C 140 -45.91 1.37 -46.25
C ASP C 140 -46.23 1.73 -44.80
N GLU C 141 -45.40 2.55 -44.16
CA GLU C 141 -45.69 3.01 -42.80
C GLU C 141 -46.66 4.18 -42.86
N SER C 142 -46.73 4.77 -44.05
CA SER C 142 -47.52 5.96 -44.26
C SER C 142 -47.98 5.96 -45.71
N PRO C 143 -49.17 5.39 -46.04
CA PRO C 143 -49.78 5.59 -47.38
C PRO C 143 -50.28 6.98 -47.78
N ASP C 144 -50.38 7.88 -46.79
CA ASP C 144 -51.36 8.96 -46.84
C ASP C 144 -50.70 10.33 -46.98
N TYR C 145 -49.38 10.42 -46.74
CA TYR C 145 -48.64 11.67 -46.83
C TYR C 145 -47.32 11.34 -47.53
N ASN C 146 -47.01 12.06 -48.62
CA ASN C 146 -46.20 11.48 -49.69
C ASN C 146 -45.09 12.46 -50.09
N PRO C 147 -44.01 11.98 -50.76
CA PRO C 147 -42.92 12.84 -51.20
C PRO C 147 -43.25 13.85 -52.29
N PRO C 148 -42.44 14.92 -52.42
CA PRO C 148 -42.73 16.03 -53.32
C PRO C 148 -42.45 15.77 -54.80
N VAL C 149 -43.49 15.91 -55.62
CA VAL C 149 -43.41 15.54 -57.02
C VAL C 149 -43.90 16.75 -57.83
N PRO C 150 -43.05 17.75 -58.18
CA PRO C 150 -41.58 17.62 -58.26
C PRO C 150 -40.82 18.08 -57.03
N TRP C 151 -39.52 17.75 -56.96
CA TRP C 151 -38.82 17.56 -55.69
C TRP C 151 -38.45 18.88 -55.02
N LYS C 152 -38.44 18.85 -53.68
CA LYS C 152 -37.98 19.95 -52.84
C LYS C 152 -37.54 19.36 -51.49
N ASP C 153 -36.39 19.78 -50.95
CA ASP C 153 -36.07 19.54 -49.55
C ASP C 153 -35.19 20.67 -49.03
N ALA C 154 -35.78 21.88 -48.97
CA ALA C 154 -35.23 23.01 -48.23
C ALA C 154 -35.96 23.10 -46.89
N GLY C 155 -35.22 23.50 -45.84
CA GLY C 155 -35.52 22.97 -44.53
C GLY C 155 -35.13 21.49 -44.46
N PRO C 156 -33.84 21.19 -44.19
CA PRO C 156 -33.38 19.90 -43.70
C PRO C 156 -34.31 18.79 -43.18
N PHE C 157 -35.43 19.14 -42.53
CA PHE C 157 -36.28 18.13 -41.90
C PHE C 157 -37.57 17.95 -42.68
N ASP C 158 -37.50 17.11 -43.72
CA ASP C 158 -38.52 16.97 -44.75
C ASP C 158 -38.79 15.50 -44.98
N PHE C 159 -39.82 15.20 -45.79
CA PHE C 159 -39.93 13.89 -46.41
C PHE C 159 -38.61 13.59 -47.13
N TYR C 160 -38.00 12.46 -46.74
CA TYR C 160 -36.70 12.04 -47.22
C TYR C 160 -36.81 10.71 -48.00
N CYS C 161 -37.57 9.74 -47.45
CA CYS C 161 -37.95 8.51 -48.16
C CYS C 161 -38.95 7.67 -47.37
N LYS C 162 -39.66 6.82 -48.12
CA LYS C 162 -40.66 5.88 -47.60
C LYS C 162 -39.98 4.84 -46.73
N SER C 163 -40.77 4.20 -45.83
CA SER C 163 -40.27 3.13 -44.97
C SER C 163 -41.20 1.91 -44.93
N LEU C 164 -40.60 0.75 -44.67
CA LEU C 164 -41.29 -0.48 -44.30
C LEU C 164 -42.01 -0.25 -42.98
N CYS C 165 -43.19 -0.85 -42.82
CA CYS C 165 -43.83 -0.97 -41.52
C CYS C 165 -43.26 -2.17 -40.76
N PRO C 166 -42.55 -1.95 -39.62
CA PRO C 166 -41.96 -3.06 -38.85
C PRO C 166 -42.86 -4.20 -38.40
N SER C 167 -44.17 -3.98 -38.33
CA SER C 167 -45.02 -4.82 -37.50
C SER C 167 -46.19 -5.38 -38.28
N HIS C 168 -46.15 -5.19 -39.60
CA HIS C 168 -47.12 -5.79 -40.52
C HIS C 168 -46.90 -7.29 -40.50
N PRO C 169 -47.95 -8.14 -40.43
CA PRO C 169 -47.76 -9.56 -40.09
C PRO C 169 -47.26 -10.44 -41.25
N ASP C 170 -47.35 -9.96 -42.49
CA ASP C 170 -46.89 -10.74 -43.64
C ASP C 170 -45.57 -10.20 -44.18
N LEU C 171 -45.00 -9.18 -43.53
CA LEU C 171 -43.89 -8.41 -44.07
C LEU C 171 -42.64 -9.28 -44.08
N LEU C 172 -42.32 -9.90 -42.94
CA LEU C 172 -41.09 -10.64 -42.79
C LEU C 172 -41.20 -12.05 -43.38
N LYS C 173 -42.43 -12.56 -43.52
CA LYS C 173 -42.70 -13.68 -44.39
C LYS C 173 -42.16 -13.34 -45.77
N THR C 174 -42.38 -12.07 -46.14
CA THR C 174 -42.11 -11.54 -47.46
C THR C 174 -40.75 -10.85 -47.54
N ILE C 175 -39.99 -10.78 -46.43
CA ILE C 175 -38.62 -10.27 -46.46
C ILE C 175 -37.64 -11.43 -46.26
N PHE C 176 -37.99 -12.37 -45.41
CA PHE C 176 -37.03 -13.41 -45.02
C PHE C 176 -36.54 -14.27 -46.18
N PRO C 177 -37.07 -14.25 -47.43
CA PRO C 177 -36.39 -14.89 -48.57
C PRO C 177 -35.28 -14.09 -49.27
N LEU C 178 -35.58 -12.84 -49.64
CA LEU C 178 -34.62 -12.02 -50.37
C LEU C 178 -33.24 -12.19 -49.76
N MET C 179 -33.23 -12.17 -48.43
CA MET C 179 -32.03 -12.17 -47.61
C MET C 179 -31.25 -13.47 -47.75
N ASP C 180 -31.99 -14.59 -47.85
CA ASP C 180 -31.46 -15.95 -47.87
C ASP C 180 -31.13 -16.39 -49.29
N GLU C 181 -31.73 -15.68 -50.24
CA GLU C 181 -31.42 -15.82 -51.64
C GLU C 181 -29.99 -15.36 -51.93
N LEU C 182 -29.49 -14.47 -51.07
CA LEU C 182 -28.18 -13.90 -51.24
C LEU C 182 -27.20 -14.51 -50.22
N ILE C 183 -27.69 -15.00 -49.08
CA ILE C 183 -26.79 -15.73 -48.20
C ILE C 183 -26.50 -17.11 -48.80
N ASP C 184 -27.47 -17.72 -49.50
CA ASP C 184 -27.20 -19.00 -50.13
C ASP C 184 -26.18 -18.78 -51.24
N VAL C 185 -26.48 -17.82 -52.10
CA VAL C 185 -25.71 -17.53 -53.30
C VAL C 185 -24.29 -17.05 -53.01
N CYS C 186 -24.09 -16.32 -51.91
CA CYS C 186 -22.79 -15.76 -51.58
C CYS C 186 -22.13 -16.58 -50.48
N GLY C 187 -22.82 -17.64 -50.04
CA GLY C 187 -22.46 -18.29 -48.80
C GLY C 187 -21.88 -17.28 -47.82
N ALA C 188 -22.66 -16.23 -47.49
CA ALA C 188 -22.19 -15.17 -46.61
C ALA C 188 -21.79 -15.75 -45.25
N ASP C 189 -21.18 -14.88 -44.41
CA ASP C 189 -21.22 -14.98 -42.96
C ASP C 189 -21.30 -13.55 -42.44
N ALA C 190 -22.37 -12.88 -42.83
CA ALA C 190 -22.61 -11.52 -42.41
C ALA C 190 -23.61 -10.92 -43.38
N PHE C 191 -24.44 -9.99 -42.91
CA PHE C 191 -25.32 -9.25 -43.80
C PHE C 191 -25.45 -7.84 -43.23
N HIS C 192 -25.42 -6.84 -44.11
CA HIS C 192 -25.76 -5.47 -43.74
C HIS C 192 -27.23 -5.30 -44.03
N VAL C 193 -28.05 -5.04 -42.97
CA VAL C 193 -29.48 -4.88 -43.15
C VAL C 193 -29.85 -3.40 -43.13
N GLY C 194 -28.88 -2.52 -43.43
CA GLY C 194 -29.09 -1.08 -43.46
C GLY C 194 -29.33 -0.46 -42.09
N LEU C 195 -30.50 0.20 -42.00
CA LEU C 195 -31.14 0.77 -40.82
C LEU C 195 -30.71 2.22 -40.61
N ASP C 196 -30.38 2.92 -41.71
CA ASP C 196 -29.97 4.32 -41.64
C ASP C 196 -31.16 5.24 -41.89
N GLU C 197 -30.99 6.52 -41.56
CA GLU C 197 -31.95 7.57 -41.83
C GLU C 197 -33.38 7.01 -41.99
N VAL C 198 -33.82 6.18 -41.03
CA VAL C 198 -35.18 5.67 -40.99
C VAL C 198 -36.06 6.71 -40.31
N TRP C 199 -36.39 7.75 -41.09
CA TRP C 199 -37.02 8.97 -40.60
C TRP C 199 -38.52 8.79 -40.41
N ILE C 200 -39.16 7.82 -41.10
CA ILE C 200 -40.59 7.57 -40.88
C ILE C 200 -40.77 6.30 -40.05
N LEU C 201 -41.02 6.50 -38.75
CA LEU C 201 -41.22 5.44 -37.79
C LEU C 201 -42.39 5.84 -36.92
N GLY C 202 -43.28 4.89 -36.65
CA GLY C 202 -44.40 5.01 -35.72
C GLY C 202 -45.30 6.21 -35.99
N TYR C 203 -46.41 5.96 -36.67
CA TYR C 203 -47.11 7.00 -37.42
C TYR C 203 -48.51 7.15 -36.86
N GLU C 204 -48.86 8.38 -36.47
CA GLU C 204 -50.15 8.59 -35.83
C GLU C 204 -51.13 7.63 -36.50
N LYS C 205 -51.27 7.75 -37.84
CA LYS C 205 -52.23 6.96 -38.63
C LYS C 205 -51.56 5.76 -39.29
N CYS C 206 -50.79 4.98 -38.50
CA CYS C 206 -50.55 3.59 -38.85
C CYS C 206 -51.39 2.79 -37.88
N PRO C 207 -52.20 1.82 -38.34
CA PRO C 207 -52.92 0.93 -37.42
C PRO C 207 -52.04 0.15 -36.44
N ARG C 208 -50.75 -0.02 -36.75
CA ARG C 208 -49.92 -0.90 -35.93
C ARG C 208 -48.99 -0.08 -35.02
N CYS C 209 -47.96 0.49 -35.63
CA CYS C 209 -46.88 1.13 -34.88
C CYS C 209 -47.36 2.41 -34.18
N GLY C 210 -48.60 2.83 -34.43
CA GLY C 210 -48.99 4.23 -34.33
C GLY C 210 -49.42 4.64 -32.91
N GLY C 211 -48.68 4.14 -31.91
CA GLY C 211 -48.60 4.80 -30.61
C GLY C 211 -47.54 4.17 -29.72
N ARG C 212 -46.46 3.71 -30.37
CA ARG C 212 -45.49 2.81 -29.75
C ARG C 212 -44.14 3.51 -29.74
N ASP C 213 -43.34 3.25 -28.69
CA ASP C 213 -42.11 3.97 -28.48
C ASP C 213 -41.17 3.74 -29.66
N LYS C 214 -40.75 4.85 -30.29
CA LYS C 214 -40.07 4.86 -31.57
C LYS C 214 -38.72 4.15 -31.44
N ALA C 215 -38.17 4.20 -30.23
CA ALA C 215 -36.89 3.57 -29.94
C ALA C 215 -37.12 2.12 -29.56
N ALA C 216 -38.33 1.77 -29.12
CA ALA C 216 -38.63 0.38 -28.77
C ALA C 216 -39.16 -0.39 -29.98
N LEU C 217 -39.13 0.21 -31.17
CA LEU C 217 -39.76 -0.42 -32.34
C LEU C 217 -38.69 -0.90 -33.30
N PHE C 218 -37.78 0.05 -33.49
CA PHE C 218 -36.57 -0.05 -34.26
C PHE C 218 -35.77 -1.16 -33.62
N ALA C 219 -35.83 -1.25 -32.27
CA ALA C 219 -35.05 -2.23 -31.52
C ALA C 219 -35.61 -3.63 -31.75
N GLU C 220 -36.91 -3.74 -31.50
CA GLU C 220 -37.68 -4.96 -31.68
C GLU C 220 -37.68 -5.39 -33.15
N TYR C 221 -37.39 -4.49 -34.08
CA TYR C 221 -37.33 -4.87 -35.49
C TYR C 221 -35.92 -5.28 -35.89
N ALA C 222 -34.93 -4.71 -35.21
CA ALA C 222 -33.53 -4.97 -35.50
C ALA C 222 -33.21 -6.37 -35.02
N THR C 223 -33.80 -6.67 -33.86
CA THR C 223 -33.73 -7.99 -33.26
C THR C 223 -34.19 -9.00 -34.29
N LYS C 224 -35.48 -9.08 -34.58
CA LYS C 224 -36.01 -10.05 -35.53
C LYS C 224 -35.07 -10.29 -36.73
N LEU C 225 -34.42 -9.25 -37.27
CA LEU C 225 -33.53 -9.52 -38.41
C LEU C 225 -32.28 -10.23 -37.90
N HIS C 226 -31.79 -9.83 -36.73
CA HIS C 226 -30.53 -10.35 -36.19
C HIS C 226 -30.70 -11.81 -35.78
N ASP C 227 -31.82 -12.09 -35.11
CA ASP C 227 -32.17 -13.44 -34.71
C ASP C 227 -32.25 -14.36 -35.93
N HIS C 228 -32.67 -13.78 -37.04
CA HIS C 228 -32.92 -14.53 -38.24
C HIS C 228 -31.55 -14.84 -38.82
N LEU C 229 -30.83 -13.79 -39.19
CA LEU C 229 -29.45 -13.93 -39.58
C LEU C 229 -28.67 -14.91 -38.72
N LYS C 230 -28.87 -14.85 -37.39
CA LYS C 230 -28.26 -15.80 -36.47
C LYS C 230 -28.62 -17.23 -36.83
N GLU C 231 -29.66 -17.41 -37.65
CA GLU C 231 -29.99 -18.74 -38.12
C GLU C 231 -29.04 -19.20 -39.23
N LYS C 232 -28.68 -18.29 -40.14
CA LYS C 232 -27.69 -18.57 -41.17
C LYS C 232 -26.27 -18.32 -40.64
N LYS C 233 -26.07 -18.43 -39.32
CA LYS C 233 -24.76 -18.28 -38.68
C LYS C 233 -24.04 -17.12 -39.33
N CYS C 234 -24.72 -15.96 -39.32
CA CYS C 234 -24.39 -14.79 -40.12
C CYS C 234 -24.49 -13.52 -39.28
N GLN C 235 -23.36 -12.88 -38.98
CA GLN C 235 -23.32 -11.69 -38.15
C GLN C 235 -23.97 -10.55 -38.93
N MET C 236 -24.88 -9.82 -38.28
CA MET C 236 -25.58 -8.72 -38.92
C MET C 236 -24.83 -7.41 -38.71
N TRP C 237 -24.74 -6.59 -39.77
CA TRP C 237 -24.08 -5.28 -39.76
C TRP C 237 -25.14 -4.18 -39.87
N MET C 238 -24.92 -2.97 -39.33
CA MET C 238 -25.93 -1.92 -39.54
C MET C 238 -25.35 -0.53 -39.37
N TRP C 239 -26.03 0.40 -40.02
CA TRP C 239 -25.72 1.80 -39.94
C TRP C 239 -26.14 2.33 -38.57
N SER C 240 -25.17 2.99 -37.92
CA SER C 240 -25.22 3.39 -36.52
C SER C 240 -26.31 4.42 -36.22
N ASP C 241 -26.59 5.28 -37.19
CA ASP C 241 -27.15 6.57 -36.87
C ASP C 241 -28.33 6.49 -35.93
N ARG C 242 -29.15 5.43 -36.02
CA ARG C 242 -30.50 5.57 -35.46
C ARG C 242 -30.38 5.58 -33.95
N LEU C 243 -29.17 5.22 -33.50
CA LEU C 243 -28.86 4.83 -32.14
C LEU C 243 -28.19 5.97 -31.37
N ILE C 244 -28.03 7.13 -32.01
CA ILE C 244 -27.43 8.29 -31.38
C ILE C 244 -28.55 9.29 -31.13
N ASP C 245 -28.55 9.88 -29.95
CA ASP C 245 -29.35 11.02 -29.59
C ASP C 245 -28.80 12.25 -30.32
N GLY C 246 -29.44 12.61 -31.44
CA GLY C 246 -28.94 13.70 -32.25
C GLY C 246 -29.35 15.08 -31.74
N LYS C 247 -29.83 15.14 -30.48
CA LYS C 247 -30.14 16.38 -29.81
C LYS C 247 -29.14 16.71 -28.71
N THR C 248 -28.96 15.82 -27.71
CA THR C 248 -27.95 16.10 -26.70
C THR C 248 -26.56 16.13 -27.30
N THR C 249 -26.38 15.63 -28.54
CA THR C 249 -25.04 15.66 -29.10
C THR C 249 -24.90 16.74 -30.15
N ASN C 250 -25.97 17.08 -30.85
CA ASN C 250 -25.90 18.03 -31.94
C ASN C 250 -25.12 17.38 -33.10
N LEU C 251 -25.63 16.24 -33.56
CA LEU C 251 -25.20 15.62 -34.78
C LEU C 251 -26.30 15.69 -35.83
N LEU C 252 -27.54 15.90 -35.36
CA LEU C 252 -28.75 16.11 -36.15
C LEU C 252 -29.41 14.77 -36.46
N GLY C 253 -30.41 14.85 -37.33
CA GLY C 253 -31.34 13.76 -37.62
C GLY C 253 -30.82 12.79 -38.68
N TRP C 254 -29.64 13.05 -39.27
CA TRP C 254 -29.15 12.27 -40.38
C TRP C 254 -28.21 11.21 -39.86
N GLN C 255 -27.04 11.66 -39.39
CA GLN C 255 -26.02 10.83 -38.77
C GLN C 255 -26.41 10.50 -37.33
N ALA C 256 -27.61 10.94 -36.90
CA ALA C 256 -28.10 10.63 -35.57
C ALA C 256 -29.61 10.78 -35.55
N SER C 257 -30.22 10.35 -34.46
CA SER C 257 -31.67 10.37 -34.33
C SER C 257 -32.16 11.72 -33.79
N MET C 258 -33.19 12.25 -34.48
CA MET C 258 -33.95 13.40 -34.08
C MET C 258 -35.41 13.01 -33.89
N ASN C 259 -35.70 11.72 -34.01
CA ASN C 259 -37.05 11.22 -33.86
C ASN C 259 -37.11 10.38 -32.59
N ALA C 260 -36.07 10.50 -31.76
CA ALA C 260 -35.98 9.82 -30.47
C ALA C 260 -36.05 8.30 -30.60
N THR C 261 -35.30 7.74 -31.55
CA THR C 261 -35.17 6.29 -31.68
C THR C 261 -33.89 5.78 -31.03
N PHE C 262 -33.28 6.52 -30.09
CA PHE C 262 -31.86 6.32 -29.76
C PHE C 262 -31.67 5.44 -28.52
N ARG C 263 -32.76 5.12 -27.82
CA ARG C 263 -32.72 4.28 -26.64
C ARG C 263 -32.62 2.82 -27.04
N ALA C 264 -32.78 2.60 -28.34
CA ALA C 264 -32.64 1.30 -28.98
C ALA C 264 -31.19 0.82 -28.81
N ILE C 265 -30.29 1.77 -28.54
CA ILE C 265 -28.89 1.38 -28.39
C ILE C 265 -28.83 0.20 -27.43
N ASP C 266 -29.52 0.33 -26.30
CA ASP C 266 -29.37 -0.62 -25.20
C ASP C 266 -30.43 -1.71 -25.21
N LEU C 267 -31.14 -1.89 -26.33
CA LEU C 267 -32.22 -2.87 -26.41
C LEU C 267 -32.00 -3.84 -27.57
N ILE C 268 -30.74 -4.03 -27.96
CA ILE C 268 -30.40 -4.82 -29.13
C ILE C 268 -29.13 -5.60 -28.82
N PRO C 269 -28.95 -6.80 -29.41
CA PRO C 269 -27.73 -7.57 -29.25
C PRO C 269 -26.45 -6.80 -29.61
N THR C 270 -25.48 -6.94 -28.70
CA THR C 270 -24.21 -6.28 -28.79
C THR C 270 -23.27 -7.00 -29.75
N ASP C 271 -23.71 -8.09 -30.41
CA ASP C 271 -22.84 -8.76 -31.38
C ASP C 271 -23.20 -8.34 -32.82
N ILE C 272 -23.92 -7.22 -32.96
CA ILE C 272 -24.13 -6.57 -34.24
C ILE C 272 -22.85 -5.80 -34.59
N MET C 273 -22.47 -5.77 -35.87
CA MET C 273 -21.37 -4.89 -36.27
C MET C 273 -21.93 -3.51 -36.59
N ILE C 274 -21.56 -2.49 -35.81
CA ILE C 274 -22.09 -1.16 -36.03
C ILE C 274 -21.15 -0.43 -36.95
N CYS C 275 -21.73 0.19 -37.97
CA CYS C 275 -20.96 1.00 -38.89
C CYS C 275 -21.45 2.43 -38.65
N ASP C 276 -20.61 3.16 -37.91
CA ASP C 276 -20.87 4.47 -37.35
C ASP C 276 -20.34 5.52 -38.32
N TRP C 277 -21.24 6.10 -39.12
CA TRP C 277 -20.88 6.88 -40.27
C TRP C 277 -20.95 8.36 -39.95
N LYS C 278 -19.86 9.07 -40.26
CA LYS C 278 -19.81 10.51 -40.16
C LYS C 278 -19.08 11.08 -41.36
N TYR C 279 -19.80 11.54 -42.39
CA TYR C 279 -19.06 11.90 -43.60
C TYR C 279 -18.45 13.30 -43.47
N GLU C 280 -18.99 14.13 -42.57
CA GLU C 280 -18.56 15.52 -42.46
C GLU C 280 -17.86 15.86 -41.12
N SER C 281 -17.44 14.87 -40.28
CA SER C 281 -16.77 15.17 -39.00
C SER C 281 -16.53 13.93 -38.13
N ALA C 282 -15.73 14.07 -37.05
CA ALA C 282 -15.24 12.92 -36.28
C ALA C 282 -15.51 12.99 -34.77
N PRO C 283 -16.78 13.01 -34.30
CA PRO C 283 -17.09 12.91 -32.88
C PRO C 283 -16.65 11.62 -32.19
N PRO C 284 -16.76 11.50 -30.85
CA PRO C 284 -16.51 10.24 -30.15
C PRO C 284 -17.60 9.17 -30.21
N THR C 285 -18.21 8.96 -31.38
CA THR C 285 -19.37 8.09 -31.50
C THR C 285 -18.95 6.66 -31.81
N PRO C 286 -17.71 6.36 -32.23
CA PRO C 286 -17.23 4.98 -32.15
C PRO C 286 -16.86 4.58 -30.73
N GLY C 287 -16.38 5.56 -29.92
CA GLY C 287 -16.20 5.31 -28.49
C GLY C 287 -17.49 4.77 -27.90
N TYR C 288 -18.52 5.57 -28.08
CA TYR C 288 -19.82 5.38 -27.45
C TYR C 288 -20.37 3.97 -27.69
N PHE C 289 -19.88 3.26 -28.72
CA PHE C 289 -20.40 1.93 -29.01
C PHE C 289 -19.61 0.82 -28.34
N ALA C 290 -18.29 0.91 -28.48
CA ALA C 290 -17.38 -0.03 -27.89
C ALA C 290 -17.56 0.01 -26.36
N ILE C 291 -18.14 1.09 -25.85
CA ILE C 291 -18.43 1.10 -24.42
C ILE C 291 -19.73 0.35 -24.16
N LYS C 292 -20.76 0.64 -24.96
CA LYS C 292 -22.07 0.03 -24.77
C LYS C 292 -22.07 -1.47 -25.01
N GLY C 293 -20.96 -1.98 -25.54
CA GLY C 293 -20.76 -3.41 -25.65
C GLY C 293 -20.68 -3.89 -27.10
N PHE C 294 -20.32 -3.00 -28.03
CA PHE C 294 -20.33 -3.36 -29.44
C PHE C 294 -18.90 -3.45 -30.02
N ASN C 295 -18.78 -4.20 -31.13
CA ASN C 295 -17.76 -3.92 -32.14
C ASN C 295 -18.31 -2.85 -33.08
N VAL C 296 -17.40 -2.01 -33.59
CA VAL C 296 -17.83 -0.81 -34.27
C VAL C 296 -16.76 -0.46 -35.28
N LEU C 297 -17.19 0.13 -36.40
CA LEU C 297 -16.29 0.79 -37.31
C LEU C 297 -16.77 2.22 -37.46
N PRO C 298 -15.87 3.23 -37.36
CA PRO C 298 -16.03 4.50 -38.09
C PRO C 298 -16.14 4.32 -39.60
N SER C 299 -17.12 4.94 -40.23
CA SER C 299 -17.23 4.79 -41.68
C SER C 299 -17.33 6.18 -42.30
N SER C 300 -16.45 6.43 -43.27
CA SER C 300 -16.33 7.70 -43.97
C SER C 300 -17.18 7.68 -45.23
N CYS C 301 -17.13 8.75 -46.03
CA CYS C 301 -17.53 8.62 -47.42
C CYS C 301 -16.47 9.24 -48.30
N SER C 302 -16.51 10.57 -48.42
CA SER C 302 -15.47 11.31 -49.11
C SER C 302 -14.46 11.82 -48.10
N ASN C 303 -14.83 12.86 -47.34
CA ASN C 303 -13.85 13.74 -46.73
C ASN C 303 -12.67 12.96 -46.19
N SER C 304 -11.48 13.39 -46.62
CA SER C 304 -10.24 12.69 -46.38
C SER C 304 -9.47 13.33 -45.22
N GLU C 305 -9.94 14.50 -44.78
CA GLU C 305 -9.43 15.10 -43.55
C GLU C 305 -10.04 14.32 -42.39
N VAL C 306 -11.35 14.10 -42.45
CA VAL C 306 -12.03 13.38 -41.38
C VAL C 306 -11.59 11.91 -41.42
N ALA C 307 -11.83 11.28 -42.57
CA ALA C 307 -11.35 9.94 -42.79
C ALA C 307 -10.17 9.67 -41.87
N LEU C 308 -9.11 10.45 -42.07
CA LEU C 308 -7.82 10.16 -41.48
C LEU C 308 -7.86 10.42 -39.99
N ALA C 309 -8.61 11.46 -39.61
CA ALA C 309 -9.03 11.63 -38.23
C ALA C 309 -9.45 10.28 -37.66
N GLN C 310 -10.54 9.73 -38.21
CA GLN C 310 -11.24 8.62 -37.61
C GLN C 310 -10.29 7.45 -37.52
N LEU C 311 -9.48 7.28 -38.58
CA LEU C 311 -8.47 6.22 -38.67
C LEU C 311 -7.46 6.35 -37.54
N ALA C 312 -6.99 7.57 -37.31
CA ALA C 312 -6.09 7.83 -36.19
C ALA C 312 -6.72 7.36 -34.89
N GLN C 313 -8.02 7.60 -34.72
CA GLN C 313 -8.75 7.21 -33.51
C GLN C 313 -8.54 5.71 -33.30
N VAL C 314 -8.65 4.95 -34.40
CA VAL C 314 -8.72 3.50 -34.33
C VAL C 314 -7.39 2.96 -33.81
N ARG C 315 -6.30 3.41 -34.45
CA ARG C 315 -4.95 3.09 -34.01
C ARG C 315 -4.76 3.40 -32.54
N LEU C 316 -5.42 4.45 -32.03
CA LEU C 316 -5.17 4.91 -30.68
C LEU C 316 -5.84 3.99 -29.65
N ALA C 317 -7.17 3.80 -29.77
CA ALA C 317 -7.88 2.89 -28.89
C ALA C 317 -7.24 1.49 -28.97
N ARG C 318 -7.10 0.94 -30.17
CA ARG C 318 -6.44 -0.35 -30.30
C ARG C 318 -5.12 -0.39 -29.54
N LYS C 319 -4.41 0.74 -29.51
CA LYS C 319 -3.08 0.81 -28.90
C LYS C 319 -3.15 1.06 -27.40
N ASP C 320 -4.37 1.18 -26.86
CA ASP C 320 -4.67 1.33 -25.45
C ASP C 320 -4.73 -0.05 -24.81
N GLY C 321 -5.41 -0.99 -25.48
CA GLY C 321 -5.43 -2.40 -25.12
C GLY C 321 -4.10 -2.92 -24.59
N THR C 322 -3.03 -2.17 -24.82
CA THR C 322 -1.68 -2.51 -24.41
C THR C 322 -1.18 -1.47 -23.40
N ARG C 323 -2.08 -1.05 -22.49
CA ARG C 323 -1.74 -0.32 -21.29
C ARG C 323 -1.94 -1.27 -20.10
N ALA C 324 -2.82 -2.27 -20.28
CA ALA C 324 -3.32 -3.12 -19.22
C ALA C 324 -4.16 -4.25 -19.84
N PRO C 325 -4.22 -5.45 -19.23
CA PRO C 325 -4.79 -6.63 -19.89
C PRO C 325 -6.30 -6.83 -19.75
N TRP C 326 -6.93 -5.92 -19.02
CA TRP C 326 -8.37 -5.88 -18.86
C TRP C 326 -8.97 -4.86 -19.82
N ALA C 327 -8.08 -4.13 -20.51
CA ALA C 327 -8.47 -3.05 -21.38
C ALA C 327 -8.44 -3.44 -22.85
N VAL C 328 -8.15 -4.71 -23.18
CA VAL C 328 -8.34 -5.21 -24.54
C VAL C 328 -9.82 -5.14 -24.89
N THR C 329 -10.70 -5.57 -23.99
CA THR C 329 -12.11 -5.65 -24.35
C THR C 329 -12.45 -4.43 -25.21
N LEU C 330 -12.20 -3.23 -24.68
CA LEU C 330 -12.49 -1.99 -25.40
C LEU C 330 -11.58 -1.86 -26.61
N ALA C 331 -10.34 -2.32 -26.47
CA ALA C 331 -9.44 -2.33 -27.61
C ALA C 331 -9.94 -3.30 -28.69
N GLU C 332 -10.36 -4.53 -28.34
CA GLU C 332 -10.82 -5.49 -29.35
C GLU C 332 -11.97 -4.94 -30.19
N ARG C 333 -12.99 -4.37 -29.55
CA ARG C 333 -14.21 -3.98 -30.22
C ARG C 333 -13.95 -2.90 -31.28
N MET C 334 -12.98 -2.04 -31.06
CA MET C 334 -12.62 -1.14 -32.13
C MET C 334 -11.83 -1.97 -33.15
N GLN C 335 -12.47 -2.20 -34.32
CA GLN C 335 -12.24 -3.40 -35.13
C GLN C 335 -11.44 -3.13 -36.40
N GLY C 336 -11.60 -1.93 -36.97
CA GLY C 336 -10.92 -1.49 -38.18
C GLY C 336 -11.55 -0.18 -38.68
N VAL C 337 -11.61 0.00 -40.00
CA VAL C 337 -12.28 1.15 -40.60
C VAL C 337 -13.07 0.67 -41.84
N PHE C 338 -13.89 1.57 -42.40
CA PHE C 338 -14.90 1.23 -43.40
C PHE C 338 -15.13 2.43 -44.32
N VAL C 339 -14.81 2.25 -45.60
CA VAL C 339 -14.77 3.34 -46.57
C VAL C 339 -16.06 3.23 -47.38
N THR C 340 -16.79 4.34 -47.56
CA THR C 340 -18.12 4.19 -48.12
C THR C 340 -18.40 5.18 -49.25
N MET C 341 -18.51 4.64 -50.47
CA MET C 341 -18.89 5.43 -51.64
C MET C 341 -20.41 5.38 -51.79
N TRP C 342 -20.96 6.32 -52.57
CA TRP C 342 -22.39 6.48 -52.68
C TRP C 342 -22.71 7.09 -54.03
N GLU C 343 -22.53 6.24 -55.05
CA GLU C 343 -22.29 6.64 -56.41
C GLU C 343 -22.66 5.45 -57.28
N ASP C 344 -21.94 5.29 -58.38
CA ASP C 344 -21.93 4.11 -59.23
C ASP C 344 -20.51 3.57 -59.17
N SER C 345 -20.35 2.25 -59.30
CA SER C 345 -19.03 1.64 -59.17
C SER C 345 -18.17 1.90 -60.39
N LYS C 346 -18.77 2.22 -61.54
CA LYS C 346 -17.99 2.52 -62.74
C LYS C 346 -17.32 3.89 -62.62
N GLU C 347 -18.17 4.90 -62.39
CA GLU C 347 -17.71 6.28 -62.35
C GLU C 347 -16.54 6.31 -61.36
N PHE C 348 -16.55 5.35 -60.42
CA PHE C 348 -15.63 5.31 -59.30
C PHE C 348 -14.26 4.79 -59.71
N ILE C 349 -14.21 3.57 -60.28
CA ILE C 349 -12.98 3.03 -60.80
C ILE C 349 -12.52 3.93 -61.94
N ASP C 350 -13.46 4.34 -62.80
CA ASP C 350 -13.12 5.24 -63.90
C ASP C 350 -12.51 6.51 -63.34
N ALA C 351 -12.91 6.86 -62.10
CA ALA C 351 -12.28 7.95 -61.36
C ALA C 351 -10.97 7.49 -60.76
N TYR C 352 -10.98 6.34 -60.08
CA TYR C 352 -9.81 5.85 -59.36
C TYR C 352 -8.58 5.95 -60.25
N TYR C 353 -8.68 5.39 -61.46
CA TYR C 353 -7.60 5.36 -62.44
C TYR C 353 -7.36 6.70 -63.08
N GLY C 354 -8.40 7.55 -63.12
CA GLY C 354 -8.30 8.87 -63.70
C GLY C 354 -8.47 8.81 -65.21
N ARG C 355 -9.73 8.59 -65.61
CA ARG C 355 -10.10 8.40 -67.01
C ARG C 355 -10.93 9.60 -67.46
N ASN C 356 -10.81 9.94 -68.75
CA ASN C 356 -11.56 11.01 -69.38
C ASN C 356 -11.18 12.37 -68.81
N GLY C 357 -10.57 12.37 -67.60
CA GLY C 357 -10.21 13.58 -66.87
C GLY C 357 -11.14 13.89 -65.70
N LYS C 358 -11.88 12.88 -65.18
CA LYS C 358 -12.93 13.15 -64.20
C LYS C 358 -12.45 12.75 -62.80
N LYS C 359 -13.09 13.33 -61.76
CA LYS C 359 -12.66 13.17 -60.37
C LYS C 359 -13.85 12.79 -59.47
N LEU C 360 -13.61 11.87 -58.53
CA LEU C 360 -14.52 11.70 -57.39
C LEU C 360 -13.73 11.64 -56.08
N PRO C 361 -14.07 12.53 -55.12
CA PRO C 361 -13.62 12.42 -53.72
C PRO C 361 -13.75 11.05 -53.04
N SER C 362 -14.50 10.16 -53.69
CA SER C 362 -14.61 8.78 -53.27
C SER C 362 -13.23 8.15 -53.23
N ALA C 363 -12.64 7.91 -54.42
CA ALA C 363 -11.35 7.26 -54.49
C ALA C 363 -10.36 8.11 -53.74
N GLU C 364 -10.24 9.38 -54.14
CA GLU C 364 -9.36 10.34 -53.49
C GLU C 364 -9.25 10.02 -52.00
N THR C 365 -10.37 9.62 -51.39
CA THR C 365 -10.42 9.25 -49.98
C THR C 365 -9.78 7.89 -49.75
N PHE C 366 -10.30 6.92 -50.51
CA PHE C 366 -10.03 5.50 -50.34
C PHE C 366 -8.53 5.29 -50.20
N LYS C 367 -7.83 5.74 -51.24
CA LYS C 367 -6.38 5.63 -51.37
C LYS C 367 -5.70 6.35 -50.24
N ALA C 368 -6.24 7.52 -49.84
CA ALA C 368 -5.71 8.23 -48.70
C ALA C 368 -5.68 7.29 -47.49
N VAL C 369 -6.86 6.83 -47.05
CA VAL C 369 -6.93 6.00 -45.86
C VAL C 369 -6.02 4.80 -46.11
N PHE C 370 -6.13 4.21 -47.30
CA PHE C 370 -5.46 2.95 -47.56
C PHE C 370 -3.96 3.19 -47.71
N ALA C 371 -3.58 4.32 -48.34
CA ALA C 371 -2.19 4.80 -48.32
C ALA C 371 -1.66 4.83 -46.90
N GLN C 372 -2.40 5.49 -46.00
CA GLN C 372 -1.93 5.75 -44.65
C GLN C 372 -1.66 4.42 -43.94
N ILE C 373 -2.44 3.38 -44.26
CA ILE C 373 -2.15 2.06 -43.69
C ILE C 373 -0.79 1.60 -44.19
N ARG C 374 -0.64 1.50 -45.52
CA ARG C 374 0.47 0.78 -46.14
C ARG C 374 1.78 1.04 -45.37
N GLN D 32 44.94 33.84 22.00
CA GLN D 32 43.69 33.44 21.27
C GLN D 32 42.47 33.54 22.17
N PHE D 33 42.59 34.27 23.28
CA PHE D 33 41.40 34.83 23.89
C PHE D 33 40.88 35.94 22.99
N GLU D 34 39.88 35.65 22.16
CA GLU D 34 39.41 36.62 21.19
C GLU D 34 38.48 37.62 21.85
N TRP D 35 38.98 38.82 22.16
CA TRP D 35 38.19 39.81 22.87
C TRP D 35 37.11 40.44 21.99
N ASN D 36 37.26 40.35 20.65
CA ASN D 36 36.53 41.24 19.78
C ASN D 36 35.21 40.66 19.27
N LYS D 37 34.83 39.45 19.73
CA LYS D 37 33.91 38.60 19.01
C LYS D 37 33.02 37.82 19.97
N LEU D 38 31.69 37.91 19.79
CA LEU D 38 30.74 37.07 20.51
C LEU D 38 30.71 35.68 19.89
N PRO D 39 30.89 34.59 20.69
CA PRO D 39 30.35 33.28 20.35
C PRO D 39 28.88 33.18 20.73
N VAL D 40 28.52 33.71 21.91
CA VAL D 40 27.23 33.47 22.53
C VAL D 40 26.35 34.70 22.30
N LYS D 41 26.11 34.92 21.01
CA LYS D 41 24.91 35.58 20.53
C LYS D 41 23.79 34.55 20.74
N ALA D 42 22.90 34.84 21.71
CA ALA D 42 21.80 34.00 22.12
C ALA D 42 20.46 34.72 21.92
N MET D 43 19.33 34.02 22.16
CA MET D 43 18.01 34.58 21.96
C MET D 43 16.91 33.73 22.61
N LEU D 44 15.76 34.37 22.92
CA LEU D 44 14.59 33.70 23.49
C LEU D 44 13.41 33.81 22.53
N LEU D 45 13.12 32.72 21.80
CA LEU D 45 11.90 32.57 21.01
C LEU D 45 10.96 31.61 21.74
N THR D 46 9.67 31.74 21.45
CA THR D 46 8.68 30.85 22.05
C THR D 46 8.41 29.68 21.11
N VAL D 47 8.93 28.50 21.48
CA VAL D 47 8.38 27.20 21.08
C VAL D 47 7.02 27.39 20.41
N PRO D 48 6.92 27.37 19.07
CA PRO D 48 5.68 27.75 18.37
C PRO D 48 4.38 27.14 18.85
N HIS D 49 3.28 27.69 18.33
CA HIS D 49 2.03 26.95 18.25
C HIS D 49 2.16 26.03 17.05
N PRO D 50 1.88 24.70 17.20
CA PRO D 50 2.25 23.73 16.18
C PRO D 50 2.01 24.26 14.77
N GLU D 51 0.88 24.97 14.56
CA GLU D 51 0.54 25.45 13.23
C GLU D 51 1.70 26.24 12.65
N ASP D 52 2.50 26.87 13.54
CA ASP D 52 3.46 27.87 13.10
C ASP D 52 4.81 27.21 12.83
N VAL D 53 4.90 25.89 13.01
CA VAL D 53 6.19 25.25 13.23
C VAL D 53 7.08 25.29 12.00
N PRO D 54 6.60 24.98 10.77
CA PRO D 54 7.42 25.10 9.56
C PRO D 54 7.81 26.55 9.25
N GLU D 55 6.85 27.47 9.38
CA GLU D 55 7.15 28.90 9.28
C GLU D 55 8.00 29.37 10.47
N PHE D 56 8.10 28.57 11.54
CA PHE D 56 9.04 28.78 12.64
C PHE D 56 10.32 28.00 12.36
N CYS D 57 10.43 27.40 11.18
CA CYS D 57 11.73 26.98 10.71
C CYS D 57 12.15 27.86 9.53
N ARG D 58 11.16 28.36 8.78
CA ARG D 58 11.43 29.36 7.76
C ARG D 58 12.03 30.59 8.44
N PHE D 59 11.55 30.96 9.64
CA PHE D 59 12.06 32.13 10.33
C PHE D 59 13.59 32.14 10.39
N ILE D 60 14.15 30.96 10.59
CA ILE D 60 15.55 30.81 10.96
C ILE D 60 16.43 31.16 9.77
N LYS D 61 16.41 30.32 8.71
CA LYS D 61 17.36 30.38 7.61
C LYS D 61 17.45 31.78 6.99
N GLU D 62 16.39 32.61 7.12
CA GLU D 62 16.42 33.96 6.60
C GLU D 62 16.86 34.92 7.70
N VAL D 63 16.27 34.77 8.88
CA VAL D 63 16.34 35.80 9.91
C VAL D 63 17.53 35.50 10.81
N LEU D 64 17.44 34.42 11.59
CA LEU D 64 18.41 34.21 12.66
C LEU D 64 19.82 34.24 12.07
N PRO D 65 20.17 33.36 11.11
CA PRO D 65 21.22 33.68 10.13
C PRO D 65 21.51 35.16 9.89
N LYS D 66 20.71 35.85 9.07
CA LYS D 66 21.10 37.18 8.64
C LYS D 66 21.17 38.14 9.82
N GLU D 67 20.64 37.75 10.99
CA GLU D 67 20.76 38.58 12.18
C GLU D 67 22.11 38.34 12.86
N GLY D 68 22.52 37.07 12.94
CA GLY D 68 23.79 36.72 13.55
C GLY D 68 23.61 35.96 14.86
N VAL D 69 22.39 35.40 15.02
CA VAL D 69 22.05 34.53 16.13
C VAL D 69 22.81 33.23 16.00
N ASN D 70 23.39 32.77 17.10
CA ASN D 70 24.08 31.49 17.11
C ASN D 70 23.55 30.61 18.24
N THR D 71 22.39 30.99 18.80
CA THR D 71 21.93 30.41 20.05
C THR D 71 20.44 30.67 20.28
N LEU D 72 19.67 29.57 20.34
CA LEU D 72 18.23 29.58 20.51
C LEU D 72 17.84 28.71 21.70
N VAL D 73 17.77 29.33 22.88
CA VAL D 73 17.00 28.79 24.00
C VAL D 73 15.53 28.90 23.61
N LEU D 74 14.87 27.75 23.37
CA LEU D 74 13.47 27.70 22.95
C LEU D 74 12.58 27.53 24.18
N ARG D 75 11.65 28.46 24.41
CA ARG D 75 10.79 28.30 25.58
C ARG D 75 9.75 27.22 25.29
N ILE D 76 10.11 25.97 25.55
CA ILE D 76 9.19 24.85 25.35
C ILE D 76 8.08 24.92 26.40
N ARG D 77 8.49 25.31 27.61
CA ARG D 77 8.14 24.63 28.84
C ARG D 77 7.64 23.24 28.48
N TYR D 78 6.34 22.93 28.62
CA TYR D 78 5.90 21.54 28.60
C TYR D 78 5.24 21.12 27.28
N ASN D 79 5.35 21.95 26.23
CA ASN D 79 4.50 21.82 25.06
C ASN D 79 5.20 21.01 23.96
N TYR D 80 5.93 19.97 24.38
CA TYR D 80 6.34 18.85 23.54
C TYR D 80 5.35 17.71 23.77
N LYS D 81 5.02 16.95 22.71
CA LYS D 81 4.27 15.71 22.93
C LYS D 81 5.28 14.65 23.36
N PHE D 82 5.00 14.05 24.51
CA PHE D 82 5.92 13.13 25.18
C PHE D 82 5.63 11.67 24.79
N LYS D 83 6.66 10.83 25.01
CA LYS D 83 6.51 9.39 25.08
C LYS D 83 6.75 8.91 26.51
N SER D 84 7.21 9.83 27.39
CA SER D 84 7.40 9.55 28.80
C SER D 84 6.18 10.04 29.59
N HIS D 85 5.83 11.32 29.47
CA HIS D 85 4.70 11.80 30.24
C HIS D 85 3.59 12.30 29.33
N PRO D 86 3.19 11.48 28.30
CA PRO D 86 2.03 11.76 27.48
C PRO D 86 1.01 12.69 28.13
N GLU D 87 0.58 12.35 29.36
CA GLU D 87 -0.44 13.11 30.08
C GLU D 87 0.02 14.53 30.34
N LEU D 88 1.32 14.79 30.16
CA LEU D 88 1.90 16.07 30.53
C LEU D 88 1.88 17.02 29.33
N ALA D 89 1.56 16.46 28.16
CA ALA D 89 1.28 17.23 26.97
C ALA D 89 0.75 18.61 27.33
N GLY D 90 1.35 19.67 26.76
CA GLY D 90 0.68 20.95 26.73
C GLY D 90 -0.54 20.86 25.82
N GLU D 91 -1.70 21.39 26.27
CA GLU D 91 -2.94 21.28 25.52
C GLU D 91 -2.67 21.46 24.02
N ARG D 92 -1.56 22.13 23.67
CA ARG D 92 -1.08 22.18 22.29
C ARG D 92 0.44 21.95 22.29
N ALA D 93 0.84 20.71 22.59
CA ALA D 93 2.24 20.29 22.58
C ALA D 93 2.72 20.00 21.15
N ILE D 94 3.84 20.59 20.74
CA ILE D 94 4.47 20.26 19.46
C ILE D 94 5.09 18.87 19.58
N SER D 95 5.35 18.23 18.44
CA SER D 95 5.70 16.82 18.38
C SER D 95 7.21 16.59 18.47
N GLU D 96 7.67 15.52 17.80
CA GLU D 96 9.07 15.18 17.59
C GLU D 96 9.39 15.24 16.10
N GLN D 97 8.37 15.18 15.24
CA GLN D 97 8.59 15.38 13.82
C GLN D 97 8.81 16.87 13.51
N GLN D 98 8.41 17.75 14.45
CA GLN D 98 8.43 19.19 14.22
C GLN D 98 9.70 19.80 14.82
N LEU D 99 9.95 19.50 16.10
CA LEU D 99 11.09 19.98 16.89
C LEU D 99 12.44 19.65 16.25
N LYS D 100 12.58 18.41 15.74
CA LYS D 100 13.85 17.89 15.25
C LYS D 100 14.25 18.56 13.95
N GLN D 101 13.44 19.54 13.51
CA GLN D 101 13.51 20.10 12.18
C GLN D 101 13.75 21.60 12.29
N ILE D 102 13.36 22.13 13.46
CA ILE D 102 13.93 23.35 13.97
C ILE D 102 15.36 23.04 14.41
N VAL D 103 15.50 22.00 15.25
CA VAL D 103 16.78 21.54 15.76
C VAL D 103 17.75 21.40 14.60
N GLN D 104 17.27 20.87 13.47
CA GLN D 104 18.11 20.71 12.29
C GLN D 104 18.29 22.06 11.63
N THR D 105 17.18 22.77 11.36
CA THR D 105 17.26 24.07 10.72
C THR D 105 18.21 24.96 11.49
N CYS D 106 18.10 24.94 12.82
CA CYS D 106 19.09 25.53 13.70
C CYS D 106 20.47 25.04 13.25
N LYS D 107 20.67 23.72 13.39
CA LYS D 107 21.91 23.09 12.99
C LYS D 107 22.29 23.59 11.58
N GLU D 108 21.39 23.44 10.60
CA GLU D 108 21.69 23.81 9.21
C GLU D 108 21.83 25.32 9.01
N ALA D 109 21.48 26.12 10.02
CA ALA D 109 21.86 27.52 10.09
C ALA D 109 23.09 27.74 10.98
N LYS D 110 23.76 26.64 11.39
CA LYS D 110 24.92 26.62 12.29
C LYS D 110 24.55 27.03 13.71
N ILE D 111 23.26 27.05 14.02
CA ILE D 111 22.78 27.60 15.28
C ILE D 111 22.82 26.51 16.35
N ARG D 112 23.22 26.91 17.56
CA ARG D 112 23.22 26.04 18.72
C ARG D 112 21.82 26.05 19.32
N PHE D 113 21.27 24.86 19.59
CA PHE D 113 19.88 24.76 20.01
C PHE D 113 19.84 24.24 21.44
N ILE D 114 19.24 25.03 22.35
CA ILE D 114 19.12 24.68 23.75
C ILE D 114 17.62 24.67 24.11
N PRO D 115 17.12 23.65 24.84
CA PRO D 115 15.72 23.60 25.25
C PRO D 115 15.52 24.22 26.63
N LYS D 116 14.29 24.64 26.95
CA LYS D 116 14.01 25.30 28.22
C LYS D 116 12.83 24.64 28.92
N MET D 117 12.87 24.63 30.26
CA MET D 117 11.71 24.35 31.09
C MET D 117 11.98 24.88 32.50
N ASN D 118 11.15 25.81 32.96
CA ASN D 118 11.16 26.21 34.36
C ASN D 118 10.78 24.96 35.15
N LEU D 119 11.70 24.50 36.00
CA LEU D 119 11.53 23.23 36.69
C LEU D 119 11.19 23.44 38.14
N LEU D 120 10.47 24.52 38.47
CA LEU D 120 9.96 24.69 39.81
C LEU D 120 8.87 25.77 39.87
N GLY D 121 8.81 26.65 38.86
CA GLY D 121 7.98 27.84 38.94
C GLY D 121 7.33 28.22 37.61
N HIS D 122 6.18 28.89 37.70
CA HIS D 122 5.33 29.19 36.56
C HIS D 122 4.60 27.92 36.12
N GLN D 123 4.40 26.97 37.03
CA GLN D 123 3.59 25.79 36.75
C GLN D 123 2.13 26.21 36.67
N SER D 124 1.85 27.47 37.01
CA SER D 124 0.64 28.16 36.58
C SER D 124 1.04 29.50 35.98
N ASP D 125 0.11 30.12 35.25
CA ASP D 125 0.31 31.39 34.59
C ASP D 125 -1.01 32.16 34.61
N ARG D 126 -1.18 33.05 35.60
CA ARG D 126 -2.46 33.68 35.89
C ARG D 126 -3.49 32.59 36.12
N ASP D 127 -4.79 32.92 36.04
CA ASP D 127 -5.81 31.89 36.01
C ASP D 127 -5.46 30.98 34.84
N HIS D 128 -4.79 29.86 35.16
CA HIS D 128 -4.40 28.84 34.19
C HIS D 128 -3.42 27.86 34.81
N ILE D 129 -3.90 26.66 35.14
CA ILE D 129 -3.07 25.61 35.73
C ILE D 129 -2.47 24.78 34.59
N ASP D 130 -1.19 24.36 34.77
CA ASP D 130 -0.47 23.54 33.80
C ASP D 130 -0.41 22.09 34.28
N PRO D 131 -0.16 21.12 33.37
CA PRO D 131 -0.58 19.73 33.58
C PRO D 131 0.18 18.98 34.68
N LEU D 132 0.86 19.71 35.58
CA LEU D 132 1.80 19.08 36.50
C LEU D 132 1.38 19.32 37.95
N LEU D 133 1.09 20.58 38.31
CA LEU D 133 0.40 20.84 39.55
C LEU D 133 -1.07 20.44 39.35
N ALA D 134 -1.48 20.46 38.07
CA ALA D 134 -2.83 20.17 37.62
C ALA D 134 -3.12 18.67 37.65
N LYS D 135 -2.13 17.85 37.31
CA LYS D 135 -2.34 16.41 37.21
C LYS D 135 -1.81 15.69 38.45
N TYR D 136 -0.74 16.24 39.04
CA TYR D 136 -0.19 15.67 40.26
C TYR D 136 -0.28 16.71 41.38
N PRO D 137 -1.47 16.89 42.01
CA PRO D 137 -1.74 18.08 42.81
C PRO D 137 -1.13 18.05 44.20
N GLN D 138 -0.05 17.28 44.37
CA GLN D 138 0.67 17.23 45.62
C GLN D 138 2.09 17.80 45.49
N PHE D 139 2.54 18.13 44.28
CA PHE D 139 3.82 18.81 44.08
C PHE D 139 3.69 20.30 44.37
N ASP D 140 2.49 20.87 44.15
CA ASP D 140 2.18 22.26 44.45
C ASP D 140 2.64 22.57 45.87
N GLU D 141 2.99 23.84 46.08
CA GLU D 141 3.68 24.31 47.28
C GLU D 141 2.71 25.04 48.20
N SER D 142 1.72 25.77 47.64
CA SER D 142 0.76 26.53 48.44
C SER D 142 -0.68 26.21 48.04
N PRO D 143 -1.46 25.43 48.83
CA PRO D 143 -2.81 25.01 48.42
C PRO D 143 -3.97 25.87 48.92
N ASP D 144 -3.89 26.35 50.17
CA ASP D 144 -4.87 27.29 50.70
C ASP D 144 -4.92 28.55 49.84
N TYR D 145 -3.75 29.14 49.58
CA TYR D 145 -3.66 30.40 48.85
C TYR D 145 -3.26 30.06 47.42
N ASN D 146 -4.27 30.02 46.55
CA ASN D 146 -4.08 29.80 45.12
C ASN D 146 -4.15 31.18 44.48
N PRO D 147 -3.83 31.33 43.17
CA PRO D 147 -3.50 32.63 42.60
C PRO D 147 -4.75 33.28 41.99
N LYS D 162 3.13 29.97 40.37
CA LYS D 162 3.03 28.71 41.16
C LYS D 162 4.41 28.07 41.30
N SER D 163 4.52 27.19 42.31
CA SER D 163 5.79 26.56 42.62
C SER D 163 5.59 25.12 43.07
N LEU D 164 6.23 24.21 42.33
CA LEU D 164 6.68 22.90 42.80
C LEU D 164 7.01 22.90 44.29
N CYS D 165 6.88 21.71 44.88
CA CYS D 165 7.57 21.34 46.11
C CYS D 165 8.84 20.57 45.72
N PRO D 166 10.06 21.09 46.05
CA PRO D 166 11.29 20.70 45.36
C PRO D 166 12.07 19.53 45.95
N SER D 167 12.12 19.49 47.29
CA SER D 167 12.58 18.33 48.05
C SER D 167 11.48 17.27 48.11
N HIS D 168 10.53 17.27 47.15
CA HIS D 168 9.40 16.35 47.15
C HIS D 168 9.82 15.02 46.53
N PRO D 169 9.69 13.88 47.25
CA PRO D 169 10.51 12.70 46.95
C PRO D 169 10.36 12.13 45.55
N ASP D 170 9.20 12.34 44.91
CA ASP D 170 8.95 11.71 43.62
C ASP D 170 9.00 12.73 42.49
N LEU D 171 9.59 13.91 42.77
CA LEU D 171 9.63 14.99 41.81
C LEU D 171 10.95 14.98 41.02
N LEU D 172 11.62 13.81 40.98
CA LEU D 172 12.61 13.52 39.95
C LEU D 172 12.38 12.10 39.39
N LYS D 173 11.27 11.46 39.80
CA LYS D 173 10.77 10.27 39.14
C LYS D 173 10.11 10.62 37.82
N THR D 174 10.11 11.91 37.50
CA THR D 174 9.02 12.52 36.76
C THR D 174 9.40 13.91 36.26
N ILE D 175 10.44 14.53 36.83
CA ILE D 175 11.12 15.66 36.21
C ILE D 175 12.18 15.15 35.23
N PHE D 176 13.08 14.28 35.71
CA PHE D 176 14.26 13.90 34.95
C PHE D 176 13.85 13.20 33.65
N PRO D 177 13.13 12.06 33.66
CA PRO D 177 12.31 11.66 32.52
C PRO D 177 11.70 12.72 31.61
N LEU D 178 11.27 13.86 32.16
CA LEU D 178 10.89 14.99 31.32
C LEU D 178 12.11 15.55 30.61
N MET D 179 13.21 15.68 31.37
CA MET D 179 14.41 16.40 30.94
C MET D 179 15.19 15.60 29.90
N ASP D 180 15.44 14.31 30.17
CA ASP D 180 16.26 13.49 29.29
C ASP D 180 15.50 13.14 28.02
N GLU D 181 14.49 13.93 27.65
CA GLU D 181 13.70 13.61 26.47
C GLU D 181 13.65 14.80 25.52
N LEU D 182 14.07 15.97 25.97
CA LEU D 182 14.31 17.08 25.06
C LEU D 182 15.79 17.15 24.75
N ILE D 183 16.64 16.74 25.71
CA ILE D 183 18.08 16.79 25.54
C ILE D 183 18.48 15.85 24.40
N ASP D 184 18.14 14.57 24.58
CA ASP D 184 18.53 13.51 23.66
C ASP D 184 18.01 13.79 22.26
N VAL D 185 16.71 14.08 22.18
CA VAL D 185 16.08 14.54 20.95
C VAL D 185 16.99 15.58 20.31
N CYS D 186 17.18 16.69 21.02
CA CYS D 186 17.78 17.88 20.43
C CYS D 186 19.30 17.76 20.46
N GLY D 187 19.83 16.53 20.38
CA GLY D 187 21.22 16.30 20.75
C GLY D 187 21.82 17.54 21.40
N ALA D 188 21.33 17.81 22.63
CA ALA D 188 21.49 19.08 23.31
C ALA D 188 22.81 19.12 24.10
N ASP D 189 23.47 20.29 24.10
CA ASP D 189 24.67 20.46 24.92
C ASP D 189 24.34 21.23 26.20
N ALA D 190 23.21 21.97 26.21
CA ALA D 190 22.69 22.51 27.45
C ALA D 190 21.18 22.32 27.52
N PHE D 191 20.69 22.28 28.77
CA PHE D 191 19.28 22.48 29.09
C PHE D 191 19.11 23.88 29.68
N HIS D 192 17.89 24.42 29.75
CA HIS D 192 17.63 25.68 30.46
C HIS D 192 16.47 25.51 31.43
N VAL D 193 16.79 25.58 32.73
CA VAL D 193 15.88 25.21 33.80
C VAL D 193 15.10 26.43 34.29
N GLY D 194 15.43 27.61 33.74
CA GLY D 194 14.99 28.87 34.30
C GLY D 194 15.45 29.02 35.75
N LEU D 195 14.58 29.65 36.55
CA LEU D 195 14.74 29.92 37.98
C LEU D 195 14.54 31.42 38.19
N ASP D 196 13.30 31.86 37.96
CA ASP D 196 12.95 33.27 37.94
C ASP D 196 11.62 33.51 38.65
N GLU D 197 11.44 34.75 39.12
CA GLU D 197 10.18 35.18 39.70
C GLU D 197 9.71 34.11 40.66
N VAL D 198 10.59 33.79 41.62
CA VAL D 198 10.46 32.60 42.44
C VAL D 198 9.87 33.00 43.78
N TRP D 199 8.63 33.51 43.75
CA TRP D 199 8.02 33.98 44.98
C TRP D 199 7.89 32.80 45.94
N ILE D 200 7.01 31.86 45.60
CA ILE D 200 6.57 30.93 46.61
C ILE D 200 7.61 29.83 46.74
N LEU D 201 8.56 30.09 47.64
CA LEU D 201 9.47 29.11 48.16
C LEU D 201 9.27 29.12 49.67
N GLY D 202 9.25 27.93 50.28
CA GLY D 202 9.45 27.78 51.72
C GLY D 202 8.17 28.05 52.52
N TYR D 203 7.03 27.76 51.88
CA TYR D 203 5.70 28.05 52.39
C TYR D 203 5.60 27.54 53.82
N GLU D 204 5.07 28.40 54.71
CA GLU D 204 4.90 28.06 56.11
C GLU D 204 4.29 26.66 56.18
N LYS D 205 3.11 26.53 55.57
CA LYS D 205 2.32 25.31 55.63
C LYS D 205 3.03 24.14 54.98
N CYS D 206 3.75 24.37 53.88
CA CYS D 206 4.14 23.26 53.01
C CYS D 206 5.00 22.24 53.76
N PRO D 207 4.61 20.95 53.75
CA PRO D 207 5.10 20.01 54.77
C PRO D 207 6.62 19.80 54.78
N ARG D 208 7.27 20.02 53.62
CA ARG D 208 8.69 19.71 53.47
C ARG D 208 9.57 20.95 53.53
N CYS D 209 9.00 22.13 53.26
CA CYS D 209 9.76 23.29 52.81
C CYS D 209 9.52 24.51 53.71
N GLY D 210 8.33 24.62 54.31
CA GLY D 210 8.18 25.44 55.49
C GLY D 210 9.09 24.90 56.60
N GLY D 211 9.85 25.82 57.21
CA GLY D 211 10.82 25.44 58.23
C GLY D 211 12.23 25.80 57.78
N ARG D 212 12.60 25.34 56.57
CA ARG D 212 13.98 25.43 56.12
C ARG D 212 14.37 26.89 55.92
N ASP D 213 15.59 27.11 55.37
CA ASP D 213 16.08 28.41 54.93
C ASP D 213 16.11 28.52 53.41
N LYS D 214 15.56 29.64 52.92
CA LYS D 214 15.22 29.85 51.52
C LYS D 214 16.43 30.13 50.64
N ALA D 215 17.60 30.42 51.22
CA ALA D 215 18.82 30.43 50.44
C ALA D 215 19.33 28.99 50.28
N ALA D 216 19.31 28.20 51.36
CA ALA D 216 19.81 26.84 51.32
C ALA D 216 18.91 25.96 50.45
N LEU D 217 17.60 26.20 50.57
CA LEU D 217 16.58 25.40 49.90
C LEU D 217 16.68 25.53 48.39
N PHE D 218 17.19 26.68 47.92
CA PHE D 218 17.20 27.03 46.51
C PHE D 218 18.44 26.44 45.85
N ALA D 219 19.59 26.62 46.51
CA ALA D 219 20.85 26.12 46.00
C ALA D 219 20.79 24.59 45.88
N GLU D 220 20.54 23.93 47.02
CA GLU D 220 20.22 22.51 47.05
C GLU D 220 19.40 22.15 45.82
N TYR D 221 18.17 22.68 45.74
CA TYR D 221 17.32 22.34 44.60
C TYR D 221 18.08 22.56 43.29
N ALA D 222 18.56 23.78 43.02
CA ALA D 222 19.07 24.12 41.69
C ALA D 222 20.41 23.44 41.44
N THR D 223 20.97 22.87 42.51
CA THR D 223 22.15 22.02 42.46
C THR D 223 21.72 20.60 42.09
N LYS D 224 20.59 20.16 42.67
CA LYS D 224 19.96 18.91 42.28
C LYS D 224 19.95 18.79 40.77
N LEU D 225 19.43 19.81 40.07
CA LEU D 225 19.36 19.74 38.62
C LEU D 225 20.75 19.66 38.03
N HIS D 226 21.55 20.71 38.26
CA HIS D 226 22.87 20.82 37.69
C HIS D 226 23.59 19.48 37.57
N ASP D 227 23.45 18.62 38.59
CA ASP D 227 24.15 17.35 38.63
C ASP D 227 23.52 16.39 37.61
N HIS D 228 22.23 16.11 37.81
CA HIS D 228 21.48 15.42 36.77
C HIS D 228 21.92 15.94 35.40
N LEU D 229 21.82 17.26 35.19
CA LEU D 229 22.00 17.85 33.87
C LEU D 229 23.46 17.79 33.43
N LYS D 230 24.34 17.70 34.43
CA LYS D 230 25.75 17.35 34.27
C LYS D 230 25.84 15.89 33.78
N GLU D 231 24.96 15.01 34.27
CA GLU D 231 25.08 13.58 33.97
C GLU D 231 24.77 13.27 32.51
N LYS D 232 23.85 14.03 31.92
CA LYS D 232 23.43 13.86 30.53
C LYS D 232 24.40 14.56 29.57
N LYS D 233 25.52 15.07 30.10
CA LYS D 233 26.48 15.81 29.29
C LYS D 233 25.84 17.12 28.84
N CYS D 234 25.47 17.95 29.81
CA CYS D 234 24.81 19.21 29.53
C CYS D 234 25.32 20.29 30.48
N GLN D 235 25.46 21.51 29.94
CA GLN D 235 25.48 22.70 30.78
C GLN D 235 24.05 22.94 31.25
N MET D 236 23.92 23.69 32.34
CA MET D 236 22.62 24.19 32.72
C MET D 236 22.67 25.70 32.56
N TRP D 237 21.55 26.29 32.14
CA TRP D 237 21.37 27.74 32.21
C TRP D 237 20.43 28.03 33.37
N MET D 238 20.18 29.32 33.63
CA MET D 238 19.13 29.73 34.55
C MET D 238 19.07 31.26 34.64
N TRP D 239 17.87 31.77 35.00
CA TRP D 239 17.64 33.21 35.11
C TRP D 239 18.07 33.68 36.51
N SER D 240 18.84 34.75 36.52
CA SER D 240 19.77 35.10 37.58
C SER D 240 19.09 35.66 38.83
N ASP D 241 17.76 35.87 38.75
CA ASP D 241 17.09 36.92 39.52
C ASP D 241 17.04 36.62 41.01
N ARG D 242 17.08 35.34 41.37
CA ARG D 242 16.96 34.99 42.77
C ARG D 242 18.35 34.80 43.39
N LEU D 243 19.41 34.89 42.57
CA LEU D 243 20.77 35.02 43.11
C LEU D 243 21.18 36.49 43.23
N ILE D 244 20.24 37.43 43.12
CA ILE D 244 20.48 38.85 43.38
C ILE D 244 19.54 39.32 44.49
N ASP D 245 19.98 40.27 45.34
CA ASP D 245 19.19 40.79 46.48
C ASP D 245 18.52 42.11 46.13
N GLY D 246 17.19 42.18 46.29
CA GLY D 246 16.44 43.36 45.88
C GLY D 246 16.25 44.35 47.03
N LYS D 247 16.74 44.01 48.22
CA LYS D 247 16.60 44.91 49.35
C LYS D 247 17.87 45.76 49.44
N THR D 248 19.01 45.07 49.50
CA THR D 248 20.30 45.71 49.29
C THR D 248 20.31 46.42 47.95
N THR D 249 20.25 45.66 46.85
CA THR D 249 20.48 46.23 45.53
C THR D 249 19.38 47.23 45.17
N ASN D 250 18.17 47.02 45.70
CA ASN D 250 16.98 47.62 45.14
C ASN D 250 17.01 47.41 43.62
N LEU D 251 16.73 46.16 43.25
CA LEU D 251 16.30 45.83 41.92
C LEU D 251 14.95 45.15 42.03
N LEU D 252 14.31 45.29 43.21
CA LEU D 252 12.89 44.97 43.33
C LEU D 252 12.79 43.45 43.46
N GLY D 253 11.63 42.87 43.11
CA GLY D 253 11.33 41.50 43.53
C GLY D 253 10.97 40.56 42.37
N TRP D 254 11.12 41.07 41.14
CA TRP D 254 10.91 40.30 39.93
C TRP D 254 12.29 40.03 39.32
N GLN D 255 13.09 41.09 39.19
CA GLN D 255 14.42 41.01 38.60
C GLN D 255 15.47 40.74 39.66
N ALA D 256 15.06 40.82 40.95
CA ALA D 256 15.84 40.40 42.10
C ALA D 256 14.92 39.66 43.08
N SER D 257 15.18 39.81 44.40
CA SER D 257 14.78 38.81 45.40
C SER D 257 14.48 39.49 46.73
N MET D 258 13.27 39.23 47.23
CA MET D 258 12.81 39.66 48.53
C MET D 258 12.37 38.41 49.31
N ASN D 259 13.11 37.31 49.10
CA ASN D 259 12.90 36.09 49.86
C ASN D 259 14.21 35.36 50.10
N ALA D 260 15.33 36.09 50.09
CA ALA D 260 16.56 35.71 50.80
C ALA D 260 17.22 34.48 50.18
N THR D 261 17.11 34.36 48.86
CA THR D 261 17.36 33.13 48.16
C THR D 261 18.79 33.13 47.62
N PHE D 262 19.42 34.29 47.82
CA PHE D 262 20.61 34.71 47.09
C PHE D 262 21.85 34.45 47.95
N ARG D 263 21.68 33.71 49.04
CA ARG D 263 22.87 33.13 49.67
C ARG D 263 23.11 31.77 49.05
N ALA D 264 22.38 31.48 47.96
CA ALA D 264 22.61 30.29 47.14
C ALA D 264 23.74 30.54 46.15
N ILE D 265 24.09 31.81 45.90
CA ILE D 265 25.00 32.13 44.80
C ILE D 265 26.40 31.55 44.99
N ASP D 266 26.84 31.35 46.24
CA ASP D 266 28.06 30.60 46.49
C ASP D 266 27.75 29.13 46.80
N LEU D 267 26.48 28.79 47.06
CA LEU D 267 26.10 27.43 47.45
C LEU D 267 25.69 26.58 46.24
N ILE D 268 25.92 27.06 45.01
CA ILE D 268 25.65 26.30 43.80
C ILE D 268 26.94 26.20 42.99
N PRO D 269 27.10 25.17 42.13
CA PRO D 269 28.31 25.03 41.30
C PRO D 269 28.63 26.25 40.45
N THR D 270 29.92 26.36 40.09
CA THR D 270 30.48 27.58 39.53
C THR D 270 30.48 27.58 38.01
N ASP D 271 30.17 26.42 37.40
CA ASP D 271 30.11 26.28 35.95
C ASP D 271 28.68 26.46 35.45
N ILE D 272 27.74 26.87 36.31
CA ILE D 272 26.39 27.18 35.87
C ILE D 272 26.45 28.51 35.16
N MET D 273 25.49 28.71 34.24
CA MET D 273 25.55 29.74 33.21
C MET D 273 24.45 30.77 33.49
N ILE D 274 24.81 31.92 34.05
CA ILE D 274 23.84 32.74 34.74
C ILE D 274 23.27 33.75 33.75
N CYS D 275 21.96 33.99 33.88
CA CYS D 275 21.22 34.78 32.92
C CYS D 275 20.65 35.95 33.68
N ASP D 276 21.16 37.14 33.37
CA ASP D 276 20.80 38.27 34.20
C ASP D 276 20.00 39.22 33.35
N TRP D 277 18.68 39.16 33.58
CA TRP D 277 17.72 39.91 32.81
C TRP D 277 17.30 41.11 33.63
N LYS D 278 17.54 42.26 33.02
CA LYS D 278 17.14 43.56 33.54
C LYS D 278 16.46 44.30 32.39
N TYR D 279 15.17 44.56 32.53
CA TYR D 279 14.35 44.95 31.40
C TYR D 279 14.26 46.47 31.32
N GLU D 280 14.84 47.15 32.33
CA GLU D 280 14.38 48.46 32.76
C GLU D 280 15.56 49.41 33.03
N SER D 281 16.54 48.89 33.78
CA SER D 281 17.80 49.54 34.12
C SER D 281 18.93 48.68 33.60
N ALA D 282 20.18 49.09 33.85
CA ALA D 282 21.31 48.19 33.60
C ALA D 282 22.34 48.35 34.71
N PRO D 283 22.34 47.46 35.73
CA PRO D 283 23.25 47.58 36.86
C PRO D 283 24.48 46.69 36.75
N PRO D 284 25.45 46.83 37.68
CA PRO D 284 26.62 45.95 37.67
C PRO D 284 26.39 44.51 38.15
N THR D 285 25.26 43.88 37.80
CA THR D 285 25.02 42.51 38.23
C THR D 285 25.98 41.56 37.52
N PRO D 286 26.20 41.70 36.20
CA PRO D 286 27.32 41.03 35.53
C PRO D 286 28.60 40.98 36.38
N GLY D 287 29.55 41.90 36.15
CA GLY D 287 30.75 41.96 36.95
C GLY D 287 30.67 41.01 38.14
N TYR D 288 29.67 41.25 39.00
CA TYR D 288 29.36 40.49 40.18
C TYR D 288 29.32 38.99 39.92
N PHE D 289 28.44 38.52 39.01
CA PHE D 289 28.45 37.12 38.62
C PHE D 289 29.84 36.76 38.07
N ALA D 290 30.49 37.71 37.40
CA ALA D 290 31.82 37.47 36.88
C ALA D 290 32.83 37.30 38.03
N ILE D 291 32.74 38.15 39.06
CA ILE D 291 33.56 37.98 40.26
C ILE D 291 33.20 36.71 41.05
N LYS D 292 31.95 36.22 41.00
CA LYS D 292 31.55 35.07 41.82
C LYS D 292 31.90 33.73 41.16
N GLY D 293 32.61 33.76 40.04
CA GLY D 293 33.04 32.52 39.39
C GLY D 293 32.14 32.10 38.22
N PHE D 294 31.13 32.94 37.91
CA PHE D 294 30.04 32.51 37.04
C PHE D 294 30.22 33.11 35.65
N ASN D 295 29.92 32.31 34.61
CA ASN D 295 29.81 32.78 33.23
C ASN D 295 28.50 33.59 33.08
N VAL D 296 28.45 34.59 32.18
CA VAL D 296 27.30 35.49 32.14
C VAL D 296 27.08 36.13 30.77
N LEU D 297 25.78 36.31 30.46
CA LEU D 297 25.23 37.09 29.35
C LEU D 297 24.21 38.06 29.95
N PRO D 298 24.35 39.39 29.80
CA PRO D 298 23.24 40.32 30.09
C PRO D 298 22.01 40.14 29.21
N SER D 299 20.84 39.96 29.82
CA SER D 299 19.67 39.53 29.07
C SER D 299 18.68 40.68 28.91
N SER D 300 18.19 40.88 27.66
CA SER D 300 17.46 42.10 27.30
C SER D 300 16.11 41.80 26.62
N CYS D 301 15.09 42.67 26.88
CA CYS D 301 13.73 42.51 26.36
C CYS D 301 13.17 43.82 25.80
N SER D 302 12.39 44.60 26.58
CA SER D 302 11.54 45.62 26.00
C SER D 302 12.34 46.83 25.47
N ASN D 303 13.51 47.11 26.09
CA ASN D 303 14.19 48.39 25.98
C ASN D 303 15.48 48.26 25.17
N SER D 304 15.47 48.84 23.95
CA SER D 304 16.67 49.11 23.17
C SER D 304 17.77 49.73 24.04
N GLU D 305 17.62 51.03 24.30
CA GLU D 305 18.55 51.84 25.09
C GLU D 305 19.32 51.00 26.12
N VAL D 306 18.61 50.12 26.85
CA VAL D 306 19.21 49.30 27.89
C VAL D 306 20.04 48.20 27.23
N ALA D 307 19.42 47.43 26.33
CA ALA D 307 20.07 46.26 25.75
C ALA D 307 21.41 46.69 25.19
N LEU D 308 21.38 47.81 24.45
CA LEU D 308 22.61 48.41 23.97
C LEU D 308 23.60 48.48 25.12
N ALA D 309 23.33 49.33 26.12
CA ALA D 309 24.29 49.63 27.18
C ALA D 309 24.71 48.34 27.86
N GLN D 310 23.71 47.54 28.24
CA GLN D 310 23.97 46.23 28.78
C GLN D 310 24.98 45.50 27.90
N LEU D 311 24.91 45.74 26.57
CA LEU D 311 25.90 45.18 25.63
C LEU D 311 27.14 46.08 25.53
N ALA D 312 26.99 47.39 25.79
CA ALA D 312 28.18 48.21 25.98
C ALA D 312 29.02 47.58 27.09
N GLN D 313 28.42 47.39 28.27
CA GLN D 313 29.12 46.71 29.36
C GLN D 313 29.95 45.55 28.80
N VAL D 314 29.37 44.78 27.86
CA VAL D 314 29.79 43.41 27.64
C VAL D 314 31.17 43.29 26.98
N ARG D 315 31.54 44.20 26.05
CA ARG D 315 32.83 44.11 25.39
C ARG D 315 33.87 44.65 26.36
N LEU D 316 33.57 45.85 26.89
CA LEU D 316 34.29 46.45 28.01
C LEU D 316 34.75 45.36 28.97
N ALA D 317 33.95 44.30 29.14
CA ALA D 317 34.31 43.17 29.99
C ALA D 317 35.36 42.28 29.31
N ARG D 318 35.27 42.14 27.98
CA ARG D 318 36.17 41.26 27.26
C ARG D 318 37.44 42.02 26.85
N LYS D 319 37.40 43.36 26.93
CA LYS D 319 38.49 44.21 26.50
C LYS D 319 39.47 44.47 27.65
N ASP D 320 38.94 44.53 28.88
CA ASP D 320 39.75 44.65 30.09
C ASP D 320 40.49 43.32 30.30
N GLY D 321 39.84 42.20 29.96
CA GLY D 321 40.51 40.91 30.04
C GLY D 321 41.56 40.70 28.95
N THR D 322 41.96 41.80 28.31
CA THR D 322 43.20 41.90 27.57
C THR D 322 44.18 42.80 28.33
N ARG D 323 43.70 43.98 28.78
CA ARG D 323 44.51 45.03 29.40
C ARG D 323 45.69 44.44 30.17
N ALA D 324 45.39 43.63 31.20
CA ALA D 324 46.39 42.79 31.83
C ALA D 324 46.22 41.36 31.32
N PRO D 325 47.20 40.44 31.59
CA PRO D 325 47.02 39.00 31.36
C PRO D 325 46.36 38.24 32.50
N TRP D 326 45.74 38.96 33.44
CA TRP D 326 45.09 38.35 34.59
C TRP D 326 43.61 38.71 34.63
N ALA D 327 43.25 39.74 33.87
CA ALA D 327 41.88 40.23 33.83
C ALA D 327 41.02 39.37 32.89
N VAL D 328 41.56 38.21 32.45
CA VAL D 328 41.02 37.44 31.34
C VAL D 328 39.78 36.70 31.79
N THR D 329 40.01 35.67 32.61
CA THR D 329 38.96 35.08 33.41
C THR D 329 37.71 35.95 33.35
N LEU D 330 37.57 36.91 34.28
CA LEU D 330 36.38 37.74 34.42
C LEU D 330 35.88 38.21 33.06
N ALA D 331 36.77 38.29 32.07
CA ALA D 331 36.38 38.60 30.70
C ALA D 331 35.75 37.38 30.03
N GLU D 332 36.50 36.29 29.83
CA GLU D 332 35.95 35.11 29.19
C GLU D 332 34.49 34.94 29.62
N ARG D 333 34.26 35.18 30.92
CA ARG D 333 33.00 34.92 31.59
C ARG D 333 31.89 35.90 31.19
N MET D 334 32.19 36.87 30.33
CA MET D 334 31.16 37.79 29.84
C MET D 334 30.97 37.54 28.35
N GLN D 335 30.33 36.40 28.07
CA GLN D 335 30.50 35.66 26.83
C GLN D 335 29.93 36.40 25.62
N GLY D 336 29.00 37.32 25.91
CA GLY D 336 28.14 37.90 24.91
C GLY D 336 26.77 38.20 25.50
N VAL D 337 25.71 37.90 24.73
CA VAL D 337 24.40 38.42 25.06
C VAL D 337 23.29 37.48 24.58
N PHE D 338 22.11 37.80 25.14
CA PHE D 338 20.82 37.12 25.04
C PHE D 338 19.76 38.19 24.81
N VAL D 339 19.11 38.19 23.63
CA VAL D 339 17.85 38.91 23.47
C VAL D 339 16.72 38.00 23.93
N THR D 340 15.60 38.59 24.38
CA THR D 340 14.44 37.81 24.73
C THR D 340 13.16 38.44 24.18
N MET D 341 12.11 37.59 24.15
CA MET D 341 10.72 38.00 24.08
C MET D 341 9.86 36.96 24.82
N TRP D 342 8.65 37.37 25.25
CA TRP D 342 7.73 36.52 26.01
C TRP D 342 6.30 36.54 25.46
N GLU D 343 6.15 36.66 24.13
CA GLU D 343 4.89 36.40 23.46
C GLU D 343 5.06 35.13 22.63
N ASP D 344 4.04 34.77 21.85
CA ASP D 344 4.21 33.76 20.82
C ASP D 344 5.33 34.25 19.90
N SER D 345 5.62 33.46 18.86
CA SER D 345 6.79 33.65 18.02
C SER D 345 6.41 34.10 16.61
N LYS D 346 5.18 33.79 16.18
CA LYS D 346 4.67 34.17 14.88
C LYS D 346 4.11 35.58 14.94
N GLU D 347 3.41 35.87 16.05
CA GLU D 347 3.04 37.21 16.43
C GLU D 347 4.28 38.10 16.45
N PHE D 348 5.36 37.61 17.11
CA PHE D 348 6.68 38.24 17.15
C PHE D 348 7.21 38.38 15.73
N ILE D 349 7.32 37.22 15.04
CA ILE D 349 8.06 37.10 13.79
C ILE D 349 7.44 38.00 12.73
N ASP D 350 6.10 37.94 12.59
CA ASP D 350 5.37 38.75 11.61
C ASP D 350 5.43 40.25 11.94
N ALA D 351 5.69 40.58 13.21
CA ALA D 351 5.89 41.98 13.59
C ALA D 351 7.30 42.40 13.19
N TYR D 352 8.23 41.43 13.21
CA TYR D 352 9.57 41.58 12.66
C TYR D 352 9.46 42.08 11.24
N TYR D 353 8.71 41.34 10.40
CA TYR D 353 8.54 41.67 8.98
C TYR D 353 7.73 42.96 8.81
N GLY D 354 6.76 43.16 9.69
CA GLY D 354 5.90 44.34 9.64
C GLY D 354 4.51 44.01 9.09
N ARG D 355 4.02 42.82 9.44
CA ARG D 355 2.83 42.25 8.84
C ARG D 355 1.60 42.70 9.64
N ASN D 356 0.54 43.06 8.92
CA ASN D 356 -0.58 43.78 9.49
C ASN D 356 -0.07 44.92 10.37
N GLY D 357 1.02 45.58 9.94
CA GLY D 357 1.41 46.88 10.46
C GLY D 357 2.12 46.80 11.83
N LYS D 358 1.67 45.84 12.64
CA LYS D 358 2.10 45.68 14.02
C LYS D 358 3.62 45.77 14.09
N LYS D 359 4.09 46.33 15.23
CA LYS D 359 5.46 46.20 15.67
C LYS D 359 5.45 45.59 17.07
N LEU D 360 6.44 44.73 17.35
CA LEU D 360 6.71 44.37 18.73
C LEU D 360 8.05 44.96 19.13
N PRO D 361 8.13 45.92 20.11
CA PRO D 361 9.40 46.45 20.58
C PRO D 361 10.36 45.30 20.76
N SER D 362 9.91 44.29 21.52
CA SER D 362 10.59 43.02 21.66
C SER D 362 11.35 42.65 20.38
N ALA D 363 10.71 42.86 19.21
CA ALA D 363 11.36 42.62 17.93
C ALA D 363 12.22 43.84 17.56
N GLU D 364 11.78 45.06 17.90
CA GLU D 364 12.50 46.26 17.54
C GLU D 364 13.91 46.20 18.16
N THR D 365 14.01 45.47 19.27
CA THR D 365 15.24 45.29 20.02
C THR D 365 16.22 44.47 19.19
N PHE D 366 15.90 43.19 19.03
CA PHE D 366 16.66 42.26 18.21
C PHE D 366 17.45 43.05 17.16
N LYS D 367 16.71 43.84 16.38
CA LYS D 367 17.26 44.56 15.24
C LYS D 367 18.24 45.62 15.73
N ALA D 368 17.83 46.32 16.79
CA ALA D 368 18.72 47.28 17.43
C ALA D 368 20.02 46.56 17.80
N VAL D 369 19.92 45.54 18.66
CA VAL D 369 21.10 44.86 19.21
C VAL D 369 21.81 44.17 18.06
N PHE D 370 21.11 43.24 17.41
CA PHE D 370 21.66 42.43 16.34
C PHE D 370 21.92 43.25 15.09
N ALA D 371 22.21 44.54 15.24
CA ALA D 371 23.03 45.24 14.27
C ALA D 371 24.25 45.86 14.95
N GLN D 372 24.09 46.30 16.21
CA GLN D 372 25.21 46.89 16.95
C GLN D 372 26.41 45.95 16.89
N ILE D 373 26.14 44.63 16.90
CA ILE D 373 27.16 43.61 16.88
C ILE D 373 27.98 43.76 15.60
N ARG D 374 27.29 43.44 14.49
CA ARG D 374 27.92 43.30 13.19
C ARG D 374 28.61 44.62 12.86
N LYS D 375 27.88 45.73 13.04
CA LYS D 375 28.41 47.08 12.86
C LYS D 375 29.67 47.27 13.70
N GLU D 376 29.68 46.73 14.93
CA GLU D 376 30.86 46.80 15.79
C GLU D 376 31.91 45.81 15.31
N GLU D 377 31.58 44.52 15.33
CA GLU D 377 32.52 43.48 14.93
C GLU D 377 33.13 43.74 13.53
N VAL D 378 32.65 44.77 12.82
CA VAL D 378 33.31 45.31 11.63
C VAL D 378 34.47 46.26 11.98
N MET D 379 34.43 46.88 13.16
CA MET D 379 35.54 47.71 13.63
C MET D 379 36.70 46.79 14.03
N ASN D 380 36.38 45.51 14.17
CA ASN D 380 37.34 44.49 14.50
C ASN D 380 37.53 43.57 13.29
N PHE E 33 31.62 -30.86 -14.31
CA PHE E 33 30.27 -30.40 -13.87
C PHE E 33 29.51 -29.75 -15.02
N GLU E 34 28.44 -30.39 -15.49
CA GLU E 34 27.68 -29.94 -16.64
C GLU E 34 26.60 -28.96 -16.17
N TRP E 35 26.86 -27.65 -16.29
CA TRP E 35 26.15 -26.63 -15.52
C TRP E 35 24.92 -26.11 -16.23
N ASN E 36 24.76 -26.40 -17.52
CA ASN E 36 23.76 -25.73 -18.33
C ASN E 36 22.69 -26.69 -18.83
N LYS E 37 22.68 -27.95 -18.35
CA LYS E 37 21.80 -28.99 -18.89
C LYS E 37 21.05 -29.72 -17.78
N LEU E 38 20.01 -29.07 -17.22
CA LEU E 38 19.20 -29.63 -16.13
C LEU E 38 19.08 -31.15 -16.26
N PRO E 39 19.69 -31.93 -15.32
CA PRO E 39 19.38 -33.36 -15.20
C PRO E 39 17.88 -33.60 -15.09
N VAL E 40 17.27 -32.92 -14.12
CA VAL E 40 15.88 -33.10 -13.73
C VAL E 40 15.04 -31.93 -14.25
N LYS E 41 13.91 -32.24 -14.88
CA LYS E 41 13.05 -31.23 -15.49
C LYS E 41 11.59 -31.63 -15.30
N ALA E 42 11.15 -31.72 -14.03
CA ALA E 42 10.03 -32.61 -13.70
C ALA E 42 8.70 -32.06 -14.20
N MET E 43 7.63 -32.83 -13.95
CA MET E 43 6.28 -32.36 -14.14
C MET E 43 5.33 -33.17 -13.25
N LEU E 44 4.26 -32.50 -12.79
CA LEU E 44 3.13 -33.16 -12.17
C LEU E 44 2.07 -33.37 -13.23
N LEU E 45 1.71 -34.64 -13.46
CA LEU E 45 0.53 -35.00 -14.22
C LEU E 45 -0.36 -35.82 -13.30
N THR E 46 -1.67 -35.62 -13.39
CA THR E 46 -2.62 -36.31 -12.52
C THR E 46 -2.80 -37.74 -13.01
N VAL E 47 -3.13 -38.65 -12.08
CA VAL E 47 -3.67 -39.94 -12.44
C VAL E 47 -5.07 -39.72 -13.03
N PRO E 48 -5.28 -40.04 -14.32
CA PRO E 48 -6.60 -39.94 -14.93
C PRO E 48 -7.57 -41.02 -14.44
N HIS E 49 -8.85 -40.82 -14.80
CA HIS E 49 -9.90 -41.80 -14.57
C HIS E 49 -9.68 -42.91 -15.62
N PRO E 50 -10.30 -44.11 -15.46
CA PRO E 50 -10.14 -45.21 -16.42
C PRO E 50 -10.50 -44.87 -17.87
N GLU E 51 -11.53 -44.03 -18.00
CA GLU E 51 -12.04 -43.59 -19.27
C GLU E 51 -10.99 -42.78 -20.05
N ASP E 52 -9.85 -42.42 -19.42
CA ASP E 52 -8.83 -41.62 -20.11
C ASP E 52 -7.41 -42.15 -19.92
N VAL E 53 -7.25 -43.47 -19.75
CA VAL E 53 -5.94 -44.06 -19.68
C VAL E 53 -5.31 -44.18 -21.06
N PRO E 54 -6.05 -44.63 -22.12
CA PRO E 54 -5.70 -44.30 -23.51
C PRO E 54 -5.29 -42.84 -23.67
N GLU E 55 -6.24 -41.89 -23.65
CA GLU E 55 -5.93 -40.53 -24.10
C GLU E 55 -4.84 -39.85 -23.27
N PHE E 56 -4.64 -40.30 -22.03
CA PHE E 56 -3.56 -39.79 -21.21
C PHE E 56 -2.20 -40.29 -21.71
N CYS E 57 -2.14 -41.53 -22.20
CA CYS E 57 -0.86 -42.21 -22.47
C CYS E 57 -0.36 -41.90 -23.89
N ARG E 58 -1.30 -41.69 -24.82
CA ARG E 58 -1.07 -41.00 -26.09
C ARG E 58 -0.38 -39.65 -25.89
N PHE E 59 -0.68 -39.00 -24.76
CA PHE E 59 -0.25 -37.65 -24.45
C PHE E 59 1.16 -37.63 -23.85
N ILE E 60 1.44 -38.59 -22.96
CA ILE E 60 2.77 -38.73 -22.39
C ILE E 60 3.78 -38.84 -23.52
N LYS E 61 3.44 -39.58 -24.58
CA LYS E 61 4.33 -39.83 -25.70
C LYS E 61 4.28 -38.76 -26.79
N GLU E 62 3.32 -37.83 -26.76
CA GLU E 62 3.26 -36.78 -27.80
C GLU E 62 3.77 -35.45 -27.24
N VAL E 63 3.17 -34.96 -26.16
CA VAL E 63 3.32 -33.56 -25.80
C VAL E 63 4.52 -33.38 -24.86
N LEU E 64 4.78 -34.39 -24.02
CA LEU E 64 5.88 -34.32 -23.08
C LEU E 64 7.21 -34.37 -23.84
N PRO E 65 7.44 -35.36 -24.73
CA PRO E 65 8.69 -35.43 -25.49
C PRO E 65 9.01 -34.13 -26.21
N LYS E 66 7.98 -33.53 -26.80
CA LYS E 66 8.20 -32.35 -27.62
C LYS E 66 8.63 -31.17 -26.75
N GLU E 67 8.29 -31.19 -25.44
CA GLU E 67 8.71 -30.11 -24.56
C GLU E 67 10.15 -30.37 -24.11
N GLY E 68 10.33 -31.48 -23.41
CA GLY E 68 11.60 -31.81 -22.79
C GLY E 68 11.41 -32.08 -21.30
N VAL E 69 10.26 -32.68 -20.97
CA VAL E 69 10.12 -33.47 -19.76
C VAL E 69 11.15 -34.60 -19.85
N ASN E 70 11.89 -34.84 -18.76
CA ASN E 70 12.51 -36.13 -18.56
C ASN E 70 11.81 -36.81 -17.36
N THR E 71 11.29 -36.02 -16.42
CA THR E 71 10.74 -36.60 -15.20
C THR E 71 9.22 -36.37 -15.12
N LEU E 72 8.45 -37.45 -14.91
CA LEU E 72 7.00 -37.33 -14.70
C LEU E 72 6.65 -37.97 -13.37
N VAL E 73 6.10 -37.16 -12.46
CA VAL E 73 5.50 -37.64 -11.22
C VAL E 73 3.99 -37.59 -11.38
N LEU E 74 3.32 -38.68 -10.95
CA LEU E 74 1.89 -38.86 -11.09
C LEU E 74 1.26 -38.93 -9.69
N ARG E 75 0.08 -38.30 -9.56
CA ARG E 75 -0.63 -38.18 -8.30
C ARG E 75 -1.65 -39.33 -8.16
N ILE E 76 -1.23 -40.42 -7.50
CA ILE E 76 -1.98 -41.66 -7.56
C ILE E 76 -2.85 -41.81 -6.32
N ARG E 77 -2.23 -42.20 -5.20
CA ARG E 77 -2.78 -42.06 -3.87
C ARG E 77 -3.69 -43.26 -3.57
N TYR E 78 -5.00 -43.03 -3.49
CA TYR E 78 -5.93 -44.12 -3.28
C TYR E 78 -6.59 -44.48 -4.61
N ASN E 79 -6.24 -43.78 -5.70
CA ASN E 79 -6.86 -44.06 -6.98
C ASN E 79 -6.12 -45.16 -7.75
N TYR E 80 -5.85 -46.29 -7.08
CA TYR E 80 -5.36 -47.54 -7.66
C TYR E 80 -6.01 -48.72 -6.93
N LYS E 81 -6.33 -49.79 -7.65
CA LYS E 81 -6.92 -50.98 -7.05
C LYS E 81 -5.85 -51.75 -6.27
N PHE E 82 -5.60 -51.33 -5.02
CA PHE E 82 -4.73 -52.05 -4.10
C PHE E 82 -5.41 -53.35 -3.68
N LYS E 83 -4.69 -54.47 -3.82
CA LYS E 83 -5.17 -55.80 -3.48
C LYS E 83 -4.57 -56.21 -2.15
N SER E 84 -3.63 -55.36 -1.68
CA SER E 84 -3.07 -55.40 -0.35
C SER E 84 -4.04 -54.76 0.62
N HIS E 85 -4.90 -53.90 0.05
CA HIS E 85 -6.09 -53.40 0.69
C HIS E 85 -7.06 -53.05 -0.43
N PRO E 86 -7.96 -53.96 -0.83
CA PRO E 86 -9.00 -53.64 -1.80
C PRO E 86 -9.77 -52.38 -1.43
N GLU E 87 -10.17 -52.31 -0.16
CA GLU E 87 -11.27 -51.43 0.24
C GLU E 87 -10.81 -49.98 0.37
N LEU E 88 -9.51 -49.69 0.24
CA LEU E 88 -9.01 -48.34 0.48
C LEU E 88 -8.75 -47.59 -0.82
N ALA E 89 -9.13 -48.17 -1.97
CA ALA E 89 -9.05 -47.48 -3.23
C ALA E 89 -10.41 -46.85 -3.56
N GLY E 90 -10.45 -45.51 -3.58
CA GLY E 90 -11.60 -44.77 -4.10
C GLY E 90 -12.28 -45.50 -5.26
N GLU E 91 -13.33 -44.87 -5.81
CA GLU E 91 -14.25 -45.54 -6.71
C GLU E 91 -13.71 -45.55 -8.13
N ARG E 92 -12.96 -44.49 -8.50
CA ARG E 92 -12.56 -44.29 -9.88
C ARG E 92 -11.05 -44.51 -10.04
N ALA E 93 -10.46 -45.17 -9.03
CA ALA E 93 -9.12 -45.75 -9.13
C ALA E 93 -8.93 -46.46 -10.47
N ILE E 94 -7.70 -46.38 -10.99
CA ILE E 94 -7.26 -47.13 -12.16
C ILE E 94 -6.70 -48.47 -11.67
N SER E 95 -6.07 -49.26 -12.56
CA SER E 95 -5.79 -50.66 -12.30
C SER E 95 -4.31 -50.99 -12.39
N GLU E 96 -3.97 -52.20 -11.92
CA GLU E 96 -2.62 -52.69 -12.07
C GLU E 96 -2.28 -52.69 -13.57
N GLN E 97 -3.24 -53.16 -14.39
CA GLN E 97 -3.13 -53.15 -15.84
C GLN E 97 -2.90 -51.76 -16.44
N GLN E 98 -3.50 -50.73 -15.81
CA GLN E 98 -3.68 -49.42 -16.44
C GLN E 98 -2.49 -48.48 -16.13
N LEU E 99 -1.54 -48.96 -15.31
CA LEU E 99 -0.49 -48.09 -14.81
C LEU E 99 0.88 -48.52 -15.34
N LYS E 100 1.13 -49.84 -15.43
CA LYS E 100 2.25 -50.35 -16.21
C LYS E 100 2.19 -49.79 -17.62
N GLN E 101 1.02 -49.88 -18.24
CA GLN E 101 0.78 -49.32 -19.55
C GLN E 101 1.43 -47.94 -19.66
N ILE E 102 1.16 -47.09 -18.64
CA ILE E 102 1.66 -45.73 -18.54
C ILE E 102 3.14 -45.73 -18.15
N VAL E 103 3.59 -46.75 -17.42
CA VAL E 103 5.01 -46.86 -17.17
C VAL E 103 5.68 -47.21 -18.49
N GLN E 104 5.30 -48.37 -19.05
CA GLN E 104 5.83 -48.84 -20.33
C GLN E 104 5.77 -47.73 -21.36
N THR E 105 4.73 -46.88 -21.28
CA THR E 105 4.71 -45.60 -21.97
C THR E 105 5.88 -44.68 -21.57
N CYS E 106 6.18 -44.58 -20.27
CA CYS E 106 7.16 -43.59 -19.81
C CYS E 106 8.57 -44.03 -20.19
N LYS E 107 9.04 -45.12 -19.57
CA LYS E 107 10.29 -45.80 -19.87
C LYS E 107 10.62 -45.84 -21.37
N GLU E 108 9.59 -45.81 -22.23
CA GLU E 108 9.79 -45.75 -23.67
C GLU E 108 10.28 -44.36 -24.07
N ALA E 109 9.64 -43.32 -23.52
CA ALA E 109 9.86 -41.97 -23.98
C ALA E 109 11.20 -41.45 -23.45
N LYS E 110 11.81 -42.24 -22.53
CA LYS E 110 13.09 -42.05 -21.87
C LYS E 110 12.92 -41.09 -20.68
N ILE E 111 11.68 -41.03 -20.21
CA ILE E 111 11.24 -40.19 -19.12
C ILE E 111 11.17 -41.08 -17.87
N ARG E 112 11.68 -40.58 -16.74
CA ARG E 112 11.61 -41.29 -15.47
C ARG E 112 10.21 -41.12 -14.85
N PHE E 113 9.59 -42.24 -14.39
CA PHE E 113 8.27 -42.20 -13.75
C PHE E 113 8.45 -42.12 -12.24
N ILE E 114 7.62 -41.30 -11.56
CA ILE E 114 7.65 -41.18 -10.11
C ILE E 114 6.22 -41.18 -9.58
N PRO E 115 5.87 -42.08 -8.63
CA PRO E 115 4.52 -42.16 -8.07
C PRO E 115 4.23 -41.46 -6.74
N LYS E 116 3.38 -40.43 -6.80
CA LYS E 116 3.08 -39.60 -5.64
C LYS E 116 1.93 -40.20 -4.83
N MET E 117 2.07 -40.12 -3.49
CA MET E 117 1.02 -40.54 -2.58
C MET E 117 1.22 -39.84 -1.23
N ASN E 118 0.31 -38.90 -0.92
CA ASN E 118 0.30 -38.15 0.33
C ASN E 118 0.05 -39.06 1.52
N LEU E 119 0.91 -38.96 2.54
CA LEU E 119 1.00 -39.99 3.56
C LEU E 119 1.05 -39.38 4.95
N LEU E 120 0.58 -38.13 5.11
CA LEU E 120 0.22 -37.61 6.42
C LEU E 120 -0.65 -36.35 6.35
N GLY E 121 -0.47 -35.52 5.32
CA GLY E 121 -1.41 -34.44 5.02
C GLY E 121 -2.28 -34.77 3.81
N HIS E 122 -3.34 -34.00 3.60
CA HIS E 122 -4.27 -34.17 2.50
C HIS E 122 -5.02 -35.50 2.59
N GLN E 123 -5.63 -35.80 3.74
CA GLN E 123 -6.40 -37.03 3.90
C GLN E 123 -7.89 -36.70 3.88
N SER E 124 -8.24 -35.60 3.18
CA SER E 124 -9.61 -35.22 2.93
C SER E 124 -9.62 -34.19 1.80
N ASP E 125 -10.77 -33.99 1.15
CA ASP E 125 -10.85 -32.95 0.14
C ASP E 125 -12.23 -32.29 0.05
N ARG E 126 -12.50 -31.41 1.01
CA ARG E 126 -13.76 -30.71 1.10
C ARG E 126 -14.49 -31.29 2.30
N ASP E 127 -15.83 -31.36 2.21
CA ASP E 127 -16.60 -32.25 3.06
C ASP E 127 -16.47 -33.66 2.49
N HIS E 128 -15.23 -34.13 2.28
CA HIS E 128 -15.04 -35.43 1.64
C HIS E 128 -13.84 -36.14 2.24
N ILE E 129 -14.09 -37.27 2.93
CA ILE E 129 -13.02 -38.00 3.57
C ILE E 129 -12.49 -39.07 2.61
N ASP E 130 -11.17 -39.31 2.65
CA ASP E 130 -10.48 -40.20 1.72
C ASP E 130 -10.33 -41.58 2.36
N PRO E 131 -10.09 -42.63 1.56
CA PRO E 131 -10.12 -44.02 2.03
C PRO E 131 -9.41 -44.43 3.34
N LEU E 132 -8.25 -43.84 3.60
CA LEU E 132 -7.45 -44.35 4.70
C LEU E 132 -8.01 -43.88 6.03
N LEU E 133 -8.79 -42.80 6.02
CA LEU E 133 -9.56 -42.42 7.21
C LEU E 133 -11.04 -42.73 7.00
N ALA E 134 -11.45 -42.97 5.74
CA ALA E 134 -12.81 -43.41 5.42
C ALA E 134 -13.13 -44.72 6.14
N LYS E 135 -12.37 -45.78 5.84
CA LYS E 135 -12.66 -47.13 6.34
C LYS E 135 -11.98 -47.39 7.69
N TYR E 136 -10.79 -46.81 7.91
CA TYR E 136 -10.03 -47.06 9.13
C TYR E 136 -9.93 -45.75 9.91
N PRO E 137 -10.75 -45.55 10.96
CA PRO E 137 -11.02 -44.22 11.52
C PRO E 137 -10.43 -43.87 12.89
N GLN E 138 -9.51 -44.72 13.37
CA GLN E 138 -8.81 -44.47 14.61
C GLN E 138 -7.42 -43.96 14.25
N PHE E 139 -7.32 -43.49 13.00
CA PHE E 139 -6.05 -43.19 12.36
C PHE E 139 -5.92 -41.72 11.99
N ASP E 140 -7.05 -41.05 11.76
CA ASP E 140 -7.08 -39.61 11.65
C ASP E 140 -6.59 -39.09 13.00
N GLU E 141 -5.96 -37.91 13.01
CA GLU E 141 -5.35 -37.40 14.23
C GLU E 141 -6.43 -36.80 15.13
N SER E 142 -7.29 -35.95 14.57
CA SER E 142 -8.11 -35.03 15.36
C SER E 142 -9.59 -35.41 15.32
N PRO E 143 -10.21 -35.72 16.48
CA PRO E 143 -11.57 -36.26 16.52
C PRO E 143 -12.61 -35.25 16.05
N ASP E 144 -12.67 -34.14 16.80
CA ASP E 144 -13.73 -33.17 16.74
C ASP E 144 -13.25 -31.96 15.96
N TYR E 145 -12.06 -32.11 15.36
CA TYR E 145 -11.64 -31.23 14.27
C TYR E 145 -12.10 -31.87 12.96
N ASN E 146 -12.88 -31.10 12.20
CA ASN E 146 -13.63 -31.63 11.07
C ASN E 146 -13.66 -30.60 9.95
N PRO E 147 -14.01 -31.01 8.72
CA PRO E 147 -14.40 -30.09 7.64
C PRO E 147 -15.88 -29.66 7.61
N PRO E 148 -16.18 -28.34 7.61
CA PRO E 148 -17.53 -27.87 7.92
C PRO E 148 -18.43 -27.98 6.68
N VAL E 149 -19.69 -28.41 6.89
CA VAL E 149 -20.62 -28.65 5.80
C VAL E 149 -21.68 -27.54 5.84
N PRO E 150 -21.91 -26.81 4.72
CA PRO E 150 -21.23 -27.07 3.46
C PRO E 150 -19.75 -26.68 3.55
N TRP E 151 -18.88 -27.27 2.72
CA TRP E 151 -17.46 -26.98 2.84
C TRP E 151 -17.18 -25.53 2.46
N LYS E 152 -16.68 -24.79 3.48
CA LYS E 152 -16.54 -23.34 3.44
C LYS E 152 -15.05 -23.01 3.42
N ASP E 153 -14.74 -21.71 3.57
CA ASP E 153 -13.45 -21.25 4.06
C ASP E 153 -13.75 -20.03 4.94
N ALA E 154 -13.08 -19.87 6.08
CA ALA E 154 -13.40 -18.79 7.02
C ALA E 154 -12.14 -18.16 7.63
N GLY E 155 -11.22 -17.72 6.76
CA GLY E 155 -10.04 -16.97 7.18
C GLY E 155 -8.72 -17.67 6.83
N PRO E 156 -7.57 -17.01 7.11
CA PRO E 156 -6.26 -17.65 6.94
C PRO E 156 -6.24 -18.94 7.77
N PHE E 157 -6.22 -18.80 9.10
CA PHE E 157 -6.26 -19.93 10.01
C PHE E 157 -7.70 -20.45 10.09
N ASP E 158 -7.84 -21.77 9.89
CA ASP E 158 -9.11 -22.46 9.72
C ASP E 158 -8.81 -23.93 9.43
N PHE E 159 -9.84 -24.77 9.26
CA PHE E 159 -9.63 -26.20 8.98
C PHE E 159 -9.31 -26.44 7.51
N TYR E 160 -8.20 -27.14 7.22
CA TYR E 160 -7.84 -27.40 5.83
C TYR E 160 -8.37 -28.77 5.40
N CYS E 161 -7.60 -29.83 5.67
CA CYS E 161 -8.05 -31.21 5.51
C CYS E 161 -7.41 -32.07 6.59
N LYS E 162 -7.77 -33.36 6.64
CA LYS E 162 -7.47 -34.25 7.77
C LYS E 162 -6.06 -34.82 7.67
N SER E 163 -5.43 -35.13 8.83
CA SER E 163 -4.12 -35.77 8.93
C SER E 163 -4.23 -37.21 9.45
N LEU E 164 -3.39 -38.12 8.90
CA LEU E 164 -3.16 -39.43 9.48
C LEU E 164 -2.38 -39.26 10.78
N CYS E 165 -2.73 -40.03 11.81
CA CYS E 165 -2.01 -39.98 13.07
C CYS E 165 -0.62 -40.57 12.94
N PRO E 166 0.45 -39.80 13.24
CA PRO E 166 1.83 -40.29 13.18
C PRO E 166 2.22 -41.59 13.87
N SER E 167 1.61 -41.90 15.02
CA SER E 167 2.21 -42.84 15.97
C SER E 167 1.20 -43.84 16.53
N HIS E 168 0.08 -44.05 15.82
CA HIS E 168 -0.62 -45.31 15.90
C HIS E 168 0.40 -46.39 15.55
N PRO E 169 0.39 -47.55 16.25
CA PRO E 169 1.32 -48.63 15.92
C PRO E 169 0.93 -49.50 14.72
N ASP E 170 -0.21 -49.17 14.08
CA ASP E 170 -0.84 -50.01 13.08
C ASP E 170 -1.12 -49.25 11.79
N LEU E 171 -0.35 -48.19 11.55
CA LEU E 171 -0.50 -47.45 10.31
C LEU E 171 0.48 -48.03 9.28
N LEU E 172 1.72 -48.29 9.68
CA LEU E 172 2.78 -48.59 8.71
C LEU E 172 2.67 -50.01 8.14
N LYS E 173 2.09 -50.96 8.88
CA LYS E 173 1.73 -52.25 8.28
C LYS E 173 0.55 -52.08 7.31
N THR E 174 -0.16 -50.95 7.42
CA THR E 174 -1.21 -50.59 6.48
C THR E 174 -0.67 -49.61 5.43
N ILE E 175 0.27 -48.72 5.79
CA ILE E 175 0.82 -47.73 4.87
C ILE E 175 1.79 -48.39 3.87
N PHE E 176 2.68 -49.23 4.37
CA PHE E 176 3.73 -49.77 3.51
C PHE E 176 3.02 -50.56 2.42
N PRO E 177 2.37 -51.72 2.70
CA PRO E 177 1.64 -52.42 1.64
C PRO E 177 1.10 -51.45 0.60
N LEU E 178 0.33 -50.43 1.04
CA LEU E 178 -0.35 -49.50 0.14
C LEU E 178 0.66 -48.90 -0.85
N MET E 179 1.73 -48.32 -0.32
CA MET E 179 2.76 -47.74 -1.17
C MET E 179 3.52 -48.82 -1.93
N ASP E 180 3.57 -50.05 -1.37
CA ASP E 180 4.38 -51.13 -1.95
C ASP E 180 3.80 -51.60 -3.27
N GLU E 181 2.59 -51.15 -3.61
CA GLU E 181 1.96 -51.55 -4.86
C GLU E 181 2.28 -50.52 -5.95
N LEU E 182 2.98 -49.42 -5.60
CA LEU E 182 3.37 -48.39 -6.56
C LEU E 182 4.83 -48.54 -6.99
N ILE E 183 5.51 -49.63 -6.60
CA ILE E 183 6.96 -49.77 -6.79
C ILE E 183 7.27 -51.12 -7.44
N ASP E 184 6.43 -52.12 -7.13
CA ASP E 184 6.40 -53.40 -7.80
C ASP E 184 5.73 -53.21 -9.17
N VAL E 185 4.48 -52.75 -9.09
CA VAL E 185 3.64 -52.50 -10.25
C VAL E 185 4.36 -51.55 -11.20
N CYS E 186 5.09 -50.56 -10.63
CA CYS E 186 5.65 -49.44 -11.37
C CYS E 186 7.15 -49.57 -11.63
N GLY E 187 7.89 -50.32 -10.79
CA GLY E 187 9.34 -50.40 -10.89
C GLY E 187 9.97 -49.02 -10.71
N ALA E 188 9.71 -48.44 -9.54
CA ALA E 188 10.04 -47.05 -9.26
C ALA E 188 11.38 -46.95 -8.56
N ASP E 189 12.17 -45.92 -8.91
CA ASP E 189 13.34 -45.53 -8.13
C ASP E 189 13.06 -44.22 -7.41
N ALA E 190 11.83 -44.07 -6.90
CA ALA E 190 11.49 -42.95 -6.05
C ALA E 190 9.98 -42.74 -5.99
N PHE E 191 9.55 -41.99 -4.96
CA PHE E 191 8.16 -41.92 -4.56
C PHE E 191 7.90 -40.58 -3.85
N HIS E 192 6.91 -39.80 -4.32
CA HIS E 192 6.58 -38.53 -3.69
C HIS E 192 5.49 -38.70 -2.63
N VAL E 193 5.93 -38.75 -1.37
CA VAL E 193 5.08 -39.10 -0.24
C VAL E 193 4.36 -37.87 0.30
N GLY E 194 4.50 -36.72 -0.39
CA GLY E 194 3.87 -35.46 -0.01
C GLY E 194 4.42 -34.88 1.30
N LEU E 195 3.62 -35.05 2.37
CA LEU E 195 3.79 -34.44 3.69
C LEU E 195 3.63 -32.92 3.63
N ASP E 196 2.63 -32.42 2.89
CA ASP E 196 2.44 -30.98 2.71
C ASP E 196 1.24 -30.44 3.49
N GLU E 197 1.35 -29.15 3.88
CA GLU E 197 0.27 -28.38 4.47
C GLU E 197 -0.34 -29.10 5.69
N VAL E 198 0.44 -29.93 6.41
CA VAL E 198 -0.13 -30.83 7.42
C VAL E 198 -0.56 -30.06 8.66
N TRP E 199 -1.76 -29.49 8.62
CA TRP E 199 -2.17 -28.55 9.66
C TRP E 199 -2.40 -29.26 10.97
N ILE E 200 -2.82 -30.53 10.88
CA ILE E 200 -3.14 -31.28 12.07
C ILE E 200 -1.98 -32.25 12.37
N LEU E 201 -1.27 -31.94 13.45
CA LEU E 201 0.00 -32.59 13.76
C LEU E 201 0.40 -32.17 15.17
N GLY E 202 0.18 -33.06 16.15
CA GLY E 202 0.33 -32.74 17.56
C GLY E 202 -0.91 -32.03 18.12
N TYR E 203 -2.02 -32.14 17.39
CA TYR E 203 -3.29 -31.55 17.80
C TYR E 203 -3.54 -31.89 19.27
N GLU E 204 -4.19 -30.96 19.96
CA GLU E 204 -4.35 -30.96 21.40
C GLU E 204 -4.65 -32.37 21.92
N LYS E 205 -5.86 -32.88 21.64
CA LYS E 205 -6.35 -34.11 22.24
C LYS E 205 -5.50 -35.30 21.83
N CYS E 206 -5.65 -35.78 20.57
CA CYS E 206 -5.02 -37.00 20.09
C CYS E 206 -4.12 -37.61 21.16
N PRO E 207 -4.65 -38.42 22.10
CA PRO E 207 -3.88 -38.83 23.28
C PRO E 207 -2.47 -39.38 23.06
N ARG E 208 -2.03 -39.56 21.81
CA ARG E 208 -0.72 -40.14 21.60
C ARG E 208 0.24 -39.11 21.04
N CYS E 209 -0.25 -38.22 20.16
CA CYS E 209 0.58 -37.16 19.62
C CYS E 209 0.54 -35.92 20.54
N GLY E 210 -0.47 -35.83 21.43
CA GLY E 210 -0.70 -34.59 22.17
C GLY E 210 0.46 -34.22 23.09
N GLY E 211 0.74 -32.92 23.22
CA GLY E 211 1.79 -32.42 24.10
C GLY E 211 3.18 -32.94 23.72
N ARG E 212 3.35 -33.31 22.44
CA ARG E 212 4.64 -33.57 21.86
C ARG E 212 5.00 -32.49 20.83
N ASP E 213 6.31 -32.19 20.72
CA ASP E 213 6.82 -31.22 19.77
C ASP E 213 6.83 -31.80 18.35
N LYS E 214 6.20 -31.05 17.45
CA LYS E 214 5.66 -31.60 16.22
C LYS E 214 6.70 -31.60 15.11
N ALA E 215 7.91 -31.06 15.39
CA ALA E 215 9.02 -31.06 14.45
C ALA E 215 9.81 -32.34 14.60
N ALA E 216 10.09 -32.70 15.86
CA ALA E 216 10.50 -34.04 16.22
C ALA E 216 9.57 -35.02 15.52
N LEU E 217 8.29 -34.96 15.87
CA LEU E 217 7.30 -35.94 15.45
C LEU E 217 7.46 -36.16 13.96
N PHE E 218 7.21 -35.07 13.24
CA PHE E 218 7.17 -35.05 11.78
C PHE E 218 8.41 -35.71 11.20
N ALA E 219 9.58 -35.33 11.74
CA ALA E 219 10.87 -35.80 11.23
C ALA E 219 11.07 -37.27 11.59
N GLU E 220 10.23 -37.77 12.49
CA GLU E 220 10.31 -39.16 12.89
C GLU E 220 9.61 -39.99 11.81
N TYR E 221 8.27 -39.86 11.78
CA TYR E 221 7.41 -40.54 10.82
C TYR E 221 7.95 -40.38 9.41
N ALA E 222 8.49 -39.20 9.11
CA ALA E 222 9.26 -39.04 7.89
C ALA E 222 10.42 -40.03 7.93
N THR E 223 11.43 -39.77 8.77
CA THR E 223 12.58 -40.68 8.82
C THR E 223 12.09 -42.13 8.62
N LYS E 224 11.00 -42.51 9.29
CA LYS E 224 10.44 -43.85 9.14
C LYS E 224 10.17 -44.09 7.65
N LEU E 225 9.11 -43.44 7.14
CA LEU E 225 8.72 -43.56 5.75
C LEU E 225 9.96 -43.56 4.86
N HIS E 226 10.79 -42.52 4.98
CA HIS E 226 12.05 -42.43 4.25
C HIS E 226 12.76 -43.77 4.23
N ASP E 227 12.99 -44.31 5.44
CA ASP E 227 13.84 -45.46 5.65
C ASP E 227 13.20 -46.74 5.08
N HIS E 228 11.90 -46.66 4.78
CA HIS E 228 11.26 -47.68 3.97
C HIS E 228 11.77 -47.56 2.54
N LEU E 229 11.45 -46.46 1.85
CA LEU E 229 11.74 -46.40 0.43
C LEU E 229 13.23 -46.59 0.22
N LYS E 230 14.00 -46.46 1.31
CA LYS E 230 15.41 -46.78 1.27
C LYS E 230 15.59 -48.31 1.25
N GLU E 231 14.62 -49.04 1.82
CA GLU E 231 14.54 -50.49 1.68
C GLU E 231 13.63 -50.89 0.50
N LYS E 232 13.24 -49.91 -0.34
CA LYS E 232 12.60 -50.18 -1.62
C LYS E 232 13.56 -49.86 -2.75
N LYS E 233 14.80 -49.47 -2.40
CA LYS E 233 15.78 -49.02 -3.37
C LYS E 233 15.17 -47.85 -4.13
N CYS E 234 14.65 -46.91 -3.35
CA CYS E 234 13.88 -45.82 -3.91
C CYS E 234 14.14 -44.56 -3.10
N GLN E 235 14.56 -43.51 -3.83
CA GLN E 235 14.76 -42.21 -3.23
C GLN E 235 13.41 -41.52 -3.03
N MET E 236 13.36 -40.67 -2.01
CA MET E 236 12.10 -40.17 -1.48
C MET E 236 11.94 -38.72 -1.89
N TRP E 237 10.69 -38.34 -2.15
CA TRP E 237 10.35 -37.00 -2.61
C TRP E 237 9.31 -36.38 -1.69
N MET E 238 9.41 -35.06 -1.43
CA MET E 238 8.53 -34.45 -0.46
C MET E 238 8.79 -32.94 -0.31
N TRP E 239 7.75 -32.22 0.11
CA TRP E 239 7.58 -30.80 -0.19
C TRP E 239 8.40 -29.95 0.79
N SER E 240 8.37 -28.63 0.58
CA SER E 240 9.11 -27.72 1.44
C SER E 240 8.29 -27.26 2.65
N ASP E 241 7.03 -26.97 2.44
CA ASP E 241 6.31 -26.00 3.26
C ASP E 241 6.19 -26.43 4.72
N ARG E 242 6.46 -27.71 5.00
CA ARG E 242 6.37 -28.26 6.35
C ARG E 242 7.72 -28.18 7.05
N LEU E 243 8.56 -27.23 6.59
CA LEU E 243 10.00 -27.22 6.79
C LEU E 243 10.53 -25.79 6.81
N ILE E 244 9.62 -24.80 6.76
CA ILE E 244 9.95 -23.39 6.61
C ILE E 244 9.17 -22.62 7.68
N ASP E 245 9.74 -21.51 8.15
CA ASP E 245 9.14 -20.68 9.18
C ASP E 245 8.37 -19.53 8.54
N GLY E 246 7.03 -19.67 8.54
CA GLY E 246 6.14 -18.87 7.71
C GLY E 246 5.94 -17.45 8.22
N LYS E 247 6.45 -17.17 9.43
CA LYS E 247 6.35 -15.84 10.01
C LYS E 247 7.57 -14.99 9.63
N THR E 248 8.76 -15.59 9.64
CA THR E 248 10.00 -14.86 9.42
C THR E 248 10.38 -14.85 7.95
N THR E 249 9.65 -15.65 7.16
CA THR E 249 9.58 -15.50 5.73
C THR E 249 8.40 -14.56 5.42
N ASN E 250 7.37 -14.65 6.28
CA ASN E 250 6.00 -14.26 6.02
C ASN E 250 5.54 -14.72 4.64
N LEU E 251 5.82 -16.00 4.36
CA LEU E 251 5.19 -16.75 3.28
C LEU E 251 4.04 -17.58 3.85
N LEU E 252 3.45 -17.09 4.96
CA LEU E 252 2.24 -17.63 5.60
C LEU E 252 2.30 -19.15 5.83
N GLY E 253 1.14 -19.78 5.99
CA GLY E 253 1.04 -21.03 6.75
C GLY E 253 0.52 -22.24 5.97
N TRP E 254 0.42 -22.14 4.64
CA TRP E 254 0.28 -23.31 3.79
C TRP E 254 1.56 -23.43 2.97
N GLN E 255 2.04 -22.30 2.42
CA GLN E 255 3.38 -22.25 1.83
C GLN E 255 4.45 -22.53 2.88
N ALA E 256 4.15 -22.22 4.14
CA ALA E 256 5.02 -22.61 5.23
C ALA E 256 4.25 -23.37 6.30
N SER E 257 4.79 -23.26 7.52
CA SER E 257 4.21 -23.85 8.70
C SER E 257 4.13 -22.76 9.76
N MET E 258 3.04 -22.83 10.52
CA MET E 258 2.64 -21.88 11.54
C MET E 258 2.03 -22.63 12.72
N ASN E 259 2.47 -23.89 12.92
CA ASN E 259 1.85 -24.79 13.90
C ASN E 259 2.93 -25.54 14.67
N ALA E 260 3.94 -26.06 13.93
CA ALA E 260 5.22 -26.54 14.45
C ALA E 260 5.67 -27.77 13.66
N THR E 261 6.81 -27.67 12.97
CA THR E 261 7.16 -28.58 11.89
C THR E 261 8.54 -28.27 11.30
N PHE E 262 8.75 -26.99 11.03
CA PHE E 262 9.74 -26.53 10.08
C PHE E 262 11.16 -26.68 10.63
N ARG E 263 11.24 -27.27 11.82
CA ARG E 263 12.49 -27.60 12.46
C ARG E 263 12.97 -28.97 12.00
N ALA E 264 12.06 -29.75 11.42
CA ALA E 264 12.42 -31.08 10.98
C ALA E 264 13.57 -31.01 9.98
N ILE E 265 13.82 -29.81 9.43
CA ILE E 265 14.58 -29.65 8.19
C ILE E 265 15.93 -30.37 8.24
N ASP E 266 16.57 -30.41 9.41
CA ASP E 266 17.85 -31.09 9.52
C ASP E 266 17.68 -32.23 10.52
N LEU E 267 16.42 -32.61 10.73
CA LEU E 267 16.05 -33.71 11.60
C LEU E 267 15.78 -34.92 10.71
N ILE E 268 16.25 -34.86 9.47
CA ILE E 268 15.90 -35.87 8.49
C ILE E 268 17.11 -36.25 7.65
N PRO E 269 17.04 -37.38 6.91
CA PRO E 269 18.07 -37.75 5.96
C PRO E 269 18.14 -36.75 4.81
N THR E 270 19.36 -36.41 4.40
CA THR E 270 19.60 -35.32 3.46
C THR E 270 19.55 -35.82 2.02
N ASP E 271 19.15 -37.08 1.79
CA ASP E 271 19.17 -37.65 0.44
C ASP E 271 17.80 -37.48 -0.19
N ILE E 272 16.85 -36.99 0.63
CA ILE E 272 15.50 -36.60 0.28
C ILE E 272 15.54 -35.42 -0.69
N MET E 273 14.75 -35.52 -1.76
CA MET E 273 14.48 -34.38 -2.62
C MET E 273 13.60 -33.41 -1.84
N ILE E 274 13.59 -32.14 -2.26
CA ILE E 274 12.75 -31.15 -1.62
C ILE E 274 12.08 -30.32 -2.71
N CYS E 275 10.86 -30.70 -3.09
CA CYS E 275 10.14 -30.01 -4.16
C CYS E 275 9.53 -28.70 -3.66
N ASP E 276 10.24 -27.57 -3.89
CA ASP E 276 10.06 -26.32 -3.14
C ASP E 276 9.10 -25.37 -3.86
N TRP E 277 7.79 -25.68 -3.78
CA TRP E 277 6.73 -25.06 -4.57
C TRP E 277 6.34 -23.67 -4.03
N LYS E 278 6.37 -22.66 -4.92
CA LYS E 278 6.22 -21.26 -4.56
C LYS E 278 5.70 -20.46 -5.75
N TYR E 279 4.39 -20.14 -5.75
CA TYR E 279 3.67 -19.86 -7.00
C TYR E 279 3.30 -18.39 -7.18
N GLU E 280 3.02 -17.67 -6.09
CA GLU E 280 2.75 -16.25 -6.21
C GLU E 280 4.06 -15.46 -6.37
N SER E 281 5.18 -16.01 -5.87
CA SER E 281 6.38 -15.21 -5.63
C SER E 281 7.66 -15.97 -6.02
N ALA E 282 8.84 -15.35 -5.80
CA ALA E 282 10.13 -16.00 -6.00
C ALA E 282 11.08 -15.71 -4.83
N PRO E 283 10.85 -16.35 -3.64
CA PRO E 283 11.75 -16.26 -2.50
C PRO E 283 13.03 -17.10 -2.52
N PRO E 284 14.15 -16.57 -1.99
CA PRO E 284 15.33 -17.40 -1.73
C PRO E 284 15.06 -18.73 -1.02
N THR E 285 13.99 -19.44 -1.41
CA THR E 285 13.58 -20.65 -0.72
C THR E 285 14.36 -21.86 -1.26
N PRO E 286 14.99 -21.81 -2.46
CA PRO E 286 15.82 -22.92 -2.92
C PRO E 286 17.32 -22.65 -2.89
N GLY E 287 17.72 -21.60 -2.18
CA GLY E 287 19.10 -21.46 -1.75
C GLY E 287 19.23 -21.83 -0.29
N TYR E 288 18.09 -22.18 0.33
CA TYR E 288 18.00 -22.49 1.75
C TYR E 288 18.03 -24.01 1.90
N PHE E 289 17.72 -24.71 0.80
CA PHE E 289 17.87 -26.15 0.75
C PHE E 289 19.27 -26.44 0.23
N ALA E 290 19.66 -25.76 -0.85
CA ALA E 290 21.02 -25.93 -1.33
C ALA E 290 21.95 -25.80 -0.13
N ILE E 291 21.47 -25.12 0.92
CA ILE E 291 22.33 -24.74 2.03
C ILE E 291 22.34 -25.84 3.09
N LYS E 292 21.34 -26.72 3.09
CA LYS E 292 21.12 -27.64 4.20
C LYS E 292 21.51 -29.10 3.91
N GLY E 293 21.77 -29.47 2.65
CA GLY E 293 22.05 -30.86 2.30
C GLY E 293 21.16 -31.37 1.16
N PHE E 294 20.22 -30.54 0.72
CA PHE E 294 19.09 -31.02 -0.04
C PHE E 294 19.26 -30.69 -1.51
N ASN E 295 19.17 -31.73 -2.37
CA ASN E 295 18.71 -31.57 -3.74
C ASN E 295 17.26 -31.10 -3.59
N VAL E 296 16.73 -30.42 -4.61
CA VAL E 296 15.59 -29.55 -4.44
C VAL E 296 15.11 -29.12 -5.83
N LEU E 297 13.83 -28.78 -5.92
CA LEU E 297 13.36 -28.18 -7.14
C LEU E 297 12.42 -27.04 -6.76
N PRO E 298 12.73 -25.79 -7.19
CA PRO E 298 11.69 -24.77 -7.37
C PRO E 298 10.66 -25.34 -8.32
N SER E 299 9.40 -25.31 -7.86
CA SER E 299 8.28 -25.86 -8.59
C SER E 299 7.24 -24.76 -8.86
N SER E 300 6.68 -24.85 -10.07
CA SER E 300 5.98 -23.76 -10.69
C SER E 300 4.53 -24.18 -10.90
N CYS E 301 3.61 -23.24 -10.66
CA CYS E 301 2.18 -23.44 -10.86
C CYS E 301 1.59 -22.16 -11.46
N SER E 302 0.70 -21.50 -10.72
CA SER E 302 -0.08 -20.40 -11.26
C SER E 302 0.78 -19.49 -12.12
N ASN E 303 1.84 -18.96 -11.50
CA ASN E 303 2.46 -17.74 -11.97
C ASN E 303 3.63 -18.08 -12.88
N SER E 304 3.41 -17.87 -14.18
CA SER E 304 4.47 -17.92 -15.17
C SER E 304 5.59 -16.95 -14.79
N GLU E 305 5.29 -15.63 -14.81
CA GLU E 305 6.29 -14.58 -14.59
C GLU E 305 7.15 -14.91 -13.38
N VAL E 306 6.62 -15.77 -12.50
CA VAL E 306 7.33 -16.26 -11.33
C VAL E 306 7.97 -17.60 -11.65
N ALA E 307 7.22 -18.47 -12.35
CA ALA E 307 7.68 -19.80 -12.71
C ALA E 307 8.88 -19.70 -13.64
N LEU E 308 8.78 -18.80 -14.63
CA LEU E 308 9.90 -18.39 -15.43
C LEU E 308 11.02 -17.92 -14.51
N ALA E 309 10.82 -16.77 -13.84
CA ALA E 309 11.86 -16.16 -13.03
C ALA E 309 12.52 -17.18 -12.09
N GLN E 310 11.75 -18.15 -11.60
CA GLN E 310 12.24 -19.19 -10.70
C GLN E 310 13.17 -20.13 -11.47
N LEU E 311 12.88 -20.41 -12.74
CA LEU E 311 13.84 -21.11 -13.58
C LEU E 311 15.17 -20.33 -13.59
N ALA E 312 15.08 -18.99 -13.65
CA ALA E 312 16.24 -18.10 -13.65
C ALA E 312 17.08 -18.21 -12.38
N GLN E 313 16.50 -18.72 -11.29
CA GLN E 313 17.25 -19.00 -10.08
C GLN E 313 18.13 -20.24 -10.25
N VAL E 314 17.85 -21.08 -11.28
CA VAL E 314 18.42 -22.40 -11.40
C VAL E 314 19.58 -22.38 -12.40
N ARG E 315 19.43 -21.67 -13.53
CA ARG E 315 20.59 -21.45 -14.39
C ARG E 315 21.69 -20.82 -13.55
N LEU E 316 21.31 -19.79 -12.76
CA LEU E 316 22.20 -18.85 -12.11
C LEU E 316 23.02 -19.53 -11.02
N ALA E 317 22.36 -20.40 -10.24
CA ALA E 317 23.03 -21.21 -9.23
C ALA E 317 23.66 -22.43 -9.86
N ARG E 318 24.01 -22.33 -11.15
CA ARG E 318 24.75 -23.35 -11.88
C ARG E 318 25.88 -22.68 -12.67
N LYS E 319 25.61 -21.50 -13.24
CA LYS E 319 26.65 -20.59 -13.67
C LYS E 319 27.68 -20.32 -12.55
N ASP E 320 27.22 -20.30 -11.29
CA ASP E 320 28.12 -20.08 -10.18
C ASP E 320 29.08 -21.27 -10.11
N GLY E 321 28.52 -22.47 -10.36
CA GLY E 321 29.27 -23.71 -10.36
C GLY E 321 30.67 -23.59 -10.94
N THR E 322 30.84 -22.72 -11.95
CA THR E 322 32.05 -22.72 -12.76
C THR E 322 33.17 -21.83 -12.19
N ARG E 323 32.88 -20.99 -11.19
CA ARG E 323 33.77 -19.87 -10.89
C ARG E 323 34.86 -20.29 -9.90
N ALA E 324 34.51 -21.23 -9.03
CA ALA E 324 35.47 -21.81 -8.11
C ALA E 324 35.24 -23.32 -7.99
N PRO E 325 36.28 -24.16 -8.19
CA PRO E 325 36.18 -25.61 -8.02
C PRO E 325 35.29 -26.07 -6.86
N TRP E 326 35.29 -25.29 -5.77
CA TRP E 326 34.66 -25.74 -4.53
C TRP E 326 33.17 -25.47 -4.59
N ALA E 327 32.77 -24.52 -5.45
CA ALA E 327 31.44 -23.95 -5.44
C ALA E 327 30.36 -24.94 -5.86
N VAL E 328 30.74 -26.13 -6.33
CA VAL E 328 29.81 -26.96 -7.07
C VAL E 328 28.95 -27.80 -6.14
N THR E 329 29.54 -28.37 -5.09
CA THR E 329 28.75 -28.79 -3.95
C THR E 329 27.40 -28.10 -4.11
N LEU E 330 27.30 -26.84 -3.66
CA LEU E 330 26.05 -26.10 -3.69
C LEU E 330 25.45 -26.10 -5.09
N ALA E 331 26.27 -25.82 -6.11
CA ALA E 331 25.77 -25.75 -7.47
C ALA E 331 24.93 -26.99 -7.80
N GLU E 332 25.47 -28.18 -7.49
CA GLU E 332 24.89 -29.42 -8.00
C GLU E 332 23.45 -29.57 -7.54
N ARG E 333 23.14 -28.98 -6.37
CA ARG E 333 21.98 -29.39 -5.60
C ARG E 333 20.70 -29.09 -6.37
N MET E 334 20.77 -28.10 -7.24
CA MET E 334 19.61 -27.38 -7.75
C MET E 334 19.17 -28.00 -9.07
N GLN E 335 18.76 -29.28 -9.02
CA GLN E 335 18.68 -30.15 -10.20
C GLN E 335 18.00 -29.43 -11.35
N GLY E 336 16.88 -28.77 -11.06
CA GLY E 336 16.17 -27.97 -12.06
C GLY E 336 14.79 -27.51 -11.57
N VAL E 337 13.75 -27.80 -12.36
CA VAL E 337 12.40 -27.33 -12.11
C VAL E 337 11.43 -28.50 -12.13
N PHE E 338 10.13 -28.15 -12.10
CA PHE E 338 9.04 -29.09 -11.92
C PHE E 338 7.75 -28.27 -11.97
N VAL E 339 7.12 -28.25 -13.15
CA VAL E 339 5.86 -27.58 -13.36
C VAL E 339 4.78 -28.42 -12.67
N THR E 340 3.75 -27.78 -12.10
CA THR E 340 2.77 -28.44 -11.27
C THR E 340 1.38 -27.97 -11.67
N MET E 341 0.38 -28.87 -11.55
CA MET E 341 -1.01 -28.59 -11.87
C MET E 341 -1.89 -29.37 -10.89
N TRP E 342 -3.18 -29.00 -10.80
CA TRP E 342 -4.03 -29.49 -9.73
C TRP E 342 -5.48 -29.69 -10.17
N GLU E 343 -5.65 -30.10 -11.44
CA GLU E 343 -6.96 -30.45 -11.96
C GLU E 343 -6.91 -31.85 -12.57
N ASP E 344 -8.07 -32.51 -12.67
CA ASP E 344 -8.32 -33.57 -13.62
C ASP E 344 -7.54 -33.20 -14.87
N SER E 345 -6.57 -34.06 -15.25
CA SER E 345 -5.62 -33.76 -16.29
C SER E 345 -6.29 -33.82 -17.65
N LYS E 346 -7.52 -34.34 -17.66
CA LYS E 346 -8.30 -34.41 -18.89
C LYS E 346 -8.68 -32.99 -19.29
N GLU E 347 -9.07 -32.17 -18.31
CA GLU E 347 -9.37 -30.77 -18.58
C GLU E 347 -8.08 -30.04 -18.97
N PHE E 348 -6.92 -30.58 -18.53
CA PHE E 348 -5.62 -29.96 -18.75
C PHE E 348 -5.14 -30.27 -20.16
N ILE E 349 -5.40 -31.49 -20.62
CA ILE E 349 -5.21 -31.89 -22.01
C ILE E 349 -5.88 -30.89 -22.94
N ASP E 350 -7.18 -30.64 -22.72
CA ASP E 350 -7.97 -29.88 -23.67
C ASP E 350 -7.46 -28.44 -23.84
N ALA E 351 -6.92 -27.86 -22.77
CA ALA E 351 -6.45 -26.47 -22.83
C ALA E 351 -5.02 -26.36 -23.37
N TYR E 352 -4.31 -27.48 -23.54
CA TYR E 352 -3.00 -27.47 -24.22
C TYR E 352 -3.23 -27.39 -25.72
N TYR E 353 -3.98 -28.35 -26.26
CA TYR E 353 -4.32 -28.38 -27.67
C TYR E 353 -5.37 -27.32 -27.99
N GLY E 354 -6.31 -27.11 -27.06
CA GLY E 354 -7.31 -26.04 -27.18
C GLY E 354 -8.65 -26.55 -27.69
N ARG E 355 -8.93 -27.86 -27.48
CA ARG E 355 -10.22 -28.42 -27.82
C ARG E 355 -11.26 -27.69 -26.98
N ASN E 356 -12.25 -27.09 -27.67
CA ASN E 356 -13.16 -26.14 -27.05
C ASN E 356 -12.33 -24.94 -26.57
N GLY E 357 -11.54 -24.36 -27.48
CA GLY E 357 -10.70 -23.20 -27.21
C GLY E 357 -10.44 -22.96 -25.72
N LYS E 358 -9.86 -23.96 -25.04
CA LYS E 358 -9.92 -24.11 -23.59
C LYS E 358 -8.71 -23.45 -22.91
N LYS E 359 -8.91 -22.96 -21.68
CA LYS E 359 -7.89 -22.21 -20.94
C LYS E 359 -7.50 -22.95 -19.65
N LEU E 360 -6.19 -23.02 -19.39
CA LEU E 360 -5.67 -23.49 -18.11
C LEU E 360 -4.27 -22.92 -17.89
N PRO E 361 -4.11 -21.81 -17.12
CA PRO E 361 -2.79 -21.26 -16.77
C PRO E 361 -1.66 -22.30 -16.67
N SER E 362 -2.02 -23.51 -16.18
CA SER E 362 -1.09 -24.58 -15.89
C SER E 362 -0.67 -25.28 -17.17
N ALA E 363 -1.53 -25.19 -18.21
CA ALA E 363 -1.19 -25.56 -19.57
C ALA E 363 -0.18 -24.56 -20.11
N GLU E 364 -0.49 -23.28 -19.89
CA GLU E 364 0.17 -22.14 -20.51
C GLU E 364 1.34 -21.64 -19.68
N THR E 365 1.68 -22.36 -18.61
CA THR E 365 2.96 -22.18 -17.95
C THR E 365 3.87 -23.35 -18.31
N PHE E 366 3.36 -24.57 -18.16
CA PHE E 366 4.07 -25.77 -18.58
C PHE E 366 4.91 -25.40 -19.80
N LYS E 367 4.24 -24.93 -20.87
CA LYS E 367 4.88 -24.60 -22.13
C LYS E 367 5.88 -23.48 -21.91
N ALA E 368 5.36 -22.41 -21.30
CA ALA E 368 6.13 -21.22 -21.02
C ALA E 368 7.53 -21.64 -20.60
N VAL E 369 7.60 -22.50 -19.59
CA VAL E 369 8.87 -22.93 -19.05
C VAL E 369 9.63 -23.66 -20.16
N PHE E 370 8.93 -24.56 -20.86
CA PHE E 370 9.54 -25.44 -21.86
C PHE E 370 9.65 -24.75 -23.22
N ALA E 371 9.36 -23.46 -23.28
CA ALA E 371 9.96 -22.62 -24.31
C ALA E 371 11.29 -22.11 -23.76
N GLN E 372 11.25 -21.51 -22.57
CA GLN E 372 12.46 -20.99 -21.94
C GLN E 372 13.50 -22.10 -21.86
N ILE E 373 13.17 -23.24 -21.22
CA ILE E 373 14.09 -24.36 -21.17
C ILE E 373 14.56 -24.72 -22.59
N ARG E 374 13.61 -24.84 -23.54
CA ARG E 374 13.87 -25.25 -24.91
C ARG E 374 14.77 -24.26 -25.67
N LYS E 375 14.53 -22.97 -25.43
CA LYS E 375 15.17 -21.90 -26.18
C LYS E 375 16.59 -21.64 -25.66
N GLU E 376 17.05 -22.41 -24.66
CA GLU E 376 18.23 -22.03 -23.89
C GLU E 376 19.43 -22.94 -24.16
N GLU E 377 19.27 -24.23 -23.90
CA GLU E 377 20.39 -25.13 -23.65
C GLU E 377 21.10 -25.52 -24.96
N VAL E 378 20.64 -24.99 -26.11
CA VAL E 378 21.29 -25.21 -27.39
C VAL E 378 22.35 -24.15 -27.66
N MET E 379 22.48 -23.15 -26.75
CA MET E 379 23.00 -21.83 -27.09
C MET E 379 24.53 -21.80 -27.17
N ASN E 380 25.22 -21.69 -26.01
CA ASN E 380 26.66 -21.48 -25.92
C ASN E 380 27.37 -22.04 -27.16
ZN ZN F . -29.96 2.71 3.36
ZN ZN G . 12.52 -3.91 6.24
ZN ZN H . -45.97 0.85 -39.09
ZN ZN I . 7.64 22.01 49.96
ZN ZN J . -1.69 -38.63 16.86
#